data_6UBT
#
_entry.id   6UBT
#
_cell.length_a   1.00
_cell.length_b   1.00
_cell.length_c   1.00
_cell.angle_alpha   90.00
_cell.angle_beta   90.00
_cell.angle_gamma   90.00
#
_symmetry.space_group_name_H-M   'P 1'
#
loop_
_entity.id
_entity.type
_entity.pdbx_description
1 polymer 'Glycine receptor subunit alphaZ1'
2 branched 2-acetamido-2-deoxy-beta-D-glucopyranose-(1-4)-2-acetamido-2-deoxy-beta-D-glucopyranose
3 non-polymer GLYCINE
#
_entity_poly.entity_id   1
_entity_poly.type   'polypeptide(L)'
_entity_poly.pdbx_seq_one_letter_code
;MFALGIYLWETIVFFSLAASQQAAARKAASPMPPSEFLDKLMGKVSGYDARIRPNFKGPPVNVTCNIFINSFGSIAETTM
DYRVNIFLRQQWNDPRLAYSEYPDDSLDLDPSMLDSIWKPDLFFANEKGANFHEVTTDNKLLRISKNGNVLYSIRITLVL
ACPMDLKNFPMDVQTCIMQLESFGYTMNDLIFEWDEKGAVQVADGLTLPQFILKEEKDLRYCTKHYNTGKFTCIEARFHL
ERQMGYYLIQMYIPSLLIVILSWVSFWINMDAAPARVGLGITTVLTMTTQSSGSRASLPKVSYVKAIDIWMAVCLLFVFS
ALLEYAAVNFIARQHKELLRFQRRRRHLKEDEAGDGRFSFAAYGMGPACLQAKDGMAIKGNNNNAPTSTNPPEKTVEEMR
KLFISRAKRIDTVSRVAFPLVFLIFNIFYWITYKIIRSEDIHKQ
;
_entity_poly.pdbx_strand_id   A,B,C,D,E
#
# COMPACT_ATOMS: atom_id res chain seq x y z
N PRO A 31 27.54 -15.57 -50.03
CA PRO A 31 28.04 -14.86 -51.22
C PRO A 31 27.17 -13.66 -51.59
N MET A 32 25.89 -13.67 -51.15
CA MET A 32 25.10 -12.50 -51.48
C MET A 32 25.06 -11.52 -50.31
N PRO A 33 25.03 -10.22 -50.62
CA PRO A 33 24.94 -9.16 -49.59
C PRO A 33 23.77 -9.35 -48.62
N PRO A 34 24.05 -9.25 -47.32
CA PRO A 34 22.99 -9.45 -46.30
C PRO A 34 21.86 -8.42 -46.39
N SER A 35 22.20 -7.15 -46.62
CA SER A 35 21.22 -6.08 -46.70
C SER A 35 20.26 -6.31 -47.86
N GLU A 36 20.78 -6.73 -49.02
CA GLU A 36 19.94 -6.95 -50.21
C GLU A 36 18.92 -8.05 -49.93
N PHE A 37 19.37 -9.14 -49.31
CA PHE A 37 18.51 -10.28 -48.98
C PHE A 37 17.42 -9.85 -48.00
N LEU A 38 17.81 -9.08 -46.98
CA LEU A 38 16.85 -8.60 -45.99
C LEU A 38 15.85 -7.66 -46.64
N ASP A 39 16.31 -6.76 -47.51
CA ASP A 39 15.41 -5.79 -48.13
C ASP A 39 14.40 -6.50 -49.02
N LYS A 40 14.86 -7.46 -49.85
CA LYS A 40 13.97 -8.15 -50.78
C LYS A 40 12.91 -8.97 -50.02
N LEU A 41 13.34 -9.68 -48.97
CA LEU A 41 12.42 -10.54 -48.22
C LEU A 41 11.63 -9.67 -47.25
N MET A 42 10.31 -9.94 -47.14
CA MET A 42 9.37 -9.19 -46.28
C MET A 42 9.42 -7.70 -46.61
N GLY A 43 9.41 -7.41 -47.91
CA GLY A 43 9.48 -6.07 -48.46
C GLY A 43 8.30 -5.67 -49.31
N LYS A 44 8.42 -4.52 -49.98
CA LYS A 44 7.36 -3.97 -50.81
C LYS A 44 7.60 -4.22 -52.30
N VAL A 45 8.76 -4.78 -52.66
CA VAL A 45 9.03 -5.11 -54.06
C VAL A 45 8.58 -6.53 -54.36
N SER A 46 8.23 -7.30 -53.34
CA SER A 46 7.73 -8.66 -53.42
C SER A 46 6.24 -8.64 -53.09
N GLY A 47 5.59 -9.81 -53.21
CA GLY A 47 4.17 -9.86 -52.93
C GLY A 47 3.81 -10.22 -51.49
N TYR A 48 4.74 -10.01 -50.56
CA TYR A 48 4.48 -10.33 -49.16
C TYR A 48 3.71 -9.21 -48.50
N ASP A 49 2.52 -9.54 -48.01
CA ASP A 49 1.65 -8.60 -47.30
C ASP A 49 1.53 -9.08 -45.86
N ALA A 50 1.97 -8.25 -44.91
CA ALA A 50 1.94 -8.66 -43.51
C ALA A 50 0.55 -8.61 -42.89
N ARG A 51 -0.44 -8.03 -43.55
CA ARG A 51 -1.77 -7.94 -42.98
C ARG A 51 -2.66 -9.12 -43.35
N ILE A 52 -2.17 -10.12 -44.09
CA ILE A 52 -3.00 -11.25 -44.45
C ILE A 52 -2.40 -12.57 -43.99
N ARG A 53 -3.28 -13.49 -43.64
CA ARG A 53 -2.92 -14.83 -43.20
C ARG A 53 -2.30 -15.62 -44.35
N PRO A 54 -1.24 -16.41 -44.09
CA PRO A 54 -0.65 -17.21 -45.15
C PRO A 54 -1.57 -18.36 -45.51
N ASN A 55 -1.37 -18.86 -46.74
CA ASN A 55 -2.18 -19.89 -47.45
C ASN A 55 -3.66 -19.59 -47.28
N PHE A 56 -4.00 -18.36 -47.67
CA PHE A 56 -5.33 -17.77 -47.58
C PHE A 56 -6.40 -18.62 -48.28
N LYS A 57 -7.62 -18.56 -47.71
CA LYS A 57 -8.79 -19.31 -48.17
C LYS A 57 -8.57 -20.81 -48.25
N GLY A 58 -7.82 -21.37 -47.31
CA GLY A 58 -7.55 -22.79 -47.32
C GLY A 58 -7.58 -23.37 -45.92
N PRO A 59 -6.62 -24.24 -45.60
CA PRO A 59 -6.60 -24.83 -44.25
C PRO A 59 -6.00 -23.87 -43.24
N PRO A 60 -6.28 -24.05 -41.96
CA PRO A 60 -5.71 -23.17 -40.95
C PRO A 60 -4.25 -23.51 -40.69
N VAL A 61 -3.56 -22.57 -40.06
CA VAL A 61 -2.14 -22.71 -39.75
C VAL A 61 -2.01 -23.16 -38.29
N ASN A 62 -1.16 -24.14 -38.05
CA ASN A 62 -1.01 -24.67 -36.69
C ASN A 62 0.14 -23.97 -35.99
N VAL A 63 -0.09 -23.57 -34.75
CA VAL A 63 0.90 -22.90 -33.92
C VAL A 63 1.32 -23.84 -32.80
N THR A 64 2.62 -24.09 -32.68
CA THR A 64 3.15 -24.98 -31.65
C THR A 64 3.78 -24.11 -30.57
N CYS A 65 3.16 -24.09 -29.39
CA CYS A 65 3.61 -23.27 -28.27
C CYS A 65 4.31 -24.09 -27.19
N ASN A 66 5.33 -23.48 -26.58
CA ASN A 66 6.09 -24.05 -25.48
C ASN A 66 6.13 -23.00 -24.37
N ILE A 67 6.18 -23.45 -23.12
CA ILE A 67 6.21 -22.53 -21.98
C ILE A 67 7.43 -22.80 -21.11
N PHE A 68 8.28 -21.78 -20.97
CA PHE A 68 9.45 -21.81 -20.10
C PHE A 68 9.16 -20.85 -18.94
N ILE A 69 8.98 -21.39 -17.74
CA ILE A 69 8.71 -20.54 -16.58
C ILE A 69 10.04 -20.01 -16.06
N ASN A 70 10.20 -18.69 -16.09
CA ASN A 70 11.46 -18.10 -15.64
C ASN A 70 11.51 -17.91 -14.13
N SER A 71 10.48 -17.30 -13.54
CA SER A 71 10.50 -17.10 -12.08
C SER A 71 9.09 -17.13 -11.52
N PHE A 72 8.71 -18.27 -10.94
CA PHE A 72 7.39 -18.39 -10.34
C PHE A 72 7.48 -17.85 -8.92
N GLY A 73 6.40 -17.28 -8.42
CA GLY A 73 6.43 -16.73 -7.08
C GLY A 73 5.51 -15.53 -6.96
N SER A 74 5.55 -14.93 -5.76
CA SER A 74 4.75 -13.76 -5.39
C SER A 74 3.25 -14.00 -5.55
N ILE A 75 2.81 -15.20 -5.19
CA ILE A 75 1.39 -15.53 -5.28
C ILE A 75 0.64 -14.75 -4.20
N ALA A 76 -0.50 -14.18 -4.58
CA ALA A 76 -1.31 -13.41 -3.65
C ALA A 76 -2.49 -14.29 -3.27
N GLU A 77 -2.61 -14.56 -1.98
CA GLU A 77 -3.67 -15.39 -1.46
C GLU A 77 -4.89 -14.58 -1.04
N THR A 78 -4.77 -13.25 -0.97
CA THR A 78 -5.87 -12.38 -0.56
C THR A 78 -6.62 -11.78 -1.74
N THR A 79 -6.03 -11.77 -2.93
CA THR A 79 -6.65 -11.24 -4.14
C THR A 79 -6.72 -12.29 -5.23
N MET A 80 -6.34 -13.53 -4.91
CA MET A 80 -6.34 -14.70 -5.79
C MET A 80 -5.61 -14.50 -7.12
N ASP A 81 -4.31 -14.23 -7.04
CA ASP A 81 -3.51 -14.02 -8.23
C ASP A 81 -2.07 -14.46 -7.94
N TYR A 82 -1.23 -14.40 -8.97
CA TYR A 82 0.17 -14.79 -8.87
C TYR A 82 0.92 -14.17 -10.03
N ARG A 83 2.21 -13.89 -9.82
CA ARG A 83 3.06 -13.28 -10.83
C ARG A 83 4.01 -14.32 -11.42
N VAL A 84 4.00 -14.45 -12.74
CA VAL A 84 4.85 -15.42 -13.43
C VAL A 84 5.28 -14.81 -14.75
N ASN A 85 6.56 -15.02 -15.12
CA ASN A 85 7.07 -14.54 -16.40
C ASN A 85 7.45 -15.72 -17.28
N ILE A 86 6.71 -15.88 -18.39
CA ILE A 86 6.91 -16.96 -19.32
C ILE A 86 7.70 -16.43 -20.50
N PHE A 87 8.12 -17.33 -21.40
CA PHE A 87 8.89 -16.91 -22.56
C PHE A 87 8.07 -16.95 -23.84
N LEU A 88 7.02 -17.78 -23.88
CA LEU A 88 6.04 -17.93 -24.96
C LEU A 88 6.65 -18.10 -26.36
N ARG A 89 7.33 -19.21 -26.58
CA ARG A 89 7.91 -19.43 -27.91
C ARG A 89 6.83 -20.13 -28.74
N GLN A 90 6.58 -19.62 -29.94
CA GLN A 90 5.56 -20.22 -30.80
C GLN A 90 6.09 -20.42 -32.21
N GLN A 91 5.85 -21.61 -32.76
CA GLN A 91 6.33 -21.96 -34.10
C GLN A 91 5.16 -22.23 -35.04
N TRP A 92 5.27 -21.74 -36.27
CA TRP A 92 4.25 -21.97 -37.29
C TRP A 92 4.96 -22.03 -38.64
N ASN A 93 4.22 -22.47 -39.65
CA ASN A 93 4.78 -22.58 -41.00
C ASN A 93 3.94 -21.80 -42.01
N ASP A 94 4.62 -21.17 -42.96
CA ASP A 94 4.01 -20.39 -44.02
C ASP A 94 4.56 -20.83 -45.36
N PRO A 95 3.77 -20.76 -46.45
CA PRO A 95 4.31 -21.16 -47.75
C PRO A 95 5.24 -20.12 -48.35
N ARG A 96 5.19 -18.90 -47.85
CA ARG A 96 6.06 -17.80 -48.25
C ARG A 96 7.30 -17.78 -47.36
N LEU A 97 8.19 -16.81 -47.62
CA LEU A 97 9.47 -16.63 -46.90
C LEU A 97 10.35 -17.87 -46.95
N ALA A 98 10.31 -18.59 -48.08
CA ALA A 98 11.11 -19.79 -48.31
C ALA A 98 12.18 -19.45 -49.35
N TYR A 99 13.29 -18.90 -48.86
CA TYR A 99 14.40 -18.47 -49.71
C TYR A 99 15.02 -19.64 -50.46
N SER A 100 15.38 -20.71 -49.73
CA SER A 100 16.01 -21.93 -50.28
C SER A 100 17.24 -21.65 -51.14
N GLU A 101 18.04 -20.65 -50.73
CA GLU A 101 19.24 -20.28 -51.47
C GLU A 101 20.49 -20.10 -50.60
N TYR A 102 20.34 -20.03 -49.24
CA TYR A 102 21.49 -19.87 -48.37
C TYR A 102 22.02 -21.25 -47.97
N PRO A 103 23.33 -21.41 -47.74
CA PRO A 103 23.84 -22.75 -47.40
C PRO A 103 23.58 -23.22 -45.97
N ASP A 104 23.05 -22.38 -45.08
CA ASP A 104 22.81 -22.80 -43.72
C ASP A 104 21.34 -23.23 -43.56
N ASP A 105 21.02 -23.80 -42.39
CA ASP A 105 19.66 -24.26 -42.16
C ASP A 105 18.72 -23.12 -41.71
N SER A 106 19.15 -22.30 -40.76
CA SER A 106 18.31 -21.22 -40.25
C SER A 106 19.07 -19.90 -40.23
N LEU A 107 18.32 -18.81 -40.15
CA LEU A 107 18.85 -17.46 -40.17
C LEU A 107 18.35 -16.70 -38.94
N ASP A 108 19.20 -15.84 -38.39
CA ASP A 108 18.82 -15.02 -37.25
C ASP A 108 18.54 -13.61 -37.76
N LEU A 109 17.33 -13.13 -37.55
CA LEU A 109 16.90 -11.81 -37.98
C LEU A 109 16.99 -10.85 -36.79
N ASP A 110 16.98 -9.55 -37.08
CA ASP A 110 17.06 -8.53 -36.03
C ASP A 110 15.69 -8.35 -35.38
N PRO A 111 15.66 -8.12 -34.06
CA PRO A 111 14.37 -7.95 -33.35
C PRO A 111 13.66 -6.61 -33.53
N SER A 112 14.07 -5.75 -34.46
CA SER A 112 13.39 -4.49 -34.67
C SER A 112 12.60 -4.48 -35.96
N MET A 113 12.39 -5.64 -36.57
CA MET A 113 11.64 -5.84 -37.81
C MET A 113 10.54 -6.86 -37.59
N LEU A 114 9.76 -6.67 -36.52
CA LEU A 114 8.69 -7.59 -36.17
C LEU A 114 7.31 -7.12 -36.61
N ASP A 115 7.19 -5.94 -37.23
CA ASP A 115 5.89 -5.44 -37.65
C ASP A 115 5.58 -5.84 -39.09
N SER A 116 6.33 -6.80 -39.64
CA SER A 116 6.12 -7.28 -41.00
C SER A 116 6.18 -8.81 -41.06
N ILE A 117 6.27 -9.50 -39.93
CA ILE A 117 6.36 -10.95 -39.88
C ILE A 117 5.00 -11.63 -39.59
N TRP A 118 3.91 -10.84 -39.53
CA TRP A 118 2.54 -11.35 -39.28
C TRP A 118 2.46 -12.19 -37.99
N LYS A 119 2.92 -11.63 -36.87
CA LYS A 119 2.80 -12.42 -35.64
C LYS A 119 1.33 -12.69 -35.35
N PRO A 120 0.97 -13.89 -34.92
CA PRO A 120 -0.43 -14.22 -34.65
C PRO A 120 -0.93 -13.56 -33.37
N ASP A 121 -2.25 -13.65 -33.17
CA ASP A 121 -2.87 -13.07 -32.00
C ASP A 121 -2.98 -14.07 -30.87
N LEU A 122 -2.66 -13.60 -29.65
CA LEU A 122 -2.71 -14.46 -28.47
C LEU A 122 -2.96 -13.58 -27.24
N PHE A 123 -3.92 -13.97 -26.40
CA PHE A 123 -4.17 -13.26 -25.16
C PHE A 123 -4.47 -14.30 -24.09
N PHE A 124 -4.62 -13.83 -22.85
CA PHE A 124 -4.91 -14.70 -21.71
C PHE A 124 -6.27 -14.31 -21.16
N ALA A 125 -7.12 -15.31 -20.88
CA ALA A 125 -8.46 -15.03 -20.40
C ALA A 125 -8.51 -14.48 -18.99
N ASN A 126 -7.47 -14.68 -18.19
CA ASN A 126 -7.38 -14.15 -16.83
C ASN A 126 -6.13 -13.28 -16.75
N GLU A 127 -6.30 -11.96 -16.84
CA GLU A 127 -5.13 -11.09 -16.81
C GLU A 127 -5.38 -9.85 -15.95
N LYS A 128 -4.26 -9.28 -15.48
CA LYS A 128 -4.24 -8.06 -14.67
C LYS A 128 -2.93 -7.35 -15.01
N GLY A 129 -3.00 -6.31 -15.84
CA GLY A 129 -1.80 -5.59 -16.20
C GLY A 129 -1.14 -6.28 -17.37
N ALA A 130 -0.19 -7.17 -17.07
CA ALA A 130 0.56 -7.98 -18.04
C ALA A 130 1.34 -7.11 -19.04
N ASN A 131 2.36 -6.43 -18.51
CA ASN A 131 3.19 -5.55 -19.31
C ASN A 131 4.26 -6.35 -20.05
N PHE A 132 5.03 -5.66 -20.89
CA PHE A 132 6.13 -6.25 -21.64
C PHE A 132 7.44 -6.09 -20.86
N HIS A 133 8.55 -6.32 -21.58
CA HIS A 133 9.90 -6.17 -21.03
C HIS A 133 10.71 -5.47 -22.10
N GLU A 134 11.23 -4.28 -21.75
CA GLU A 134 12.00 -3.39 -22.62
C GLU A 134 13.20 -2.85 -21.83
N VAL A 135 14.20 -3.71 -21.58
CA VAL A 135 15.40 -3.26 -20.89
C VAL A 135 16.56 -3.40 -21.87
N THR A 136 17.25 -2.28 -22.11
CA THR A 136 18.40 -2.03 -22.99
C THR A 136 17.94 -2.07 -24.45
N THR A 137 17.42 -3.22 -24.86
CA THR A 137 16.89 -3.52 -26.18
C THR A 137 15.63 -4.36 -26.02
N ASP A 138 14.81 -4.38 -27.06
CA ASP A 138 13.56 -5.14 -27.04
C ASP A 138 13.85 -6.62 -26.81
N ASN A 139 13.05 -7.22 -25.94
CA ASN A 139 13.18 -8.63 -25.56
C ASN A 139 12.46 -9.58 -26.50
N LYS A 140 12.55 -9.36 -27.80
CA LYS A 140 11.93 -10.23 -28.80
C LYS A 140 12.98 -11.17 -29.38
N LEU A 141 12.49 -12.14 -30.16
CA LEU A 141 13.35 -13.11 -30.83
C LEU A 141 12.64 -13.52 -32.10
N LEU A 142 13.39 -13.68 -33.19
CA LEU A 142 12.78 -14.10 -34.45
C LEU A 142 13.77 -14.91 -35.28
N ARG A 143 13.47 -16.18 -35.48
CA ARG A 143 14.29 -17.09 -36.27
C ARG A 143 13.51 -17.52 -37.50
N ILE A 144 14.21 -17.80 -38.59
CA ILE A 144 13.58 -18.20 -39.85
C ILE A 144 14.47 -19.22 -40.56
N SER A 145 13.88 -20.35 -40.95
CA SER A 145 14.60 -21.43 -41.61
C SER A 145 14.26 -21.48 -43.10
N LYS A 146 14.83 -22.47 -43.79
CA LYS A 146 14.62 -22.62 -45.23
C LYS A 146 13.20 -23.07 -45.57
N ASN A 147 12.60 -23.92 -44.74
CA ASN A 147 11.24 -24.38 -45.01
C ASN A 147 10.18 -23.35 -44.64
N GLY A 148 10.45 -22.53 -43.63
CA GLY A 148 9.50 -21.53 -43.17
C GLY A 148 9.09 -21.67 -41.73
N ASN A 149 9.64 -22.61 -40.97
CA ASN A 149 9.30 -22.76 -39.56
C ASN A 149 9.99 -21.65 -38.80
N VAL A 150 9.22 -20.76 -38.19
CA VAL A 150 9.77 -19.63 -37.48
C VAL A 150 9.72 -19.86 -35.98
N LEU A 151 10.43 -18.99 -35.25
CA LEU A 151 10.48 -18.99 -33.79
C LEU A 151 10.18 -17.58 -33.33
N TYR A 152 9.41 -17.45 -32.25
CA TYR A 152 9.05 -16.12 -31.75
C TYR A 152 8.77 -16.23 -30.25
N SER A 153 9.74 -15.83 -29.43
CA SER A 153 9.60 -15.90 -27.98
C SER A 153 9.76 -14.52 -27.38
N ILE A 154 8.85 -14.14 -26.50
CA ILE A 154 8.85 -12.83 -25.86
C ILE A 154 8.64 -13.02 -24.37
N ARG A 155 9.53 -12.49 -23.54
CA ARG A 155 9.32 -12.62 -22.11
C ARG A 155 8.35 -11.54 -21.66
N ILE A 156 7.27 -11.97 -21.01
CA ILE A 156 6.22 -11.09 -20.53
C ILE A 156 5.88 -11.44 -19.10
N THR A 157 5.78 -10.43 -18.23
CA THR A 157 5.47 -10.65 -16.84
C THR A 157 3.95 -10.62 -16.72
N LEU A 158 3.36 -11.74 -16.33
CA LEU A 158 1.92 -11.88 -16.21
C LEU A 158 1.48 -11.97 -14.75
N VAL A 159 0.35 -11.33 -14.47
CA VAL A 159 -0.30 -11.36 -13.16
C VAL A 159 -1.63 -12.05 -13.47
N LEU A 160 -1.59 -13.37 -13.46
CA LEU A 160 -2.73 -14.21 -13.77
C LEU A 160 -3.61 -14.42 -12.54
N ALA A 161 -4.92 -14.32 -12.73
CA ALA A 161 -5.87 -14.52 -11.64
C ALA A 161 -6.35 -15.96 -11.65
N CYS A 162 -6.20 -16.64 -10.52
CA CYS A 162 -6.62 -18.03 -10.40
C CYS A 162 -7.71 -18.17 -9.35
N PRO A 163 -8.82 -18.85 -9.65
CA PRO A 163 -9.91 -19.02 -8.66
C PRO A 163 -9.69 -20.19 -7.71
N MET A 164 -8.75 -20.00 -6.78
CA MET A 164 -8.42 -21.03 -5.80
C MET A 164 -9.57 -21.28 -4.82
N ASP A 165 -9.81 -22.56 -4.52
CA ASP A 165 -10.83 -22.98 -3.58
C ASP A 165 -10.07 -23.37 -2.31
N LEU A 166 -10.44 -22.77 -1.18
CA LEU A 166 -9.76 -23.02 0.08
C LEU A 166 -10.68 -23.78 1.04
N LYS A 167 -11.00 -25.04 0.71
CA LYS A 167 -11.85 -25.81 1.63
C LYS A 167 -11.20 -26.02 3.00
N ASN A 168 -9.92 -26.37 3.01
CA ASN A 168 -9.15 -26.54 4.24
C ASN A 168 -7.93 -25.63 4.20
N PHE A 169 -7.84 -24.69 5.14
CA PHE A 169 -6.66 -23.83 5.02
C PHE A 169 -5.24 -24.39 5.22
N PRO A 170 -4.93 -25.25 6.23
CA PRO A 170 -3.52 -25.68 6.34
C PRO A 170 -2.94 -26.47 5.17
N MET A 171 -3.71 -27.42 4.63
CA MET A 171 -3.25 -28.22 3.50
C MET A 171 -3.16 -27.39 2.22
N ASP A 172 -4.25 -26.67 1.94
CA ASP A 172 -4.45 -25.73 0.83
C ASP A 172 -3.93 -26.27 -0.51
N VAL A 173 -4.50 -27.37 -0.96
CA VAL A 173 -4.12 -27.93 -2.25
C VAL A 173 -4.63 -26.95 -3.30
N GLN A 174 -3.79 -26.60 -4.28
CA GLN A 174 -4.24 -25.61 -5.25
C GLN A 174 -3.82 -25.96 -6.65
N THR A 175 -4.61 -25.45 -7.59
CA THR A 175 -4.42 -25.58 -9.01
C THR A 175 -4.45 -24.18 -9.63
N CYS A 176 -3.44 -23.87 -10.44
CA CYS A 176 -3.31 -22.59 -11.11
C CYS A 176 -3.28 -22.86 -12.59
N ILE A 177 -3.98 -22.03 -13.36
CA ILE A 177 -4.09 -22.16 -14.80
C ILE A 177 -3.70 -20.86 -15.49
N MET A 178 -3.83 -20.90 -16.81
CA MET A 178 -3.56 -19.84 -17.78
C MET A 178 -4.12 -20.33 -19.10
N GLN A 179 -4.94 -19.52 -19.75
CA GLN A 179 -5.61 -19.89 -20.99
C GLN A 179 -5.13 -19.14 -22.22
N LEU A 180 -4.31 -19.79 -23.04
CA LEU A 180 -3.82 -19.20 -24.28
C LEU A 180 -4.96 -19.27 -25.27
N GLU A 181 -5.36 -18.12 -25.82
CA GLU A 181 -6.50 -18.08 -26.72
C GLU A 181 -6.33 -16.96 -27.73
N SER A 182 -6.77 -17.21 -28.96
CA SER A 182 -6.71 -16.23 -30.05
C SER A 182 -7.79 -15.17 -29.86
N PHE A 183 -7.67 -14.08 -30.63
CA PHE A 183 -8.64 -12.99 -30.52
C PHE A 183 -8.86 -12.38 -31.90
N GLY A 184 -9.85 -12.89 -32.62
CA GLY A 184 -10.16 -12.44 -33.97
C GLY A 184 -10.00 -13.48 -35.04
N TYR A 185 -9.51 -14.68 -34.69
CA TYR A 185 -9.34 -15.77 -35.63
C TYR A 185 -10.10 -16.96 -35.07
N THR A 186 -11.09 -17.44 -35.82
CA THR A 186 -11.93 -18.54 -35.37
C THR A 186 -11.19 -19.90 -35.44
N MET A 187 -11.95 -20.94 -35.08
CA MET A 187 -11.44 -22.31 -35.05
C MET A 187 -11.15 -22.84 -36.46
N ASN A 188 -11.90 -22.37 -37.46
CA ASN A 188 -11.69 -22.78 -38.84
C ASN A 188 -10.80 -21.81 -39.59
N ASP A 189 -10.11 -20.95 -38.88
CA ASP A 189 -9.23 -19.92 -39.42
C ASP A 189 -7.82 -20.03 -38.84
N LEU A 190 -7.71 -20.30 -37.54
CA LEU A 190 -6.43 -20.44 -36.85
C LEU A 190 -6.65 -21.35 -35.66
N ILE A 191 -5.95 -22.48 -35.61
CA ILE A 191 -6.09 -23.43 -34.51
C ILE A 191 -4.72 -23.62 -33.83
N PHE A 192 -4.70 -23.42 -32.52
CA PHE A 192 -3.48 -23.55 -31.73
C PHE A 192 -3.31 -24.99 -31.26
N GLU A 193 -2.06 -25.36 -30.97
CA GLU A 193 -1.72 -26.69 -30.49
C GLU A 193 -0.54 -26.60 -29.53
N TRP A 194 -0.31 -27.69 -28.79
CA TRP A 194 0.82 -27.77 -27.88
C TRP A 194 1.99 -28.44 -28.61
N ASP A 195 3.02 -28.81 -27.84
CA ASP A 195 4.20 -29.47 -28.35
C ASP A 195 4.28 -30.86 -27.75
N GLU A 196 5.13 -31.71 -28.34
CA GLU A 196 5.28 -33.07 -27.83
C GLU A 196 6.64 -33.31 -27.18
N LYS A 197 7.69 -32.61 -27.62
CA LYS A 197 9.01 -32.76 -27.02
C LYS A 197 9.04 -31.72 -25.90
N GLY A 198 8.56 -32.10 -24.73
CA GLY A 198 8.52 -31.13 -23.64
C GLY A 198 7.23 -30.32 -23.73
N ALA A 199 6.52 -30.16 -22.61
CA ALA A 199 5.26 -29.42 -22.63
C ALA A 199 5.39 -28.08 -21.94
N VAL A 200 5.69 -28.05 -20.65
CA VAL A 200 5.87 -26.81 -19.90
C VAL A 200 7.17 -26.97 -19.14
N GLN A 201 8.17 -26.16 -19.48
CA GLN A 201 9.47 -26.23 -18.82
C GLN A 201 9.55 -25.22 -17.69
N VAL A 202 10.32 -25.58 -16.67
CA VAL A 202 10.52 -24.77 -15.47
C VAL A 202 12.01 -24.43 -15.41
N ALA A 203 12.34 -23.41 -14.63
CA ALA A 203 13.73 -23.01 -14.49
C ALA A 203 14.45 -23.97 -13.54
N ASP A 204 15.76 -24.13 -13.76
CA ASP A 204 16.54 -25.03 -12.92
C ASP A 204 16.78 -24.41 -11.55
N GLY A 205 16.41 -25.14 -10.50
CA GLY A 205 16.57 -24.64 -9.15
C GLY A 205 15.55 -23.60 -8.76
N LEU A 206 14.30 -23.77 -9.16
CA LEU A 206 13.24 -22.82 -8.84
C LEU A 206 12.44 -23.34 -7.66
N THR A 207 12.54 -22.66 -6.53
CA THR A 207 11.83 -23.00 -5.31
C THR A 207 10.90 -21.86 -4.92
N LEU A 208 9.85 -22.20 -4.17
CA LEU A 208 8.91 -21.20 -3.70
C LEU A 208 8.89 -21.24 -2.17
N PRO A 209 8.72 -20.09 -1.51
CA PRO A 209 8.70 -20.14 -0.04
C PRO A 209 7.37 -20.62 0.51
N GLN A 210 6.27 -20.31 -0.18
CA GLN A 210 4.98 -20.74 0.32
C GLN A 210 4.63 -22.17 -0.11
N PHE A 211 4.75 -22.45 -1.41
CA PHE A 211 4.40 -23.75 -1.98
C PHE A 211 5.61 -24.49 -2.55
N ILE A 212 5.33 -25.62 -3.18
CA ILE A 212 6.30 -26.44 -3.89
C ILE A 212 5.65 -26.85 -5.20
N LEU A 213 6.44 -26.90 -6.27
CA LEU A 213 5.88 -27.22 -7.58
C LEU A 213 5.82 -28.71 -7.83
N LYS A 214 4.68 -29.17 -8.35
CA LYS A 214 4.49 -30.57 -8.69
C LYS A 214 5.06 -30.83 -10.08
N GLU A 215 5.79 -31.92 -10.24
CA GLU A 215 6.42 -32.22 -11.52
C GLU A 215 5.52 -33.03 -12.46
N GLU A 216 4.20 -33.00 -12.27
CA GLU A 216 3.32 -33.76 -13.17
C GLU A 216 2.97 -32.93 -14.40
N LYS A 217 2.63 -31.66 -14.18
CA LYS A 217 2.23 -30.66 -15.18
C LYS A 217 1.06 -31.13 -16.04
N ASP A 218 -0.10 -31.24 -15.39
CA ASP A 218 -1.32 -31.68 -16.06
C ASP A 218 -1.75 -30.66 -17.12
N LEU A 219 -1.98 -31.11 -18.34
CA LEU A 219 -2.34 -30.19 -19.40
C LEU A 219 -3.30 -30.83 -20.40
N ARG A 220 -4.24 -30.02 -20.89
CA ARG A 220 -5.28 -30.38 -21.83
C ARG A 220 -5.81 -29.07 -22.39
N TYR A 221 -6.87 -29.12 -23.19
CA TYR A 221 -7.37 -27.86 -23.71
C TYR A 221 -8.89 -27.85 -23.86
N CYS A 222 -9.47 -26.72 -23.49
CA CYS A 222 -10.90 -26.43 -23.59
C CYS A 222 -11.16 -25.71 -24.91
N THR A 223 -12.31 -25.05 -25.02
CA THR A 223 -12.66 -24.27 -26.21
C THR A 223 -13.65 -23.20 -25.78
N LYS A 224 -13.83 -22.20 -26.63
CA LYS A 224 -14.74 -21.10 -26.35
C LYS A 224 -15.81 -20.98 -27.42
N HIS A 225 -17.04 -20.65 -26.99
CA HIS A 225 -18.18 -20.48 -27.88
C HIS A 225 -18.86 -19.16 -27.54
N TYR A 226 -18.51 -18.09 -28.25
CA TYR A 226 -19.12 -16.80 -28.04
C TYR A 226 -20.26 -16.63 -29.04
N ASN A 227 -20.82 -15.43 -29.15
CA ASN A 227 -21.90 -15.21 -30.10
C ASN A 227 -21.39 -14.83 -31.48
N THR A 228 -20.07 -14.72 -31.67
CA THR A 228 -19.48 -14.36 -32.95
C THR A 228 -18.84 -15.53 -33.68
N GLY A 229 -18.56 -16.62 -32.99
CA GLY A 229 -17.95 -17.78 -33.63
C GLY A 229 -17.30 -18.68 -32.59
N LYS A 230 -16.63 -19.70 -33.10
CA LYS A 230 -15.94 -20.69 -32.28
C LYS A 230 -14.45 -20.33 -32.24
N PHE A 231 -13.94 -20.02 -31.05
CA PHE A 231 -12.55 -19.65 -30.88
C PHE A 231 -11.80 -20.71 -30.08
N THR A 232 -10.56 -20.96 -30.47
CA THR A 232 -9.71 -21.94 -29.79
C THR A 232 -9.18 -21.35 -28.49
N CYS A 233 -8.94 -22.22 -27.51
CA CYS A 233 -8.44 -21.79 -26.21
C CYS A 233 -7.68 -22.93 -25.57
N ILE A 234 -6.35 -22.82 -25.53
CA ILE A 234 -5.48 -23.86 -25.02
C ILE A 234 -5.01 -23.44 -23.64
N GLU A 235 -5.02 -24.38 -22.68
CA GLU A 235 -4.62 -24.06 -21.32
C GLU A 235 -3.65 -25.10 -20.77
N ALA A 236 -3.19 -24.85 -19.54
CA ALA A 236 -2.25 -25.70 -18.84
C ALA A 236 -2.51 -25.52 -17.35
N ARG A 237 -2.47 -26.61 -16.58
CA ARG A 237 -2.73 -26.55 -15.15
C ARG A 237 -1.50 -26.92 -14.33
N PHE A 238 -1.30 -26.19 -13.24
CA PHE A 238 -0.20 -26.45 -12.30
C PHE A 238 -0.80 -26.97 -11.01
N HIS A 239 0.04 -27.55 -10.14
CA HIS A 239 -0.44 -28.06 -8.86
C HIS A 239 0.51 -27.59 -7.76
N LEU A 240 0.00 -26.82 -6.80
CA LEU A 240 0.84 -26.29 -5.73
C LEU A 240 0.31 -26.69 -4.36
N GLU A 241 1.10 -27.42 -3.58
CA GLU A 241 0.69 -27.78 -2.23
C GLU A 241 1.51 -27.01 -1.21
N ARG A 242 0.91 -26.77 -0.04
CA ARG A 242 1.55 -26.01 1.03
C ARG A 242 2.68 -26.74 1.75
N GLN A 243 3.83 -26.07 1.83
CA GLN A 243 4.98 -26.61 2.54
C GLN A 243 4.66 -26.27 4.00
N MET A 244 4.18 -27.26 4.74
CA MET A 244 3.80 -27.12 6.13
C MET A 244 4.99 -26.87 7.05
N GLY A 245 4.70 -26.15 8.15
CA GLY A 245 5.68 -25.77 9.14
C GLY A 245 5.53 -24.33 9.61
N TYR A 246 4.85 -23.49 8.82
CA TYR A 246 4.62 -22.10 9.23
C TYR A 246 3.42 -22.01 10.15
N TYR A 247 2.29 -22.56 9.69
CA TYR A 247 1.00 -22.57 10.37
C TYR A 247 1.01 -23.38 11.66
N LEU A 248 1.98 -24.28 11.81
CA LEU A 248 2.15 -25.09 13.01
C LEU A 248 2.69 -24.29 14.18
N ILE A 249 3.54 -23.31 13.91
CA ILE A 249 4.17 -22.41 14.88
C ILE A 249 3.32 -21.15 15.12
N GLN A 250 2.66 -20.65 14.08
CA GLN A 250 1.86 -19.43 14.20
C GLN A 250 0.51 -19.70 14.87
N MET A 251 -0.17 -20.79 14.55
CA MET A 251 -1.49 -21.11 15.09
C MET A 251 -1.51 -22.35 15.99
N TYR A 252 -1.08 -23.52 15.52
CA TYR A 252 -1.18 -24.75 16.33
C TYR A 252 -0.37 -24.71 17.61
N ILE A 253 0.90 -24.27 17.58
CA ILE A 253 1.71 -24.28 18.82
C ILE A 253 1.16 -23.33 19.89
N PRO A 254 0.76 -22.06 19.61
CA PRO A 254 0.22 -21.21 20.70
C PRO A 254 -1.07 -21.73 21.33
N SER A 255 -2.00 -22.29 20.53
CA SER A 255 -3.27 -22.82 21.03
C SER A 255 -3.05 -23.96 22.01
N LEU A 256 -2.04 -24.80 21.74
CA LEU A 256 -1.75 -25.91 22.65
C LEU A 256 -1.35 -25.32 23.99
N LEU A 257 -0.53 -24.25 23.97
CA LEU A 257 -0.04 -23.62 25.18
C LEU A 257 -1.16 -22.89 25.96
N ILE A 258 -2.40 -23.00 25.48
CA ILE A 258 -3.58 -22.39 26.07
C ILE A 258 -4.40 -23.48 26.74
N VAL A 259 -4.47 -24.64 26.08
CA VAL A 259 -5.17 -25.74 26.74
C VAL A 259 -4.32 -26.28 27.89
N ILE A 260 -2.99 -26.19 27.79
CA ILE A 260 -2.15 -26.61 28.91
C ILE A 260 -2.36 -25.62 30.06
N LEU A 261 -2.57 -24.34 29.71
CA LEU A 261 -2.87 -23.29 30.69
C LEU A 261 -4.19 -23.55 31.40
N SER A 262 -5.18 -24.08 30.67
CA SER A 262 -6.44 -24.41 31.34
C SER A 262 -6.28 -25.66 32.19
N TRP A 263 -5.34 -26.54 31.84
CA TRP A 263 -5.16 -27.71 32.70
C TRP A 263 -4.37 -27.29 33.94
N VAL A 264 -3.60 -26.20 33.81
CA VAL A 264 -2.89 -25.62 34.94
C VAL A 264 -3.91 -25.04 35.88
N SER A 265 -4.95 -24.41 35.30
CA SER A 265 -6.04 -23.92 36.14
C SER A 265 -6.77 -25.08 36.80
N PHE A 266 -6.80 -26.25 36.16
CA PHE A 266 -7.39 -27.38 36.85
C PHE A 266 -6.53 -27.87 38.03
N TRP A 267 -5.21 -27.73 37.96
CA TRP A 267 -4.30 -28.13 39.07
C TRP A 267 -4.04 -27.01 40.10
N ILE A 268 -5.08 -26.36 40.58
CA ILE A 268 -4.99 -25.28 41.56
C ILE A 268 -6.10 -25.42 42.61
N ASN A 269 -5.88 -24.81 43.78
CA ASN A 269 -6.84 -24.88 44.89
C ASN A 269 -8.16 -24.14 44.60
N MET A 270 -9.26 -24.83 44.93
CA MET A 270 -10.62 -24.31 44.74
C MET A 270 -10.99 -23.15 45.65
N ASP A 271 -10.38 -23.04 46.84
CA ASP A 271 -10.76 -21.98 47.79
C ASP A 271 -10.54 -20.59 47.21
N ALA A 272 -9.42 -20.39 46.53
CA ALA A 272 -9.04 -19.13 45.89
C ALA A 272 -9.93 -18.82 44.69
N ALA A 273 -10.72 -17.76 44.80
CA ALA A 273 -11.66 -17.29 43.77
C ALA A 273 -10.98 -16.33 42.77
N PRO A 274 -10.22 -15.21 43.19
CA PRO A 274 -9.60 -14.28 42.21
C PRO A 274 -8.77 -14.88 41.07
N ALA A 275 -7.65 -15.51 41.46
CA ALA A 275 -6.66 -16.13 40.58
C ALA A 275 -7.29 -17.00 39.50
N ARG A 276 -8.01 -18.06 39.89
CA ARG A 276 -8.66 -19.00 38.95
C ARG A 276 -9.49 -18.28 37.90
N VAL A 277 -10.43 -17.45 38.37
CA VAL A 277 -11.35 -16.70 37.52
C VAL A 277 -10.51 -15.97 36.48
N GLY A 278 -9.52 -15.17 36.95
CA GLY A 278 -8.66 -14.40 36.06
C GLY A 278 -8.00 -15.29 35.01
N LEU A 279 -7.47 -16.45 35.44
CA LEU A 279 -6.78 -17.38 34.54
C LEU A 279 -7.69 -17.90 33.45
N GLY A 280 -8.92 -18.25 33.83
CA GLY A 280 -9.91 -18.78 32.88
C GLY A 280 -10.25 -17.73 31.85
N ILE A 281 -10.50 -16.52 32.33
CA ILE A 281 -10.89 -15.38 31.50
C ILE A 281 -9.78 -15.03 30.53
N THR A 282 -8.54 -14.97 31.04
CA THR A 282 -7.38 -14.60 30.24
C THR A 282 -7.16 -15.58 29.09
N THR A 283 -7.29 -16.88 29.38
CA THR A 283 -7.11 -17.93 28.39
C THR A 283 -8.14 -17.80 27.28
N VAL A 284 -9.39 -17.53 27.67
CA VAL A 284 -10.50 -17.39 26.72
C VAL A 284 -10.25 -16.18 25.82
N LEU A 285 -9.80 -15.07 26.41
CA LEU A 285 -9.54 -13.84 25.67
C LEU A 285 -8.43 -14.04 24.65
N THR A 286 -7.36 -14.72 25.04
CA THR A 286 -6.23 -14.97 24.13
C THR A 286 -6.70 -15.83 22.97
N MET A 287 -7.54 -16.82 23.26
CA MET A 287 -8.04 -17.72 22.23
C MET A 287 -8.84 -16.92 21.20
N THR A 288 -9.65 -15.96 21.68
CA THR A 288 -10.45 -15.14 20.77
C THR A 288 -9.54 -14.24 19.93
N THR A 289 -8.64 -13.48 20.56
CA THR A 289 -7.73 -12.56 19.83
C THR A 289 -6.97 -13.34 18.76
N GLN A 290 -6.31 -14.45 19.17
CA GLN A 290 -5.53 -15.31 18.29
C GLN A 290 -6.37 -15.73 17.09
N SER A 291 -7.55 -16.33 17.39
CA SER A 291 -8.50 -16.81 16.39
C SER A 291 -8.76 -15.72 15.37
N SER A 292 -9.15 -14.53 15.85
CA SER A 292 -9.46 -13.39 14.99
C SER A 292 -8.28 -13.14 14.05
N GLY A 293 -7.12 -12.79 14.64
CA GLY A 293 -5.88 -12.50 13.93
C GLY A 293 -5.41 -13.54 12.92
N SER A 294 -5.90 -14.77 13.07
CA SER A 294 -5.51 -15.88 12.21
C SER A 294 -6.18 -15.80 10.84
N ARG A 295 -7.36 -15.18 10.78
CA ARG A 295 -8.16 -15.01 9.58
C ARG A 295 -7.87 -13.66 8.89
N ALA A 296 -7.01 -12.83 9.48
CA ALA A 296 -6.71 -11.52 8.91
C ALA A 296 -6.05 -11.64 7.53
N SER A 297 -5.08 -12.55 7.40
CA SER A 297 -4.38 -12.72 6.13
C SER A 297 -5.35 -13.19 5.04
N LEU A 298 -6.22 -14.12 5.39
CA LEU A 298 -7.19 -14.69 4.48
C LEU A 298 -8.24 -13.67 4.01
N PRO A 299 -8.69 -13.74 2.76
CA PRO A 299 -9.70 -12.81 2.28
C PRO A 299 -11.06 -13.25 2.80
N LYS A 300 -12.02 -12.31 2.78
CA LYS A 300 -13.38 -12.58 3.24
C LYS A 300 -13.99 -13.78 2.52
N VAL A 301 -14.33 -14.83 3.26
CA VAL A 301 -14.93 -16.04 2.68
C VAL A 301 -16.14 -16.43 3.52
N SER A 302 -17.05 -17.18 2.92
CA SER A 302 -18.27 -17.57 3.63
C SER A 302 -18.19 -18.96 4.26
N TYR A 303 -17.71 -19.94 3.50
CA TYR A 303 -17.64 -21.32 3.97
C TYR A 303 -16.62 -21.46 5.12
N VAL A 304 -17.02 -22.19 6.17
CA VAL A 304 -16.15 -22.39 7.32
C VAL A 304 -14.89 -23.16 6.91
N LYS A 305 -13.75 -22.74 7.45
CA LYS A 305 -12.45 -23.33 7.16
C LYS A 305 -12.04 -24.34 8.22
N ALA A 306 -10.99 -25.12 7.89
CA ALA A 306 -10.48 -26.14 8.82
C ALA A 306 -9.94 -25.50 10.09
N ILE A 307 -9.22 -24.37 9.91
CA ILE A 307 -8.62 -23.64 11.02
C ILE A 307 -9.69 -23.14 11.97
N ASP A 308 -10.82 -22.67 11.40
CA ASP A 308 -11.92 -22.17 12.23
C ASP A 308 -12.44 -23.29 13.12
N ILE A 309 -12.55 -24.50 12.55
CA ILE A 309 -13.03 -25.66 13.31
C ILE A 309 -12.10 -25.95 14.47
N TRP A 310 -10.78 -25.88 14.22
CA TRP A 310 -9.79 -26.13 15.27
C TRP A 310 -9.89 -25.08 16.37
N MET A 311 -10.02 -23.81 15.96
CA MET A 311 -10.13 -22.71 16.91
C MET A 311 -11.38 -22.86 17.75
N ALA A 312 -12.50 -23.23 17.12
CA ALA A 312 -13.76 -23.38 17.84
C ALA A 312 -13.66 -24.49 18.87
N VAL A 313 -13.03 -25.62 18.50
CA VAL A 313 -12.90 -26.75 19.42
C VAL A 313 -12.06 -26.36 20.63
N CYS A 314 -10.94 -25.64 20.38
CA CYS A 314 -10.06 -25.22 21.48
C CYS A 314 -10.81 -24.25 22.38
N LEU A 315 -11.45 -23.25 21.77
CA LEU A 315 -12.22 -22.24 22.48
C LEU A 315 -13.27 -22.92 23.36
N LEU A 316 -13.92 -23.97 22.81
CA LEU A 316 -14.93 -24.71 23.55
C LEU A 316 -14.31 -25.37 24.77
N PHE A 317 -13.10 -25.94 24.62
CA PHE A 317 -12.45 -26.62 25.75
C PHE A 317 -12.13 -25.63 26.87
N VAL A 318 -11.56 -24.48 26.51
CA VAL A 318 -11.22 -23.47 27.52
C VAL A 318 -12.49 -22.88 28.16
N PHE A 319 -13.54 -22.66 27.35
CA PHE A 319 -14.79 -22.12 27.85
C PHE A 319 -15.42 -23.12 28.81
N SER A 320 -15.35 -24.41 28.45
CA SER A 320 -15.90 -25.50 29.25
C SER A 320 -15.20 -25.55 30.60
N ALA A 321 -13.87 -25.33 30.60
CA ALA A 321 -13.08 -25.35 31.83
C ALA A 321 -13.61 -24.27 32.76
N LEU A 322 -13.82 -23.07 32.20
CA LEU A 322 -14.34 -21.90 32.94
C LEU A 322 -15.71 -22.24 33.53
N LEU A 323 -16.58 -22.87 32.71
CA LEU A 323 -17.93 -23.27 33.11
C LEU A 323 -17.85 -24.29 34.24
N GLU A 324 -16.90 -25.23 34.14
CA GLU A 324 -16.71 -26.27 35.15
C GLU A 324 -16.37 -25.59 36.47
N TYR A 325 -15.51 -24.57 36.41
CA TYR A 325 -15.14 -23.85 37.64
C TYR A 325 -16.35 -23.15 38.23
N ALA A 326 -17.19 -22.54 37.38
CA ALA A 326 -18.35 -21.84 37.91
C ALA A 326 -19.26 -22.83 38.63
N ALA A 327 -19.46 -24.02 38.05
CA ALA A 327 -20.30 -25.02 38.68
C ALA A 327 -19.74 -25.47 40.04
N VAL A 328 -18.41 -25.68 40.12
CA VAL A 328 -17.78 -26.09 41.39
C VAL A 328 -17.95 -25.00 42.44
N ASN A 329 -17.69 -23.74 42.03
CA ASN A 329 -17.78 -22.57 42.90
C ASN A 329 -19.19 -22.51 43.47
N PHE A 330 -20.20 -22.72 42.61
CA PHE A 330 -21.61 -22.66 43.02
C PHE A 330 -21.89 -23.75 44.05
N ILE A 331 -21.36 -24.96 43.84
CA ILE A 331 -21.58 -26.09 44.77
C ILE A 331 -20.95 -25.76 46.13
N ALA A 332 -19.74 -25.21 46.11
CA ALA A 332 -19.03 -24.84 47.34
C ALA A 332 -19.81 -23.74 48.06
N ARG A 333 -20.32 -22.76 47.30
CA ARG A 333 -21.08 -21.65 47.87
C ARG A 333 -22.34 -22.19 48.54
N GLN A 334 -23.00 -23.18 47.89
CA GLN A 334 -24.22 -23.76 48.44
C GLN A 334 -23.91 -24.39 49.79
N HIS A 335 -22.74 -25.06 49.86
CA HIS A 335 -22.31 -25.70 51.09
C HIS A 335 -22.09 -24.63 52.17
N LYS A 336 -21.48 -23.49 51.78
CA LYS A 336 -21.19 -22.40 52.71
C LYS A 336 -22.47 -21.80 53.29
N GLU A 337 -23.46 -21.58 52.42
CA GLU A 337 -24.75 -21.01 52.80
C GLU A 337 -25.51 -21.95 53.74
N LEU A 338 -25.41 -23.24 53.49
CA LEU A 338 -26.12 -24.21 54.31
C LEU A 338 -25.34 -24.63 55.56
N LEU A 339 -24.07 -24.20 55.72
CA LEU A 339 -23.28 -24.59 56.89
C LEU A 339 -23.92 -24.06 58.18
N GLU A 397 -23.91 -31.71 58.32
CA GLU A 397 -22.74 -32.51 58.67
C GLU A 397 -22.40 -33.51 57.57
N GLU A 398 -23.27 -34.53 57.42
CA GLU A 398 -23.06 -35.53 56.38
C GLU A 398 -23.25 -34.93 55.00
N MET A 399 -24.12 -33.93 54.87
CA MET A 399 -24.28 -33.31 53.57
C MET A 399 -23.12 -32.36 53.31
N ARG A 400 -22.53 -31.82 54.40
CA ARG A 400 -21.40 -30.93 54.29
C ARG A 400 -20.23 -31.68 53.67
N LYS A 401 -19.92 -32.84 54.26
CA LYS A 401 -18.83 -33.71 53.78
C LYS A 401 -19.15 -34.18 52.37
N LEU A 402 -20.42 -34.51 52.11
CA LEU A 402 -20.83 -34.99 50.79
C LEU A 402 -20.56 -33.91 49.73
N PHE A 403 -20.92 -32.65 50.04
CA PHE A 403 -20.69 -31.53 49.10
C PHE A 403 -19.20 -31.32 48.86
N ILE A 404 -18.39 -31.37 49.92
CA ILE A 404 -16.94 -31.19 49.77
C ILE A 404 -16.36 -32.33 48.93
N SER A 405 -16.83 -33.56 49.19
CA SER A 405 -16.39 -34.74 48.46
C SER A 405 -16.78 -34.62 47.00
N ARG A 406 -17.99 -34.12 46.73
CA ARG A 406 -18.49 -33.94 45.37
C ARG A 406 -17.62 -32.94 44.63
N ALA A 407 -17.23 -31.85 45.31
CA ALA A 407 -16.39 -30.82 44.70
C ALA A 407 -15.02 -31.41 44.33
N LYS A 408 -14.47 -32.22 45.24
CA LYS A 408 -13.19 -32.88 44.99
C LYS A 408 -13.32 -33.87 43.84
N ARG A 409 -14.40 -34.65 43.82
CA ARG A 409 -14.63 -35.66 42.79
C ARG A 409 -14.80 -35.02 41.41
N ILE A 410 -15.59 -33.94 41.31
CA ILE A 410 -15.79 -33.29 40.02
C ILE A 410 -14.46 -32.70 39.53
N ASP A 411 -13.68 -32.07 40.43
CA ASP A 411 -12.40 -31.49 40.02
C ASP A 411 -11.43 -32.56 39.53
N THR A 412 -11.30 -33.68 40.28
CA THR A 412 -10.38 -34.76 39.88
C THR A 412 -10.84 -35.43 38.57
N VAL A 413 -12.15 -35.62 38.38
CA VAL A 413 -12.65 -36.27 37.18
C VAL A 413 -12.54 -35.31 35.99
N SER A 414 -12.53 -34.01 36.24
CA SER A 414 -12.40 -33.05 35.15
C SER A 414 -10.94 -32.98 34.75
N ARG A 415 -10.05 -33.10 35.74
CA ARG A 415 -8.61 -33.11 35.49
C ARG A 415 -8.19 -34.36 34.73
N VAL A 416 -8.90 -35.48 34.94
CA VAL A 416 -8.60 -36.71 34.21
C VAL A 416 -9.26 -36.70 32.83
N ALA A 417 -10.55 -36.36 32.78
CA ALA A 417 -11.36 -36.40 31.57
C ALA A 417 -10.94 -35.40 30.50
N PHE A 418 -10.50 -34.20 30.90
CA PHE A 418 -10.12 -33.19 29.90
C PHE A 418 -8.92 -33.50 28.99
N PRO A 419 -7.80 -34.09 29.41
CA PRO A 419 -6.75 -34.39 28.42
C PRO A 419 -7.03 -35.58 27.52
N LEU A 420 -7.88 -36.53 27.91
CA LEU A 420 -8.17 -37.65 27.03
C LEU A 420 -9.10 -37.27 25.89
N VAL A 421 -10.07 -36.38 26.15
CA VAL A 421 -10.97 -35.93 25.09
C VAL A 421 -10.22 -35.03 24.11
N PHE A 422 -9.31 -34.20 24.62
CA PHE A 422 -8.51 -33.35 23.74
C PHE A 422 -7.50 -34.18 22.95
N LEU A 423 -6.97 -35.26 23.53
CA LEU A 423 -6.03 -36.11 22.81
C LEU A 423 -6.74 -36.94 21.74
N ILE A 424 -7.96 -37.41 22.02
CA ILE A 424 -8.66 -38.15 20.98
C ILE A 424 -9.20 -37.21 19.92
N PHE A 425 -9.43 -35.92 20.25
CA PHE A 425 -9.83 -34.99 19.21
C PHE A 425 -8.64 -34.69 18.31
N ASN A 426 -7.45 -34.56 18.91
CA ASN A 426 -6.23 -34.31 18.15
C ASN A 426 -5.92 -35.46 17.20
N ILE A 427 -6.08 -36.70 17.70
CA ILE A 427 -5.87 -37.89 16.88
C ILE A 427 -6.89 -37.99 15.75
N PHE A 428 -8.17 -37.78 16.05
CA PHE A 428 -9.23 -37.81 15.04
C PHE A 428 -9.08 -36.71 14.00
N TYR A 429 -8.73 -35.49 14.45
CA TYR A 429 -8.54 -34.35 13.57
C TYR A 429 -7.37 -34.56 12.62
N TRP A 430 -6.20 -34.96 13.15
CA TRP A 430 -5.07 -35.16 12.27
C TRP A 430 -5.21 -36.42 11.41
N ILE A 431 -5.95 -37.44 11.87
CA ILE A 431 -6.07 -38.59 10.98
C ILE A 431 -7.10 -38.33 9.87
N THR A 432 -8.11 -37.48 10.11
CA THR A 432 -9.04 -37.22 9.03
C THR A 432 -8.45 -36.21 8.05
N TYR A 433 -7.55 -35.34 8.54
CA TYR A 433 -6.95 -34.42 7.60
C TYR A 433 -5.77 -35.05 6.86
N LYS A 434 -5.12 -36.07 7.43
CA LYS A 434 -4.07 -36.72 6.65
C LYS A 434 -4.68 -37.67 5.63
N ILE A 435 -5.86 -38.25 5.93
CA ILE A 435 -6.46 -39.06 4.87
C ILE A 435 -7.10 -38.17 3.82
N ILE A 436 -7.55 -36.95 4.18
CA ILE A 436 -8.08 -36.11 3.11
C ILE A 436 -6.94 -35.43 2.36
N ARG A 437 -5.74 -35.36 2.96
CA ARG A 437 -4.59 -34.81 2.26
C ARG A 437 -4.06 -35.84 1.28
N SER A 438 -4.23 -37.12 1.62
CA SER A 438 -3.82 -38.16 0.71
C SER A 438 -4.86 -38.34 -0.39
N GLU A 439 -6.14 -38.07 -0.08
CA GLU A 439 -7.20 -38.24 -1.06
C GLU A 439 -7.32 -37.09 -2.06
N ASP A 440 -7.01 -35.85 -1.69
CA ASP A 440 -7.17 -34.78 -2.68
C ASP A 440 -5.99 -34.75 -3.65
N PRO B 31 -11.04 -14.79 -56.31
CA PRO B 31 -10.36 -14.62 -57.60
C PRO B 31 -9.55 -13.33 -57.66
N MET B 32 -9.93 -12.32 -56.83
CA MET B 32 -9.13 -11.11 -56.89
C MET B 32 -8.09 -11.09 -55.77
N PRO B 33 -6.92 -10.52 -56.05
CA PRO B 33 -5.84 -10.39 -55.05
C PRO B 33 -6.29 -9.72 -53.77
N PRO B 34 -5.97 -10.31 -52.60
CA PRO B 34 -6.39 -9.75 -51.31
C PRO B 34 -5.82 -8.36 -51.03
N SER B 35 -4.53 -8.16 -51.36
CA SER B 35 -3.86 -6.89 -51.12
C SER B 35 -4.52 -5.76 -51.91
N GLU B 36 -4.87 -6.02 -53.17
CA GLU B 36 -5.48 -5.00 -54.02
C GLU B 36 -6.81 -4.55 -53.44
N PHE B 37 -7.62 -5.52 -52.99
CA PHE B 37 -8.94 -5.24 -52.41
C PHE B 37 -8.79 -4.42 -51.13
N LEU B 38 -7.82 -4.82 -50.29
CA LEU B 38 -7.58 -4.09 -49.04
C LEU B 38 -7.10 -2.68 -49.34
N ASP B 39 -6.20 -2.53 -50.31
CA ASP B 39 -5.65 -1.20 -50.60
C ASP B 39 -6.75 -0.27 -51.12
N LYS B 40 -7.58 -0.76 -52.06
CA LYS B 40 -8.63 0.07 -52.65
C LYS B 40 -9.66 0.49 -51.60
N LEU B 41 -10.08 -0.45 -50.74
CA LEU B 41 -11.10 -0.16 -49.74
C LEU B 41 -10.44 0.56 -48.57
N MET B 42 -11.12 1.59 -48.04
CA MET B 42 -10.63 2.43 -46.92
C MET B 42 -9.25 3.00 -47.24
N GLY B 43 -9.12 3.50 -48.48
CA GLY B 43 -7.90 4.07 -49.01
C GLY B 43 -8.01 5.52 -49.44
N LYS B 44 -6.97 6.01 -50.10
CA LYS B 44 -6.88 7.39 -50.57
C LYS B 44 -7.20 7.54 -52.04
N VAL B 45 -7.39 6.43 -52.77
CA VAL B 45 -7.77 6.50 -54.17
C VAL B 45 -9.28 6.50 -54.32
N SER B 46 -10.01 6.23 -53.24
CA SER B 46 -11.46 6.23 -53.16
C SER B 46 -11.89 7.46 -52.37
N GLY B 47 -13.20 7.67 -52.28
CA GLY B 47 -13.69 8.82 -51.54
C GLY B 47 -13.99 8.59 -50.07
N TYR B 48 -13.38 7.55 -49.49
CA TYR B 48 -13.62 7.25 -48.09
C TYR B 48 -12.75 8.12 -47.20
N ASP B 49 -13.40 8.93 -46.36
CA ASP B 49 -12.72 9.80 -45.41
C ASP B 49 -13.06 9.31 -44.01
N ALA B 50 -12.03 8.92 -43.25
CA ALA B 50 -12.26 8.38 -41.92
C ALA B 50 -12.61 9.44 -40.88
N ARG B 51 -12.46 10.73 -41.18
CA ARG B 51 -12.76 11.76 -40.22
C ARG B 51 -14.20 12.26 -40.28
N ILE B 52 -15.05 11.70 -41.15
CA ILE B 52 -16.43 12.17 -41.23
C ILE B 52 -17.41 11.02 -40.98
N ARG B 53 -18.53 11.39 -40.36
CA ARG B 53 -19.62 10.46 -40.06
C ARG B 53 -20.27 9.98 -41.36
N PRO B 54 -20.64 8.70 -41.45
CA PRO B 54 -21.32 8.21 -42.65
C PRO B 54 -22.75 8.74 -42.69
N ASN B 55 -23.28 8.76 -43.93
CA ASN B 55 -24.59 9.33 -44.34
C ASN B 55 -24.77 10.71 -43.71
N PHE B 56 -23.78 11.55 -43.96
CA PHE B 56 -23.65 12.91 -43.45
C PHE B 56 -24.87 13.77 -43.76
N LYS B 57 -25.16 14.70 -42.84
CA LYS B 57 -26.29 15.63 -42.90
C LYS B 57 -27.64 14.93 -43.05
N GLY B 58 -27.81 13.79 -42.40
CA GLY B 58 -29.05 13.06 -42.48
C GLY B 58 -29.46 12.46 -41.15
N PRO B 59 -29.92 11.21 -41.16
CA PRO B 59 -30.32 10.58 -39.90
C PRO B 59 -29.11 10.08 -39.13
N PRO B 60 -29.24 9.89 -37.82
CA PRO B 60 -28.10 9.37 -37.05
C PRO B 60 -27.91 7.88 -37.27
N VAL B 61 -26.73 7.40 -36.89
CA VAL B 61 -26.37 6.00 -37.06
C VAL B 61 -26.58 5.30 -35.72
N ASN B 62 -27.21 4.12 -35.76
CA ASN B 62 -27.51 3.39 -34.53
C ASN B 62 -26.40 2.40 -34.23
N VAL B 63 -25.95 2.38 -32.98
CA VAL B 63 -24.90 1.49 -32.50
C VAL B 63 -25.53 0.44 -31.58
N THR B 64 -25.32 -0.83 -31.89
CA THR B 64 -25.87 -1.92 -31.09
C THR B 64 -24.73 -2.51 -30.27
N CYS B 65 -24.78 -2.31 -28.95
CA CYS B 65 -23.74 -2.76 -28.03
C CYS B 65 -24.16 -4.00 -27.23
N ASN B 66 -23.18 -4.87 -26.99
CA ASN B 66 -23.35 -6.08 -26.18
C ASN B 66 -22.23 -6.08 -25.15
N ILE B 67 -22.50 -6.66 -23.98
CA ILE B 67 -21.50 -6.71 -22.91
C ILE B 67 -21.25 -8.14 -22.48
N PHE B 68 -20.01 -8.59 -22.62
CA PHE B 68 -19.55 -9.90 -22.16
C PHE B 68 -18.62 -9.66 -20.97
N ILE B 69 -19.06 -10.06 -19.77
CA ILE B 69 -18.22 -9.86 -18.59
C ILE B 69 -17.23 -11.02 -18.53
N ASN B 70 -15.93 -10.69 -18.61
CA ASN B 70 -14.92 -11.74 -18.58
C ASN B 70 -14.56 -12.18 -17.17
N SER B 71 -14.27 -11.24 -16.27
CA SER B 71 -13.91 -11.62 -14.90
C SER B 71 -14.34 -10.54 -13.92
N PHE B 72 -15.46 -10.77 -13.25
CA PHE B 72 -15.96 -9.83 -12.25
C PHE B 72 -15.26 -10.16 -10.93
N GLY B 73 -15.02 -9.14 -10.13
CA GLY B 73 -14.35 -9.38 -8.85
C GLY B 73 -13.51 -8.18 -8.44
N SER B 74 -12.81 -8.37 -7.32
CA SER B 74 -11.93 -7.36 -6.72
C SER B 74 -12.67 -6.07 -6.38
N ILE B 75 -13.90 -6.21 -5.90
CA ILE B 75 -14.69 -5.04 -5.53
C ILE B 75 -14.09 -4.42 -4.27
N ALA B 76 -13.95 -3.10 -4.27
CA ALA B 76 -13.40 -2.39 -3.13
C ALA B 76 -14.57 -1.76 -2.38
N GLU B 77 -14.73 -2.14 -1.12
CA GLU B 77 -15.80 -1.64 -0.29
C GLU B 77 -15.40 -0.40 0.50
N THR B 78 -14.10 -0.07 0.54
CA THR B 78 -13.60 1.09 1.28
C THR B 78 -13.41 2.32 0.40
N THR B 79 -13.34 2.15 -0.92
CA THR B 79 -13.17 3.25 -1.86
C THR B 79 -14.31 3.29 -2.87
N MET B 80 -15.31 2.41 -2.70
CA MET B 80 -16.50 2.28 -3.54
C MET B 80 -16.23 2.10 -5.03
N ASP B 81 -15.53 1.01 -5.37
CA ASP B 81 -15.20 0.73 -6.75
C ASP B 81 -15.10 -0.78 -6.94
N TYR B 82 -14.89 -1.20 -8.18
CA TYR B 82 -14.78 -2.60 -8.55
C TYR B 82 -14.09 -2.71 -9.89
N ARG B 83 -13.38 -3.82 -10.10
CA ARG B 83 -12.63 -4.06 -11.33
C ARG B 83 -13.36 -5.09 -12.19
N VAL B 84 -13.63 -4.73 -13.44
CA VAL B 84 -14.34 -5.61 -14.37
C VAL B 84 -13.77 -5.39 -15.76
N ASN B 85 -13.58 -6.48 -16.51
CA ASN B 85 -13.11 -6.39 -17.88
C ASN B 85 -14.19 -6.86 -18.85
N ILE B 86 -14.69 -5.93 -19.65
CA ILE B 86 -15.75 -6.20 -20.60
C ILE B 86 -15.12 -6.37 -21.98
N PHE B 87 -15.92 -6.78 -22.96
CA PHE B 87 -15.40 -6.96 -24.31
C PHE B 87 -15.86 -5.87 -25.26
N LEU B 88 -16.98 -5.20 -24.96
CA LEU B 88 -17.57 -4.06 -25.67
C LEU B 88 -17.68 -4.23 -27.19
N ARG B 89 -18.52 -5.17 -27.62
CA ARG B 89 -18.68 -5.36 -29.06
C ARG B 89 -19.78 -4.39 -29.50
N GLN B 90 -19.53 -3.62 -30.56
CA GLN B 90 -20.51 -2.67 -31.05
C GLN B 90 -20.68 -2.79 -32.55
N GLN B 91 -21.94 -2.81 -33.01
CA GLN B 91 -22.26 -2.96 -34.42
C GLN B 91 -23.00 -1.73 -34.94
N TRP B 92 -22.64 -1.29 -36.14
CA TRP B 92 -23.31 -0.16 -36.78
C TRP B 92 -23.28 -0.40 -38.28
N ASN B 93 -24.04 0.40 -39.01
CA ASN B 93 -24.11 0.27 -40.46
C ASN B 93 -23.77 1.59 -41.15
N ASP B 94 -23.06 1.49 -42.27
CA ASP B 94 -22.64 2.63 -43.08
C ASP B 94 -23.03 2.39 -44.53
N PRO B 95 -23.34 3.44 -45.29
CA PRO B 95 -23.68 3.23 -46.71
C PRO B 95 -22.47 2.93 -47.57
N ARG B 96 -21.27 3.25 -47.08
CA ARG B 96 -20.01 2.98 -47.74
C ARG B 96 -19.48 1.62 -47.29
N LEU B 97 -18.30 1.24 -47.81
CA LEU B 97 -17.63 -0.05 -47.55
C LEU B 97 -18.52 -1.25 -47.89
N ALA B 98 -19.33 -1.12 -48.94
CA ALA B 98 -20.21 -2.18 -49.41
C ALA B 98 -19.67 -2.70 -50.74
N TYR B 99 -18.72 -3.64 -50.63
CA TYR B 99 -18.04 -4.22 -51.79
C TYR B 99 -19.03 -4.95 -52.71
N SER B 100 -19.82 -5.86 -52.14
CA SER B 100 -20.83 -6.68 -52.86
C SER B 100 -20.25 -7.42 -54.06
N GLU B 101 -19.01 -7.91 -53.93
CA GLU B 101 -18.35 -8.62 -55.02
C GLU B 101 -17.67 -9.91 -54.59
N TYR B 102 -17.51 -10.18 -53.25
CA TYR B 102 -16.89 -11.42 -52.80
C TYR B 102 -17.96 -12.48 -52.60
N PRO B 103 -17.66 -13.76 -52.80
CA PRO B 103 -18.71 -14.79 -52.64
C PRO B 103 -19.08 -15.14 -51.20
N ASP B 104 -18.36 -14.65 -50.20
CA ASP B 104 -18.69 -14.99 -48.81
C ASP B 104 -19.56 -13.89 -48.20
N ASP B 105 -20.07 -14.15 -46.99
CA ASP B 105 -20.92 -13.17 -46.33
C ASP B 105 -20.12 -12.09 -45.61
N SER B 106 -19.09 -12.46 -44.84
CA SER B 106 -18.30 -11.50 -44.10
C SER B 106 -16.81 -11.72 -44.31
N LEU B 107 -16.03 -10.69 -43.99
CA LEU B 107 -14.58 -10.70 -44.18
C LEU B 107 -13.91 -10.36 -42.86
N ASP B 108 -12.76 -10.98 -42.61
CA ASP B 108 -11.99 -10.70 -41.41
C ASP B 108 -10.81 -9.82 -41.80
N LEU B 109 -10.74 -8.63 -41.20
CA LEU B 109 -9.69 -7.66 -41.48
C LEU B 109 -8.63 -7.76 -40.37
N ASP B 110 -7.44 -7.23 -40.64
CA ASP B 110 -6.35 -7.25 -39.68
C ASP B 110 -6.56 -6.17 -38.62
N PRO B 111 -6.21 -6.46 -37.35
CA PRO B 111 -6.39 -5.48 -36.27
C PRO B 111 -5.39 -4.33 -36.22
N SER B 112 -4.56 -4.12 -37.23
CA SER B 112 -3.61 -3.00 -37.20
C SER B 112 -4.00 -1.91 -38.19
N MET B 113 -5.23 -1.94 -38.68
CA MET B 113 -5.79 -0.97 -39.62
C MET B 113 -7.10 -0.42 -39.07
N LEU B 114 -7.06 0.02 -37.80
CA LEU B 114 -8.23 0.55 -37.12
C LEU B 114 -8.29 2.07 -37.09
N ASP B 115 -7.29 2.77 -37.64
CA ASP B 115 -7.31 4.22 -37.63
C ASP B 115 -7.94 4.80 -38.89
N SER B 116 -8.65 3.97 -39.65
CA SER B 116 -9.32 4.38 -40.87
C SER B 116 -10.74 3.83 -40.95
N ILE B 117 -11.24 3.17 -39.91
CA ILE B 117 -12.57 2.57 -39.90
C ILE B 117 -13.61 3.45 -39.19
N TRP B 118 -13.23 4.68 -38.77
CA TRP B 118 -14.12 5.64 -38.10
C TRP B 118 -14.79 5.04 -36.85
N LYS B 119 -14.01 4.47 -35.93
CA LYS B 119 -14.64 3.94 -34.74
C LYS B 119 -15.35 5.07 -33.99
N PRO B 120 -16.55 4.84 -33.47
CA PRO B 120 -17.29 5.89 -32.77
C PRO B 120 -16.70 6.17 -31.38
N ASP B 121 -17.18 7.26 -30.78
CA ASP B 121 -16.71 7.66 -29.47
C ASP B 121 -17.57 7.06 -28.36
N LEU B 122 -16.90 6.57 -27.32
CA LEU B 122 -17.58 5.97 -26.18
C LEU B 122 -16.71 6.12 -24.94
N PHE B 123 -17.29 6.59 -23.83
CA PHE B 123 -16.56 6.68 -22.58
C PHE B 123 -17.52 6.27 -21.46
N PHE B 124 -17.00 6.19 -20.25
CA PHE B 124 -17.78 5.81 -19.07
C PHE B 124 -17.80 6.98 -18.12
N ALA B 125 -18.99 7.30 -17.58
CA ALA B 125 -19.13 8.45 -16.69
C ALA B 125 -18.46 8.26 -15.33
N ASN B 126 -18.22 7.02 -14.92
CA ASN B 126 -17.55 6.72 -13.66
C ASN B 126 -16.31 5.88 -13.98
N GLU B 127 -15.14 6.52 -14.01
CA GLU B 127 -13.93 5.78 -14.36
C GLU B 127 -12.75 6.16 -13.46
N LYS B 128 -11.80 5.23 -13.37
CA LYS B 128 -10.56 5.39 -12.61
C LYS B 128 -9.50 4.58 -13.35
N GLY B 129 -8.64 5.24 -14.10
CA GLY B 129 -7.61 4.54 -14.84
C GLY B 129 -8.17 4.07 -16.16
N ALA B 130 -8.67 2.82 -16.18
CA ALA B 130 -9.27 2.16 -17.35
C ALA B 130 -8.31 2.08 -18.54
N ASN B 131 -7.29 1.25 -18.36
CA ASN B 131 -6.28 1.06 -19.39
C ASN B 131 -6.76 0.05 -20.44
N PHE B 132 -5.95 -0.13 -21.48
CA PHE B 132 -6.21 -1.09 -22.54
C PHE B 132 -5.56 -2.44 -22.22
N HIS B 133 -5.48 -3.28 -23.25
CA HIS B 133 -4.84 -4.59 -23.17
C HIS B 133 -4.02 -4.75 -24.45
N GLU B 134 -2.70 -4.91 -24.27
CA GLU B 134 -1.72 -5.03 -25.35
C GLU B 134 -0.72 -6.14 -24.99
N VAL B 135 -1.18 -7.40 -25.06
CA VAL B 135 -0.29 -8.52 -24.80
C VAL B 135 -0.14 -9.30 -26.10
N THR B 136 1.11 -9.45 -26.54
CA THR B 136 1.62 -10.12 -27.75
C THR B 136 1.28 -9.28 -28.98
N THR B 137 -0.02 -9.10 -29.20
CA THR B 137 -0.62 -8.34 -30.29
C THR B 137 -1.80 -7.56 -29.73
N ASP B 138 -2.21 -6.52 -30.46
CA ASP B 138 -3.32 -5.68 -30.04
C ASP B 138 -4.59 -6.52 -29.92
N ASN B 139 -5.33 -6.28 -28.83
CA ASN B 139 -6.56 -7.01 -28.52
C ASN B 139 -7.80 -6.42 -29.17
N LYS B 140 -7.70 -6.02 -30.43
CA LYS B 140 -8.82 -5.47 -31.18
C LYS B 140 -9.44 -6.55 -32.07
N LEU B 141 -10.60 -6.22 -32.66
CA LEU B 141 -11.30 -7.12 -33.57
C LEU B 141 -12.05 -6.23 -34.55
N LEU B 142 -12.07 -6.64 -35.81
CA LEU B 142 -12.81 -5.86 -36.81
C LEU B 142 -13.33 -6.78 -37.91
N ARG B 143 -14.65 -6.89 -38.01
CA ARG B 143 -15.32 -7.70 -39.02
C ARG B 143 -16.11 -6.77 -39.94
N ILE B 144 -16.26 -7.17 -41.20
CA ILE B 144 -16.98 -6.37 -42.19
C ILE B 144 -17.72 -7.30 -43.15
N SER B 145 -19.03 -7.05 -43.33
CA SER B 145 -19.88 -7.86 -44.19
C SER B 145 -20.19 -7.13 -45.49
N LYS B 146 -21.01 -7.77 -46.32
CA LYS B 146 -21.38 -7.21 -47.63
C LYS B 146 -22.31 -6.00 -47.50
N ASN B 147 -23.20 -6.00 -46.51
CA ASN B 147 -24.12 -4.88 -46.33
C ASN B 147 -23.45 -3.70 -45.65
N GLY B 148 -22.49 -3.95 -44.77
CA GLY B 148 -21.82 -2.90 -44.04
C GLY B 148 -21.92 -3.02 -42.53
N ASN B 149 -22.53 -4.07 -41.99
CA ASN B 149 -22.63 -4.22 -40.55
C ASN B 149 -21.28 -4.69 -40.06
N VAL B 150 -20.64 -3.88 -39.23
CA VAL B 150 -19.31 -4.19 -38.73
C VAL B 150 -19.38 -4.69 -37.29
N LEU B 151 -18.26 -5.23 -36.82
CA LEU B 151 -18.07 -5.72 -35.46
C LEU B 151 -16.80 -5.09 -34.92
N TYR B 152 -16.82 -4.68 -33.65
CA TYR B 152 -15.62 -4.07 -33.06
C TYR B 152 -15.66 -4.31 -31.55
N SER B 153 -14.87 -5.27 -31.09
CA SER B 153 -14.83 -5.61 -29.67
C SER B 153 -13.41 -5.46 -29.16
N ILE B 154 -13.27 -4.78 -28.02
CA ILE B 154 -11.96 -4.52 -27.42
C ILE B 154 -12.05 -4.85 -25.93
N ARG B 155 -11.16 -5.71 -25.44
CA ARG B 155 -11.20 -6.00 -24.02
C ARG B 155 -10.45 -4.90 -23.27
N ILE B 156 -11.14 -4.28 -22.31
CA ILE B 156 -10.60 -3.18 -21.52
C ILE B 156 -10.89 -3.44 -20.06
N THR B 157 -9.88 -3.26 -19.21
CA THR B 157 -10.04 -3.48 -17.78
C THR B 157 -10.50 -2.15 -17.18
N LEU B 158 -11.70 -2.14 -16.63
CA LEU B 158 -12.28 -0.95 -16.04
C LEU B 158 -12.35 -1.02 -14.53
N VAL B 159 -12.08 0.12 -13.90
CA VAL B 159 -12.20 0.29 -12.45
C VAL B 159 -13.31 1.32 -12.31
N LEU B 160 -14.54 0.83 -12.32
CA LEU B 160 -15.73 1.65 -12.25
C LEU B 160 -16.09 1.98 -10.81
N ALA B 161 -16.43 3.24 -10.56
CA ALA B 161 -16.82 3.69 -9.23
C ALA B 161 -18.34 3.61 -9.09
N CYS B 162 -18.80 2.90 -8.06
CA CYS B 162 -20.23 2.75 -7.82
C CYS B 162 -20.60 3.36 -6.47
N PRO B 163 -21.64 4.20 -6.40
CA PRO B 163 -22.04 4.82 -5.11
C PRO B 163 -22.96 3.92 -4.28
N MET B 164 -22.37 2.88 -3.70
CA MET B 164 -23.13 1.93 -2.89
C MET B 164 -23.63 2.57 -1.59
N ASP B 165 -24.88 2.24 -1.24
CA ASP B 165 -25.51 2.72 -0.01
C ASP B 165 -25.47 1.54 0.95
N LEU B 166 -24.91 1.73 2.13
CA LEU B 166 -24.79 0.67 3.11
C LEU B 166 -25.69 0.91 4.31
N LYS B 167 -27.02 0.87 4.11
CA LYS B 167 -27.91 1.09 5.25
C LYS B 167 -27.75 0.03 6.33
N ASN B 168 -27.65 -1.24 5.94
CA ASN B 168 -27.43 -2.36 6.85
C ASN B 168 -26.18 -3.11 6.42
N PHE B 169 -25.17 -3.15 7.29
CA PHE B 169 -23.99 -3.86 6.79
C PHE B 169 -24.01 -5.38 6.53
N PRO B 170 -24.61 -6.26 7.38
CA PRO B 170 -24.53 -7.69 7.03
C PRO B 170 -25.21 -8.12 5.74
N MET B 171 -26.42 -7.61 5.47
CA MET B 171 -27.14 -7.96 4.25
C MET B 171 -26.48 -7.37 3.02
N ASP B 172 -26.18 -6.06 3.11
CA ASP B 172 -25.50 -5.22 2.12
C ASP B 172 -25.97 -5.48 0.68
N VAL B 173 -27.25 -5.21 0.43
CA VAL B 173 -27.79 -5.35 -0.92
C VAL B 173 -27.15 -4.25 -1.74
N GLN B 174 -26.66 -4.57 -2.94
CA GLN B 174 -25.98 -3.53 -3.71
C GLN B 174 -26.33 -3.60 -5.18
N THR B 175 -26.21 -2.44 -5.80
CA THR B 175 -26.43 -2.23 -7.22
C THR B 175 -25.20 -1.53 -7.79
N CYS B 176 -24.67 -2.07 -8.88
CA CYS B 176 -23.48 -1.55 -9.55
C CYS B 176 -23.90 -1.22 -10.97
N ILE B 177 -23.43 -0.07 -11.46
CA ILE B 177 -23.75 0.40 -12.80
C ILE B 177 -22.48 0.71 -13.58
N MET B 178 -22.70 1.22 -14.80
CA MET B 178 -21.73 1.63 -15.79
C MET B 178 -22.52 2.36 -16.86
N GLN B 179 -22.10 3.57 -17.21
CA GLN B 179 -22.81 4.41 -18.18
C GLN B 179 -22.07 4.62 -19.49
N LEU B 180 -22.50 3.90 -20.53
CA LEU B 180 -21.92 4.04 -21.86
C LEU B 180 -22.47 5.34 -22.44
N GLU B 181 -21.59 6.25 -22.83
CA GLU B 181 -22.04 7.55 -23.31
C GLU B 181 -21.04 8.09 -24.32
N SER B 182 -21.54 8.77 -25.35
CA SER B 182 -20.73 9.38 -26.39
C SER B 182 -20.06 10.66 -25.87
N PHE B 183 -19.09 11.15 -26.63
CA PHE B 183 -18.37 12.36 -26.22
C PHE B 183 -18.01 13.18 -27.47
N GLY B 184 -18.91 14.10 -27.82
CA GLY B 184 -18.73 14.95 -28.99
C GLY B 184 -19.79 14.76 -30.06
N TYR B 185 -20.70 13.81 -29.89
CA TYR B 185 -21.77 13.56 -30.84
C TYR B 185 -23.08 13.66 -30.06
N THR B 186 -23.94 14.59 -30.45
CA THR B 186 -25.20 14.82 -29.77
C THR B 186 -26.24 13.72 -30.07
N MET B 187 -27.42 13.91 -29.49
CA MET B 187 -28.54 12.98 -29.63
C MET B 187 -29.09 12.96 -31.05
N ASN B 188 -29.02 14.10 -31.76
CA ASN B 188 -29.48 14.18 -33.13
C ASN B 188 -28.35 13.97 -34.13
N ASP B 189 -27.24 13.43 -33.68
CA ASP B 189 -26.05 13.17 -34.48
C ASP B 189 -25.63 11.71 -34.37
N LEU B 190 -25.70 11.12 -33.17
CA LEU B 190 -25.34 9.73 -32.94
C LEU B 190 -26.13 9.25 -31.72
N ILE B 191 -26.96 8.22 -31.91
CA ILE B 191 -27.77 7.67 -30.83
C ILE B 191 -27.43 6.20 -30.63
N PHE B 192 -27.08 5.85 -29.38
CA PHE B 192 -26.72 4.49 -29.02
C PHE B 192 -27.96 3.69 -28.64
N GLU B 193 -27.86 2.37 -28.77
CA GLU B 193 -28.95 1.46 -28.43
C GLU B 193 -28.37 0.15 -27.90
N TRP B 194 -29.23 -0.65 -27.28
CA TRP B 194 -28.83 -1.95 -26.78
C TRP B 194 -29.16 -3.01 -27.84
N ASP B 195 -29.08 -4.28 -27.44
CA ASP B 195 -29.37 -5.41 -28.31
C ASP B 195 -30.59 -6.15 -27.77
N GLU B 196 -31.17 -7.02 -28.60
CA GLU B 196 -32.33 -7.78 -28.17
C GLU B 196 -32.04 -9.26 -27.98
N LYS B 197 -31.10 -9.82 -28.74
CA LYS B 197 -30.72 -11.22 -28.59
C LYS B 197 -29.62 -11.22 -27.55
N GLY B 198 -30.01 -11.29 -26.27
CA GLY B 198 -29.00 -11.24 -25.23
C GLY B 198 -28.67 -9.79 -24.90
N ALA B 199 -28.63 -9.44 -23.61
CA ALA B 199 -28.35 -8.07 -23.23
C ALA B 199 -26.97 -7.91 -22.62
N VAL B 200 -26.70 -8.56 -21.49
CA VAL B 200 -25.40 -8.52 -20.83
C VAL B 200 -25.04 -9.96 -20.54
N GLN B 201 -23.99 -10.46 -21.18
CA GLN B 201 -23.55 -11.83 -20.97
C GLN B 201 -22.45 -11.90 -19.92
N VAL B 202 -22.43 -13.03 -19.20
CA VAL B 202 -21.46 -13.27 -18.14
C VAL B 202 -20.65 -14.50 -18.55
N ALA B 203 -19.50 -14.68 -17.91
CA ALA B 203 -18.65 -15.81 -18.22
C ALA B 203 -19.22 -17.07 -17.56
N ASP B 204 -18.96 -18.22 -18.18
CA ASP B 204 -19.45 -19.48 -17.64
C ASP B 204 -18.64 -19.88 -16.42
N GLY B 205 -19.34 -20.13 -15.31
CA GLY B 205 -18.66 -20.50 -14.09
C GLY B 205 -17.98 -19.36 -13.38
N LEU B 206 -18.60 -18.17 -13.37
CA LEU B 206 -18.02 -17.01 -12.73
C LEU B 206 -18.64 -16.83 -11.34
N THR B 207 -17.83 -17.03 -10.31
CA THR B 207 -18.26 -16.88 -8.93
C THR B 207 -17.46 -15.78 -8.25
N LEU B 208 -18.03 -15.20 -7.21
CA LEU B 208 -17.35 -14.16 -6.45
C LEU B 208 -17.23 -14.61 -5.01
N PRO B 209 -16.14 -14.27 -4.32
CA PRO B 209 -16.02 -14.70 -2.93
C PRO B 209 -16.85 -13.85 -1.97
N GLN B 210 -17.00 -12.56 -2.27
CA GLN B 210 -17.78 -11.70 -1.39
C GLN B 210 -19.27 -11.77 -1.69
N PHE B 211 -19.64 -11.59 -2.96
CA PHE B 211 -21.03 -11.55 -3.39
C PHE B 211 -21.39 -12.72 -4.30
N ILE B 212 -22.61 -12.66 -4.83
CA ILE B 212 -23.14 -13.60 -5.80
C ILE B 212 -23.88 -12.76 -6.84
N LEU B 213 -23.79 -13.16 -8.10
CA LEU B 213 -24.42 -12.38 -9.17
C LEU B 213 -25.87 -12.77 -9.39
N LYS B 214 -26.73 -11.76 -9.51
CA LYS B 214 -28.15 -11.98 -9.78
C LYS B 214 -28.35 -12.15 -11.28
N GLU B 215 -29.16 -13.13 -11.67
CA GLU B 215 -29.37 -13.41 -13.08
C GLU B 215 -30.53 -12.61 -13.68
N GLU B 216 -30.91 -11.48 -13.08
CA GLU B 216 -32.00 -10.70 -13.65
C GLU B 216 -31.49 -9.72 -14.70
N LYS B 217 -30.38 -9.04 -14.39
CA LYS B 217 -29.69 -8.05 -15.20
C LYS B 217 -30.61 -6.90 -15.64
N ASP B 218 -31.02 -6.11 -14.65
CA ASP B 218 -31.91 -4.97 -14.89
C ASP B 218 -31.21 -3.92 -15.75
N LEU B 219 -31.85 -3.51 -16.84
CA LEU B 219 -31.22 -2.54 -17.74
C LEU B 219 -32.24 -1.61 -18.37
N ARG B 220 -31.84 -0.36 -18.53
CA ARG B 220 -32.63 0.73 -19.09
C ARG B 220 -31.63 1.83 -19.46
N TYR B 221 -32.11 2.98 -19.87
CA TYR B 221 -31.15 4.03 -20.19
C TYR B 221 -31.67 5.42 -19.85
N CYS B 222 -30.76 6.23 -19.31
CA CYS B 222 -30.97 7.62 -18.95
C CYS B 222 -30.51 8.50 -20.11
N THR B 223 -30.29 9.78 -19.85
CA THR B 223 -29.81 10.72 -20.86
C THR B 223 -29.08 11.84 -20.13
N LYS B 224 -28.30 12.61 -20.88
CA LYS B 224 -27.53 13.71 -20.32
C LYS B 224 -27.89 15.03 -20.99
N HIS B 225 -27.93 16.10 -20.19
CA HIS B 225 -28.25 17.44 -20.67
C HIS B 225 -27.19 18.41 -20.12
N TYR B 226 -26.15 18.67 -20.92
CA TYR B 226 -25.12 19.61 -20.52
C TYR B 226 -25.45 20.98 -21.10
N ASN B 227 -24.51 21.92 -21.02
CA ASN B 227 -24.77 23.24 -21.57
C ASN B 227 -24.40 23.34 -23.04
N THR B 228 -23.88 22.25 -23.64
CA THR B 228 -23.49 22.25 -25.04
C THR B 228 -24.46 21.50 -25.94
N GLY B 229 -25.32 20.66 -25.38
CA GLY B 229 -26.27 19.91 -26.18
C GLY B 229 -26.79 18.71 -25.41
N LYS B 230 -27.59 17.91 -26.11
CA LYS B 230 -28.18 16.70 -25.56
C LYS B 230 -27.37 15.50 -25.99
N PHE B 231 -26.77 14.80 -25.04
CA PHE B 231 -25.94 13.63 -25.31
C PHE B 231 -26.61 12.36 -24.79
N THR B 232 -26.48 11.28 -25.56
CA THR B 232 -27.04 10.00 -25.19
C THR B 232 -26.17 9.33 -24.14
N CYS B 233 -26.80 8.53 -23.29
CA CYS B 233 -26.09 7.84 -22.22
C CYS B 233 -26.84 6.57 -21.86
N ILE B 234 -26.29 5.42 -22.25
CA ILE B 234 -26.93 4.12 -22.04
C ILE B 234 -26.23 3.44 -20.88
N GLU B 235 -27.01 2.84 -19.97
CA GLU B 235 -26.43 2.18 -18.81
C GLU B 235 -27.02 0.79 -18.61
N ALA B 236 -26.50 0.10 -17.59
CA ALA B 236 -26.92 -1.25 -17.22
C ALA B 236 -26.66 -1.41 -15.73
N ARG B 237 -27.59 -2.04 -15.02
CA ARG B 237 -27.46 -2.21 -13.58
C ARG B 237 -27.31 -3.69 -13.19
N PHE B 238 -26.44 -3.95 -12.21
CA PHE B 238 -26.22 -5.28 -11.69
C PHE B 238 -26.76 -5.33 -10.27
N HIS B 239 -26.93 -6.54 -9.72
CA HIS B 239 -27.42 -6.67 -8.36
C HIS B 239 -26.56 -7.69 -7.62
N LEU B 240 -25.90 -7.25 -6.54
CA LEU B 240 -25.01 -8.14 -5.80
C LEU B 240 -25.40 -8.22 -4.32
N GLU B 241 -25.74 -9.41 -3.85
CA GLU B 241 -26.07 -9.58 -2.43
C GLU B 241 -24.97 -10.35 -1.72
N ARG B 242 -24.81 -10.08 -0.43
CA ARG B 242 -23.76 -10.71 0.38
C ARG B 242 -23.99 -12.18 0.70
N GLN B 243 -22.99 -12.99 0.40
CA GLN B 243 -23.04 -14.41 0.71
C GLN B 243 -22.66 -14.45 2.19
N MET B 244 -23.67 -14.59 3.03
CA MET B 244 -23.50 -14.62 4.48
C MET B 244 -22.77 -15.88 4.98
N GLY B 245 -22.08 -15.70 6.11
CA GLY B 245 -21.28 -16.73 6.74
C GLY B 245 -19.93 -16.24 7.23
N TYR B 246 -19.46 -15.11 6.70
CA TYR B 246 -18.19 -14.55 7.16
C TYR B 246 -18.40 -13.73 8.42
N TYR B 247 -19.33 -12.78 8.34
CA TYR B 247 -19.69 -11.84 9.41
C TYR B 247 -20.31 -12.53 10.62
N LEU B 248 -20.82 -13.74 10.45
CA LEU B 248 -21.39 -14.53 11.53
C LEU B 248 -20.33 -15.09 12.47
N ILE B 249 -19.15 -15.41 11.94
CA ILE B 249 -18.00 -15.96 12.66
C ILE B 249 -17.08 -14.84 13.16
N GLN B 250 -16.92 -13.77 12.39
CA GLN B 250 -16.04 -12.67 12.77
C GLN B 250 -16.66 -11.77 13.84
N MET B 251 -17.96 -11.45 13.73
CA MET B 251 -18.61 -10.55 14.69
C MET B 251 -19.69 -11.23 15.53
N TYR B 252 -20.70 -11.88 14.94
CA TYR B 252 -21.81 -12.45 15.75
C TYR B 252 -21.35 -13.55 16.70
N ILE B 253 -20.51 -14.51 16.26
CA ILE B 253 -20.13 -15.61 17.17
C ILE B 253 -19.31 -15.11 18.37
N PRO B 254 -18.27 -14.23 18.23
CA PRO B 254 -17.54 -13.79 19.44
C PRO B 254 -18.38 -13.02 20.46
N SER B 255 -19.29 -12.15 19.98
CA SER B 255 -20.15 -11.35 20.87
C SER B 255 -21.04 -12.24 21.73
N LEU B 256 -21.53 -13.35 21.14
CA LEU B 256 -22.37 -14.26 21.91
C LEU B 256 -21.55 -14.81 23.05
N LEU B 257 -20.27 -15.17 22.77
CA LEU B 257 -19.39 -15.75 23.78
C LEU B 257 -18.99 -14.73 24.86
N ILE B 258 -19.55 -13.52 24.80
CA ILE B 258 -19.30 -12.45 25.74
C ILE B 258 -20.51 -12.29 26.63
N VAL B 259 -21.70 -12.44 26.04
CA VAL B 259 -22.90 -12.40 26.88
C VAL B 259 -22.99 -13.68 27.70
N ILE B 260 -22.48 -14.81 27.17
CA ILE B 260 -22.47 -16.04 27.97
C ILE B 260 -21.49 -15.86 29.12
N LEU B 261 -20.41 -15.11 28.87
CA LEU B 261 -19.40 -14.78 29.89
C LEU B 261 -20.00 -13.91 30.99
N SER B 262 -20.91 -12.99 30.61
CA SER B 262 -21.55 -12.19 31.65
C SER B 262 -22.58 -13.02 32.40
N TRP B 263 -23.14 -14.05 31.77
CA TRP B 263 -24.07 -14.89 32.52
C TRP B 263 -23.29 -15.81 33.44
N VAL B 264 -22.03 -16.08 33.08
CA VAL B 264 -21.13 -16.85 33.92
C VAL B 264 -20.81 -16.02 35.14
N SER B 265 -20.63 -14.71 34.94
CA SER B 265 -20.44 -13.82 36.07
C SER B 265 -21.69 -13.77 36.92
N PHE B 266 -22.86 -13.96 36.33
CA PHE B 266 -24.05 -14.04 37.18
C PHE B 266 -24.10 -15.32 38.01
N TRP B 267 -23.53 -16.44 37.52
CA TRP B 267 -23.50 -17.70 38.28
C TRP B 267 -22.25 -17.86 39.17
N ILE B 268 -21.92 -16.86 39.96
CA ILE B 268 -20.76 -16.86 40.86
C ILE B 268 -21.14 -16.24 42.21
N ASN B 269 -20.38 -16.57 43.26
CA ASN B 269 -20.64 -16.08 44.61
C ASN B 269 -20.41 -14.57 44.76
N MET B 270 -21.39 -13.92 45.43
CA MET B 270 -21.36 -12.48 45.69
C MET B 270 -20.29 -12.02 46.67
N ASP B 271 -19.86 -12.89 47.60
CA ASP B 271 -18.89 -12.47 48.62
C ASP B 271 -17.57 -12.00 48.00
N ALA B 272 -17.10 -12.72 46.99
CA ALA B 272 -15.86 -12.44 46.28
C ALA B 272 -16.00 -11.18 45.42
N ALA B 273 -15.24 -10.14 45.77
CA ALA B 273 -15.22 -8.84 45.11
C ALA B 273 -14.21 -8.80 43.94
N PRO B 274 -12.86 -9.21 44.10
CA PRO B 274 -11.90 -9.14 42.98
C PRO B 274 -12.30 -9.75 41.62
N ALA B 275 -12.49 -11.08 41.63
CA ALA B 275 -12.84 -11.91 40.48
C ALA B 275 -14.00 -11.33 39.66
N ARG B 276 -15.18 -11.17 40.27
CA ARG B 276 -16.36 -10.64 39.57
C ARG B 276 -16.09 -9.33 38.85
N VAL B 277 -15.57 -8.35 39.61
CA VAL B 277 -15.25 -7.02 39.09
C VAL B 277 -14.40 -7.19 37.83
N GLY B 278 -13.29 -7.93 37.96
CA GLY B 278 -12.38 -8.17 36.85
C GLY B 278 -13.10 -8.75 35.64
N LEU B 279 -13.97 -9.75 35.87
CA LEU B 279 -14.72 -10.42 34.80
C LEU B 279 -15.63 -9.45 34.06
N GLY B 280 -16.32 -8.60 34.81
CA GLY B 280 -17.25 -7.63 34.23
C GLY B 280 -16.49 -6.65 33.36
N ILE B 281 -15.38 -6.15 33.90
CA ILE B 281 -14.54 -5.16 33.24
C ILE B 281 -13.95 -5.73 31.96
N THR B 282 -13.42 -6.96 32.05
CA THR B 282 -12.78 -7.61 30.92
C THR B 282 -13.76 -7.81 29.76
N THR B 283 -14.99 -8.23 30.09
CA THR B 283 -16.02 -8.47 29.08
C THR B 283 -16.37 -7.17 28.36
N VAL B 284 -16.48 -6.08 29.13
CA VAL B 284 -16.82 -4.76 28.60
C VAL B 284 -15.70 -4.29 27.65
N LEU B 285 -14.45 -4.48 28.08
CA LEU B 285 -13.29 -4.06 27.29
C LEU B 285 -13.22 -4.81 25.97
N THR B 286 -13.46 -6.12 26.00
CA THR B 286 -13.42 -6.92 24.76
C THR B 286 -14.51 -6.46 23.82
N MET B 287 -15.69 -6.15 24.36
CA MET B 287 -16.81 -5.70 23.54
C MET B 287 -16.43 -4.40 22.82
N THR B 288 -15.74 -3.50 23.55
CA THR B 288 -15.34 -2.23 22.94
C THR B 288 -14.30 -2.47 21.85
N THR B 289 -13.21 -3.20 22.16
CA THR B 289 -12.14 -3.47 21.19
C THR B 289 -12.74 -4.09 19.92
N GLN B 290 -13.50 -5.18 20.10
CA GLN B 290 -14.15 -5.90 19.00
C GLN B 290 -14.96 -4.94 18.15
N SER B 291 -15.87 -4.20 18.80
CA SER B 291 -16.76 -3.22 18.16
C SER B 291 -15.93 -2.29 17.27
N SER B 292 -14.88 -1.69 17.86
CA SER B 292 -14.01 -0.77 17.15
C SER B 292 -13.49 -1.44 15.88
N GLY B 293 -12.73 -2.53 16.07
CA GLY B 293 -12.11 -3.31 15.00
C GLY B 293 -13.04 -3.78 13.88
N SER B 294 -14.34 -3.83 14.18
CA SER B 294 -15.36 -4.30 13.25
C SER B 294 -15.66 -3.25 12.16
N ARG B 295 -15.46 -1.98 12.48
CA ARG B 295 -15.70 -0.85 11.59
C ARG B 295 -14.42 -0.42 10.86
N ALA B 296 -13.29 -1.08 11.14
CA ALA B 296 -12.02 -0.73 10.51
C ALA B 296 -12.07 -0.93 9.00
N SER B 297 -12.62 -2.07 8.55
CA SER B 297 -12.69 -2.37 7.13
C SER B 297 -13.57 -1.35 6.41
N LEU B 298 -14.69 -0.99 7.03
CA LEU B 298 -15.64 -0.05 6.46
C LEU B 298 -15.09 1.37 6.36
N PRO B 299 -15.44 2.12 5.31
CA PRO B 299 -14.94 3.48 5.18
C PRO B 299 -15.75 4.39 6.11
N LYS B 300 -15.18 5.56 6.40
CA LYS B 300 -15.83 6.54 7.28
C LYS B 300 -17.24 6.89 6.79
N VAL B 301 -18.26 6.60 7.59
CA VAL B 301 -19.65 6.88 7.24
C VAL B 301 -20.33 7.57 8.42
N SER B 302 -21.40 8.31 8.15
CA SER B 302 -22.08 9.05 9.21
C SER B 302 -23.28 8.29 9.77
N TYR B 303 -24.13 7.75 8.91
CA TYR B 303 -25.35 7.07 9.33
C TYR B 303 -25.02 5.79 10.09
N VAL B 304 -25.73 5.56 11.21
CA VAL B 304 -25.49 4.36 12.02
C VAL B 304 -25.85 3.11 11.23
N LYS B 305 -25.02 2.08 11.36
CA LYS B 305 -25.17 0.81 10.68
C LYS B 305 -25.87 -0.23 11.56
N ALA B 306 -26.30 -1.33 10.90
CA ALA B 306 -26.99 -2.41 11.62
C ALA B 306 -26.05 -3.06 12.65
N ILE B 307 -24.79 -3.24 12.25
CA ILE B 307 -23.78 -3.87 13.10
C ILE B 307 -23.56 -3.02 14.35
N ASP B 308 -23.56 -1.69 14.17
CA ASP B 308 -23.36 -0.80 15.31
C ASP B 308 -24.48 -0.98 16.32
N ILE B 309 -25.72 -1.14 15.82
CA ILE B 309 -26.89 -1.34 16.68
C ILE B 309 -26.72 -2.61 17.50
N TRP B 310 -26.25 -3.68 16.82
CA TRP B 310 -26.04 -4.97 17.50
C TRP B 310 -24.96 -4.85 18.57
N MET B 311 -23.86 -4.16 18.23
CA MET B 311 -22.76 -3.98 19.18
C MET B 311 -23.21 -3.17 20.37
N ALA B 312 -24.00 -2.11 20.13
CA ALA B 312 -24.48 -1.26 21.21
C ALA B 312 -25.38 -2.04 22.16
N VAL B 313 -26.27 -2.89 21.60
CA VAL B 313 -27.19 -3.67 22.42
C VAL B 313 -26.40 -4.65 23.30
N CYS B 314 -25.39 -5.32 22.71
CA CYS B 314 -24.59 -6.28 23.46
C CYS B 314 -23.83 -5.56 24.57
N LEU B 315 -23.18 -4.45 24.20
CA LEU B 315 -22.39 -3.64 25.11
C LEU B 315 -23.28 -3.21 26.28
N LEU B 316 -24.54 -2.83 25.97
CA LEU B 316 -25.48 -2.41 27.00
C LEU B 316 -25.77 -3.56 27.96
N PHE B 317 -25.92 -4.78 27.42
CA PHE B 317 -26.22 -5.93 28.28
C PHE B 317 -25.07 -6.21 29.24
N VAL B 318 -23.84 -6.22 28.72
CA VAL B 318 -22.67 -6.47 29.56
C VAL B 318 -22.47 -5.33 30.58
N PHE B 319 -22.69 -4.07 30.15
CA PHE B 319 -22.54 -2.92 31.03
C PHE B 319 -23.58 -3.01 32.14
N SER B 320 -24.81 -3.41 31.78
CA SER B 320 -25.92 -3.54 32.70
C SER B 320 -25.58 -4.58 33.76
N ALA B 321 -24.94 -5.68 33.32
CA ALA B 321 -24.56 -6.76 34.25
C ALA B 321 -23.61 -6.19 35.30
N LEU B 322 -22.63 -5.42 34.83
CA LEU B 322 -21.63 -4.79 35.70
C LEU B 322 -22.33 -3.87 36.70
N LEU B 323 -23.28 -3.06 36.20
CA LEU B 323 -24.07 -2.13 37.01
C LEU B 323 -24.88 -2.89 38.06
N GLU B 324 -25.45 -4.03 37.66
CA GLU B 324 -26.26 -4.87 38.55
C GLU B 324 -25.36 -5.32 39.68
N TYR B 325 -24.12 -5.72 39.37
CA TYR B 325 -23.20 -6.16 40.41
C TYR B 325 -22.88 -5.02 41.35
N ALA B 326 -22.67 -3.82 40.82
CA ALA B 326 -22.33 -2.70 41.70
C ALA B 326 -23.48 -2.45 42.67
N ALA B 327 -24.73 -2.52 42.17
CA ALA B 327 -25.88 -2.30 43.05
C ALA B 327 -25.97 -3.36 44.16
N VAL B 328 -25.72 -4.64 43.81
CA VAL B 328 -25.76 -5.73 44.80
C VAL B 328 -24.67 -5.53 45.86
N ASN B 329 -23.45 -5.19 45.39
CA ASN B 329 -22.29 -4.96 46.24
C ASN B 329 -22.63 -3.86 47.23
N PHE B 330 -23.25 -2.78 46.75
CA PHE B 330 -23.61 -1.63 47.58
C PHE B 330 -24.62 -2.07 48.65
N ILE B 331 -25.61 -2.89 48.27
CA ILE B 331 -26.63 -3.38 49.22
C ILE B 331 -25.97 -4.23 50.31
N ALA B 332 -25.05 -5.11 49.91
CA ALA B 332 -24.34 -5.97 50.85
C ALA B 332 -23.49 -5.12 51.78
N ARG B 333 -22.82 -4.10 51.23
CA ARG B 333 -21.97 -3.21 52.01
C ARG B 333 -22.81 -2.47 53.04
N GLN B 334 -24.02 -2.04 52.65
CA GLN B 334 -24.91 -1.32 53.55
C GLN B 334 -25.25 -2.22 54.72
N HIS B 335 -25.48 -3.51 54.41
CA HIS B 335 -25.81 -4.50 55.44
C HIS B 335 -24.62 -4.65 56.39
N LYS B 336 -23.40 -4.67 55.83
CA LYS B 336 -22.17 -4.84 56.62
C LYS B 336 -21.97 -3.66 57.58
N GLU B 337 -22.17 -2.44 57.08
CA GLU B 337 -22.03 -1.21 57.86
C GLU B 337 -23.05 -1.14 58.98
N LEU B 338 -24.26 -1.60 58.72
CA LEU B 338 -25.30 -1.56 59.73
C LEU B 338 -25.31 -2.77 60.65
N LEU B 339 -24.48 -3.79 60.39
CA LEU B 339 -24.45 -5.00 61.25
C LEU B 339 -24.02 -4.64 62.68
N GLU B 397 -31.17 -7.34 62.80
CA GLU B 397 -31.50 -8.76 62.75
C GLU B 397 -32.46 -9.06 61.60
N GLU B 398 -33.70 -8.61 61.74
CA GLU B 398 -34.70 -8.82 60.69
C GLU B 398 -34.34 -8.04 59.43
N MET B 399 -33.71 -6.87 59.59
CA MET B 399 -33.32 -6.13 58.42
C MET B 399 -32.07 -6.74 57.80
N ARG B 400 -31.26 -7.41 58.64
CA ARG B 400 -30.06 -8.07 58.18
C ARG B 400 -30.45 -9.19 57.21
N LYS B 401 -31.38 -10.04 57.68
CA LYS B 401 -31.89 -11.16 56.87
C LYS B 401 -32.57 -10.63 55.64
N LEU B 402 -33.34 -9.53 55.79
CA LEU B 402 -34.06 -8.94 54.67
C LEU B 402 -33.08 -8.47 53.59
N PHE B 403 -31.98 -7.82 53.99
CA PHE B 403 -30.96 -7.36 53.04
C PHE B 403 -30.31 -8.53 52.32
N ILE B 404 -29.97 -9.59 53.07
CA ILE B 404 -29.33 -10.78 52.47
C ILE B 404 -30.31 -11.42 51.48
N SER B 405 -31.58 -11.51 51.88
CA SER B 405 -32.63 -12.09 51.05
C SER B 405 -32.81 -11.26 49.78
N ARG B 406 -32.77 -9.94 49.92
CA ARG B 406 -32.91 -9.02 48.79
C ARG B 406 -31.77 -9.22 47.81
N ALA B 407 -30.54 -9.39 48.33
CA ALA B 407 -29.37 -9.61 47.48
C ALA B 407 -29.51 -10.91 46.69
N LYS B 408 -29.99 -11.96 47.38
CA LYS B 408 -30.22 -13.25 46.73
C LYS B 408 -31.32 -13.13 45.68
N ARG B 409 -32.41 -12.43 46.01
CA ARG B 409 -33.54 -12.26 45.12
C ARG B 409 -33.15 -11.48 43.87
N ILE B 410 -32.40 -10.37 44.02
CA ILE B 410 -32.00 -9.58 42.86
C ILE B 410 -31.06 -10.42 41.98
N ASP B 411 -30.12 -11.15 42.57
CA ASP B 411 -29.19 -11.97 41.78
C ASP B 411 -29.94 -13.05 40.99
N THR B 412 -30.87 -13.77 41.66
CA THR B 412 -31.62 -14.84 40.99
C THR B 412 -32.53 -14.28 39.90
N VAL B 413 -33.17 -13.12 40.14
CA VAL B 413 -34.08 -12.55 39.15
C VAL B 413 -33.28 -11.96 38.01
N SER B 414 -32.02 -11.57 38.24
CA SER B 414 -31.20 -11.04 37.17
C SER B 414 -30.69 -12.19 36.31
N ARG B 415 -30.41 -13.33 36.96
CA ARG B 415 -29.97 -14.53 36.26
C ARG B 415 -31.10 -15.11 35.42
N VAL B 416 -32.35 -14.93 35.84
CA VAL B 416 -33.48 -15.40 35.05
C VAL B 416 -33.85 -14.40 33.95
N ALA B 417 -33.96 -13.12 34.32
CA ALA B 417 -34.40 -12.04 33.42
C ALA B 417 -33.43 -11.75 32.28
N PHE B 418 -32.12 -11.85 32.53
CA PHE B 418 -31.16 -11.54 31.46
C PHE B 418 -31.16 -12.42 30.21
N PRO B 419 -31.29 -13.77 30.25
CA PRO B 419 -31.34 -14.49 28.97
C PRO B 419 -32.65 -14.39 28.20
N LEU B 420 -33.78 -14.08 28.86
CA LEU B 420 -35.02 -13.95 28.11
C LEU B 420 -35.09 -12.64 27.33
N VAL B 421 -34.54 -11.55 27.89
CA VAL B 421 -34.53 -10.28 27.18
C VAL B 421 -33.56 -10.33 26.00
N PHE B 422 -32.42 -11.00 26.19
CA PHE B 422 -31.46 -11.17 25.11
C PHE B 422 -31.99 -12.11 24.03
N LEU B 423 -32.76 -13.12 24.41
CA LEU B 423 -33.34 -14.05 23.43
C LEU B 423 -34.46 -13.37 22.64
N ILE B 424 -35.28 -12.54 23.30
CA ILE B 424 -36.32 -11.86 22.54
C ILE B 424 -35.72 -10.74 21.70
N PHE B 425 -34.56 -10.19 22.10
CA PHE B 425 -33.92 -9.19 21.24
C PHE B 425 -33.36 -9.89 20.00
N ASN B 426 -32.78 -11.07 20.19
CA ASN B 426 -32.22 -11.83 19.07
C ASN B 426 -33.31 -12.22 18.08
N ILE B 427 -34.47 -12.65 18.60
CA ILE B 427 -35.60 -13.02 17.75
C ILE B 427 -36.16 -11.80 17.01
N PHE B 428 -36.35 -10.68 17.72
CA PHE B 428 -36.85 -9.45 17.09
C PHE B 428 -35.86 -8.88 16.06
N TYR B 429 -34.57 -8.91 16.37
CA TYR B 429 -33.52 -8.42 15.48
C TYR B 429 -33.44 -9.25 14.20
N TRP B 430 -33.37 -10.58 14.34
CA TRP B 430 -33.29 -11.39 13.13
C TRP B 430 -34.61 -11.45 12.37
N ILE B 431 -35.76 -11.29 13.04
CA ILE B 431 -36.98 -11.30 12.23
C ILE B 431 -37.19 -9.97 11.50
N THR B 432 -36.70 -8.84 12.07
CA THR B 432 -36.89 -7.60 11.33
C THR B 432 -35.85 -7.48 10.23
N TYR B 433 -34.68 -8.12 10.40
CA TYR B 433 -33.73 -8.05 9.31
C TYR B 433 -34.02 -9.09 8.24
N LYS B 434 -34.68 -10.20 8.57
CA LYS B 434 -35.03 -11.13 7.49
C LYS B 434 -36.24 -10.60 6.73
N ILE B 435 -37.13 -9.84 7.37
CA ILE B 435 -38.21 -9.28 6.57
C ILE B 435 -37.70 -8.08 5.78
N ILE B 436 -36.67 -7.38 6.26
CA ILE B 436 -36.18 -6.29 5.43
C ILE B 436 -35.25 -6.83 4.34
N ARG B 437 -34.72 -8.06 4.53
CA ARG B 437 -33.90 -8.68 3.50
C ARG B 437 -34.80 -9.21 2.40
N SER B 438 -36.02 -9.60 2.77
CA SER B 438 -36.97 -10.06 1.78
C SER B 438 -37.59 -8.86 1.07
N GLU B 439 -37.73 -7.73 1.77
CA GLU B 439 -38.35 -6.54 1.19
C GLU B 439 -37.42 -5.73 0.28
N ASP B 440 -36.11 -5.69 0.54
CA ASP B 440 -35.27 -4.88 -0.36
C ASP B 440 -34.95 -5.63 -1.65
N PRO C 31 -23.37 21.62 -49.92
CA PRO C 31 -23.13 21.46 -51.35
C PRO C 31 -21.65 21.21 -51.66
N MET C 32 -20.75 21.64 -50.75
CA MET C 32 -19.35 21.38 -51.05
C MET C 32 -18.87 20.13 -50.32
N PRO C 33 -17.99 19.36 -50.96
CA PRO C 33 -17.39 18.15 -50.35
C PRO C 33 -16.78 18.40 -48.97
N PRO C 34 -17.11 17.55 -47.99
CA PRO C 34 -16.58 17.73 -46.62
C PRO C 34 -15.07 17.61 -46.53
N SER C 35 -14.49 16.64 -47.25
CA SER C 35 -13.05 16.42 -47.23
C SER C 35 -12.29 17.63 -47.76
N GLU C 36 -12.78 18.24 -48.85
CA GLU C 36 -12.11 19.39 -49.46
C GLU C 36 -12.08 20.55 -48.48
N PHE C 37 -13.20 20.80 -47.80
CA PHE C 37 -13.32 21.89 -46.83
C PHE C 37 -12.36 21.66 -45.66
N LEU C 38 -12.32 20.41 -45.18
CA LEU C 38 -11.43 20.07 -44.07
C LEU C 38 -9.98 20.22 -44.49
N ASP C 39 -9.64 19.76 -45.70
CA ASP C 39 -8.25 19.82 -46.14
C ASP C 39 -7.79 21.28 -46.28
N LYS C 40 -8.63 22.13 -46.91
CA LYS C 40 -8.25 23.53 -47.12
C LYS C 40 -8.10 24.28 -45.80
N LEU C 41 -9.02 24.06 -44.86
CA LEU C 41 -8.98 24.76 -43.58
C LEU C 41 -7.96 24.07 -42.67
N MET C 42 -7.16 24.88 -41.95
CA MET C 42 -6.10 24.40 -41.04
C MET C 42 -5.14 23.47 -41.79
N GLY C 43 -4.75 23.90 -42.99
CA GLY C 43 -3.89 23.17 -43.88
C GLY C 43 -2.60 23.89 -44.24
N LYS C 44 -1.86 23.33 -45.21
CA LYS C 44 -0.59 23.88 -45.66
C LYS C 44 -0.71 24.66 -46.97
N VAL C 45 -1.89 24.66 -47.59
CA VAL C 45 -2.10 25.43 -48.81
C VAL C 45 -2.61 26.83 -48.46
N SER C 46 -2.98 27.05 -47.21
CA SER C 46 -3.46 28.32 -46.67
C SER C 46 -2.37 28.89 -45.78
N GLY C 47 -2.59 30.10 -45.28
CA GLY C 47 -1.59 30.71 -44.42
C GLY C 47 -1.76 30.45 -42.93
N TYR C 48 -2.47 29.39 -42.57
CA TYR C 48 -2.69 29.08 -41.17
C TYR C 48 -1.48 28.33 -40.60
N ASP C 49 -0.85 28.93 -39.59
CA ASP C 49 0.30 28.35 -38.90
C ASP C 49 -0.14 28.06 -37.47
N ALA C 50 -0.08 26.78 -37.08
CA ALA C 50 -0.53 26.40 -35.75
C ALA C 50 0.47 26.76 -34.64
N ARG C 51 1.68 27.17 -34.98
CA ARG C 51 2.67 27.51 -33.96
C ARG C 51 2.65 28.98 -33.55
N ILE C 52 1.76 29.80 -34.10
CA ILE C 52 1.72 31.21 -33.74
C ILE C 52 0.36 31.61 -33.21
N ARG C 53 0.40 32.54 -32.26
CA ARG C 53 -0.79 33.11 -31.64
C ARG C 53 -1.61 33.91 -32.66
N PRO C 54 -2.94 33.82 -32.63
CA PRO C 54 -3.75 34.62 -33.56
C PRO C 54 -3.72 36.08 -33.15
N ASN C 55 -4.00 36.93 -34.14
CA ASN C 55 -3.94 38.41 -34.12
C ASN C 55 -2.65 38.87 -33.44
N PHE C 56 -1.56 38.34 -34.00
CA PHE C 56 -0.18 38.55 -33.54
C PHE C 56 0.18 40.03 -33.46
N LYS C 57 1.06 40.33 -32.48
CA LYS C 57 1.55 41.68 -32.17
C LYS C 57 0.44 42.69 -31.89
N GLY C 58 -0.63 42.24 -31.23
CA GLY C 58 -1.73 43.12 -30.92
C GLY C 58 -2.28 42.87 -29.53
N PRO C 59 -3.61 42.85 -29.39
CA PRO C 59 -4.20 42.62 -28.08
C PRO C 59 -4.19 41.14 -27.74
N PRO C 60 -4.28 40.79 -26.46
CA PRO C 60 -4.30 39.36 -26.09
C PRO C 60 -5.66 38.75 -26.37
N VAL C 61 -5.68 37.42 -26.38
CA VAL C 61 -6.89 36.65 -26.67
C VAL C 61 -7.49 36.21 -25.33
N ASN C 62 -8.80 36.37 -25.18
CA ASN C 62 -9.44 36.02 -23.92
C ASN C 62 -9.98 34.59 -24.00
N VAL C 63 -9.74 33.81 -22.95
CA VAL C 63 -10.18 32.43 -22.84
C VAL C 63 -11.26 32.35 -21.78
N THR C 64 -12.42 31.82 -22.14
CA THR C 64 -13.54 31.68 -21.21
C THR C 64 -13.62 30.22 -20.79
N CYS C 65 -13.31 29.94 -19.54
CA CYS C 65 -13.30 28.58 -18.99
C CYS C 65 -14.52 28.29 -18.12
N ASN C 66 -14.99 27.04 -18.19
CA ASN C 66 -16.09 26.54 -17.38
C ASN C 66 -15.62 25.23 -16.76
N ILE C 67 -16.13 24.92 -15.57
CA ILE C 67 -15.72 23.69 -14.87
C ILE C 67 -16.95 22.84 -14.55
N PHE C 68 -16.98 21.62 -15.08
CA PHE C 68 -18.00 20.62 -14.80
C PHE C 68 -17.35 19.52 -13.97
N ILE C 69 -17.73 19.41 -12.70
CA ILE C 69 -17.16 18.38 -11.83
C ILE C 69 -17.91 17.08 -12.11
N ASN C 70 -17.19 16.07 -12.59
CA ASN C 70 -17.83 14.80 -12.90
C ASN C 70 -17.97 13.91 -11.67
N SER C 71 -16.89 13.71 -10.91
CA SER C 71 -17.00 12.84 -9.72
C SER C 71 -16.02 13.30 -8.65
N PHE C 72 -16.54 14.02 -7.65
CA PHE C 72 -15.71 14.48 -6.55
C PHE C 72 -15.65 13.36 -5.53
N GLY C 73 -14.54 13.25 -4.83
CA GLY C 73 -14.40 12.19 -3.85
C GLY C 73 -12.97 11.74 -3.71
N SER C 74 -12.78 10.71 -2.87
CA SER C 74 -11.50 10.09 -2.57
C SER C 74 -10.49 11.09 -2.01
N ILE C 75 -10.97 12.00 -1.16
CA ILE C 75 -10.09 12.99 -0.56
C ILE C 75 -9.18 12.30 0.45
N ALA C 76 -7.90 12.63 0.42
CA ALA C 76 -6.93 12.04 1.34
C ALA C 76 -6.65 13.08 2.41
N GLU C 77 -6.92 12.71 3.65
CA GLU C 77 -6.72 13.58 4.78
C GLU C 77 -5.34 13.41 5.42
N THR C 78 -4.60 12.36 5.04
CA THR C 78 -3.28 12.09 5.58
C THR C 78 -2.15 12.62 4.69
N THR C 79 -2.42 12.90 3.42
CA THR C 79 -1.44 13.40 2.49
C THR C 79 -1.88 14.73 1.88
N MET C 80 -3.01 15.26 2.36
CA MET C 80 -3.62 16.54 1.95
C MET C 80 -3.85 16.68 0.45
N ASP C 81 -4.67 15.79 -0.09
CA ASP C 81 -4.98 15.82 -1.52
C ASP C 81 -6.39 15.25 -1.73
N TYR C 82 -6.84 15.29 -2.98
CA TYR C 82 -8.16 14.82 -3.37
C TYR C 82 -8.18 14.57 -4.86
N ARG C 83 -9.00 13.62 -5.30
CA ARG C 83 -9.11 13.24 -6.69
C ARG C 83 -10.40 13.79 -7.29
N VAL C 84 -10.29 14.54 -8.38
CA VAL C 84 -11.45 15.13 -9.04
C VAL C 84 -11.19 15.12 -10.55
N ASN C 85 -12.23 14.81 -11.32
CA ASN C 85 -12.13 14.83 -12.77
C ASN C 85 -13.04 15.92 -13.35
N ILE C 86 -12.41 16.93 -13.94
CA ILE C 86 -13.12 18.07 -14.51
C ILE C 86 -13.21 17.86 -16.02
N PHE C 87 -13.98 18.73 -16.70
CA PHE C 87 -14.11 18.61 -18.14
C PHE C 87 -13.33 19.68 -18.89
N LEU C 88 -13.05 20.81 -18.24
CA LEU C 88 -12.24 21.94 -18.72
C LEU C 88 -12.61 22.43 -20.14
N ARG C 89 -13.80 22.99 -20.28
CA ARG C 89 -14.18 23.51 -21.59
C ARG C 89 -13.68 24.95 -21.65
N GLN C 90 -13.00 25.29 -22.74
CA GLN C 90 -12.47 26.66 -22.88
C GLN C 90 -12.80 27.21 -24.25
N GLN C 91 -13.28 28.46 -24.28
CA GLN C 91 -13.67 29.12 -25.52
C GLN C 91 -12.83 30.35 -25.77
N TRP C 92 -12.41 30.54 -27.03
CA TRP C 92 -11.64 31.72 -27.41
C TRP C 92 -12.01 32.06 -28.84
N ASN C 93 -11.59 33.25 -29.30
CA ASN C 93 -11.88 33.69 -30.65
C ASN C 93 -10.60 34.04 -31.39
N ASP C 94 -10.58 33.73 -32.68
CA ASP C 94 -9.46 33.99 -33.57
C ASP C 94 -9.97 34.67 -34.83
N PRO C 95 -9.16 35.56 -35.45
CA PRO C 95 -9.62 36.21 -36.68
C PRO C 95 -9.60 35.28 -37.89
N ARG C 96 -8.85 34.19 -37.81
CA ARG C 96 -8.75 33.17 -38.83
C ARG C 96 -9.81 32.10 -38.58
N LEU C 97 -9.83 31.08 -39.46
CA LEU C 97 -10.79 29.96 -39.42
C LEU C 97 -12.25 30.43 -39.47
N ALA C 98 -12.50 31.51 -40.21
CA ALA C 98 -13.84 32.07 -40.37
C ALA C 98 -14.28 31.81 -41.82
N TYR C 99 -14.84 30.61 -42.01
CA TYR C 99 -15.29 30.15 -43.34
C TYR C 99 -16.40 31.05 -43.90
N SER C 100 -17.45 31.27 -43.10
CA SER C 100 -18.63 32.09 -43.48
C SER C 100 -19.26 31.69 -44.82
N GLU C 101 -19.29 30.38 -45.09
CA GLU C 101 -19.86 29.88 -46.33
C GLU C 101 -20.81 28.70 -46.14
N TYR C 102 -20.85 28.06 -44.93
CA TYR C 102 -21.76 26.94 -44.70
C TYR C 102 -23.09 27.47 -44.17
N PRO C 103 -24.23 26.81 -44.47
CA PRO C 103 -25.51 27.34 -43.99
C PRO C 103 -25.81 27.12 -42.51
N ASP C 104 -25.01 26.35 -41.78
CA ASP C 104 -25.29 26.11 -40.37
C ASP C 104 -24.48 27.08 -39.51
N ASP C 105 -24.77 27.07 -38.21
CA ASP C 105 -24.06 27.97 -37.30
C ASP C 105 -22.70 27.42 -36.87
N SER C 106 -22.64 26.15 -36.47
CA SER C 106 -21.40 25.56 -36.01
C SER C 106 -21.14 24.21 -36.68
N LEU C 107 -19.88 23.78 -36.62
CA LEU C 107 -19.43 22.56 -37.25
C LEU C 107 -18.76 21.67 -36.23
N ASP C 108 -18.93 20.35 -36.36
CA ASP C 108 -18.29 19.41 -35.46
C ASP C 108 -17.10 18.79 -36.20
N LEU C 109 -15.91 18.95 -35.65
CA LEU C 109 -14.68 18.43 -36.24
C LEU C 109 -14.32 17.13 -35.53
N ASP C 110 -13.45 16.34 -36.15
CA ASP C 110 -13.01 15.06 -35.60
C ASP C 110 -11.96 15.31 -34.51
N PRO C 111 -11.98 14.53 -33.43
CA PRO C 111 -11.00 14.70 -32.34
C PRO C 111 -9.59 14.19 -32.59
N SER C 112 -9.22 13.82 -33.82
CA SER C 112 -7.86 13.36 -34.09
C SER C 112 -7.07 14.38 -34.90
N MET C 113 -7.55 15.62 -34.98
CA MET C 113 -6.93 16.73 -35.69
C MET C 113 -6.77 17.92 -34.74
N LEU C 114 -6.23 17.65 -33.55
CA LEU C 114 -6.04 18.68 -32.52
C LEU C 114 -4.63 19.24 -32.47
N ASP C 115 -3.70 18.76 -33.31
CA ASP C 115 -2.34 19.27 -33.28
C ASP C 115 -2.14 20.41 -34.28
N SER C 116 -3.24 20.99 -34.77
CA SER C 116 -3.20 22.10 -35.71
C SER C 116 -4.19 23.19 -35.34
N ILE C 117 -4.86 23.09 -34.20
CA ILE C 117 -5.87 24.05 -33.76
C ILE C 117 -5.30 25.07 -32.75
N TRP C 118 -3.99 25.03 -32.48
CA TRP C 118 -3.31 25.96 -31.55
C TRP C 118 -3.96 25.97 -30.16
N LYS C 119 -4.13 24.80 -29.54
CA LYS C 119 -4.73 24.83 -28.21
C LYS C 119 -3.81 25.62 -27.27
N PRO C 120 -4.38 26.45 -26.39
CA PRO C 120 -3.55 27.25 -25.48
C PRO C 120 -2.95 26.42 -24.37
N ASP C 121 -2.04 27.05 -23.63
CA ASP C 121 -1.37 26.38 -22.54
C ASP C 121 -2.09 26.59 -21.21
N LEU C 122 -2.21 25.51 -20.44
CA LEU C 122 -2.87 25.57 -19.15
C LEU C 122 -2.32 24.47 -18.25
N PHE C 123 -1.96 24.83 -17.01
CA PHE C 123 -1.50 23.84 -16.05
C PHE C 123 -2.09 24.21 -14.69
N PHE C 124 -1.87 23.36 -13.70
CA PHE C 124 -2.36 23.56 -12.35
C PHE C 124 -1.16 23.70 -11.42
N ALA C 125 -1.20 24.70 -10.54
CA ALA C 125 -0.06 24.96 -9.66
C ALA C 125 0.10 23.89 -8.58
N ASN C 126 -0.93 23.13 -8.26
CA ASN C 126 -0.86 22.04 -7.29
C ASN C 126 -1.26 20.75 -7.99
N GLU C 127 -0.29 19.93 -8.39
CA GLU C 127 -0.62 18.70 -9.11
C GLU C 127 0.21 17.53 -8.62
N LYS C 128 -0.33 16.33 -8.86
CA LYS C 128 0.31 15.05 -8.52
C LYS C 128 -0.19 14.05 -9.56
N GLY C 129 0.65 13.75 -10.55
CA GLY C 129 0.24 12.81 -11.57
C GLY C 129 -0.52 13.54 -12.66
N ALA C 130 -1.86 13.55 -12.53
CA ALA C 130 -2.80 14.22 -13.43
C ALA C 130 -2.68 13.69 -14.87
N ASN C 131 -3.10 12.44 -15.04
CA ASN C 131 -3.05 11.78 -16.34
C ASN C 131 -4.27 12.18 -17.19
N PHE C 132 -4.28 11.71 -18.43
CA PHE C 132 -5.38 11.93 -19.35
C PHE C 132 -6.39 10.79 -19.28
N HIS C 133 -7.27 10.73 -20.27
CA HIS C 133 -8.28 9.68 -20.40
C HIS C 133 -8.29 9.29 -21.87
N GLU C 134 -7.99 8.02 -22.13
CA GLU C 134 -7.89 7.41 -23.46
C GLU C 134 -8.58 6.04 -23.45
N VAL C 135 -9.91 6.03 -23.38
CA VAL C 135 -10.64 4.77 -23.42
C VAL C 135 -11.46 4.77 -24.70
N THR C 136 -11.24 3.73 -25.52
CA THR C 136 -11.82 3.41 -26.84
C THR C 136 -11.28 4.37 -27.89
N THR C 137 -11.57 5.66 -27.69
CA THR C 137 -11.15 6.79 -28.52
C THR C 137 -10.75 7.93 -27.60
N ASP C 138 -9.99 8.88 -28.17
CA ASP C 138 -9.53 10.02 -27.41
C ASP C 138 -10.72 10.84 -26.89
N ASN C 139 -10.63 11.24 -25.63
CA ASN C 139 -11.68 11.99 -24.94
C ASN C 139 -11.60 13.49 -25.16
N LYS C 140 -11.33 13.92 -26.39
CA LYS C 140 -11.26 15.33 -26.74
C LYS C 140 -12.57 15.78 -27.40
N LEU C 141 -12.70 17.09 -27.58
CA LEU C 141 -13.88 17.68 -28.22
C LEU C 141 -13.40 18.95 -28.91
N LEU C 142 -13.92 19.21 -30.11
CA LEU C 142 -13.53 20.42 -30.82
C LEU C 142 -14.68 20.90 -31.70
N ARG C 143 -15.23 22.07 -31.38
CA ARG C 143 -16.31 22.69 -32.13
C ARG C 143 -15.80 24.00 -32.74
N ILE C 144 -16.36 24.37 -33.88
CA ILE C 144 -15.95 25.59 -34.58
C ILE C 144 -17.17 26.21 -35.26
N SER C 145 -17.38 27.50 -35.03
CA SER C 145 -18.52 28.24 -35.58
C SER C 145 -18.07 29.16 -36.71
N LYS C 146 -19.03 29.92 -37.23
CA LYS C 146 -18.75 30.84 -38.35
C LYS C 146 -17.92 32.04 -37.93
N ASN C 147 -18.12 32.54 -36.70
CA ASN C 147 -17.35 33.69 -36.24
C ASN C 147 -15.94 33.30 -35.79
N GLY C 148 -15.77 32.09 -35.27
CA GLY C 148 -14.48 31.63 -34.79
C GLY C 148 -14.46 31.23 -33.33
N ASN C 149 -15.60 31.26 -32.62
CA ASN C 149 -15.62 30.86 -31.22
C ASN C 149 -15.56 29.33 -31.19
N VAL C 150 -14.51 28.80 -30.60
CA VAL C 150 -14.31 27.36 -30.55
C VAL C 150 -14.65 26.82 -29.17
N LEU C 151 -14.73 25.49 -29.09
CA LEU C 151 -14.99 24.76 -27.85
C LEU C 151 -13.93 23.67 -27.74
N TYR C 152 -13.42 23.45 -26.54
CA TYR C 152 -12.39 22.43 -26.35
C TYR C 152 -12.47 21.92 -24.91
N SER C 153 -13.07 20.75 -24.73
CA SER C 153 -13.21 20.17 -23.40
C SER C 153 -12.55 18.80 -23.36
N ILE C 154 -11.75 18.57 -22.33
CA ILE C 154 -11.01 17.32 -22.17
C ILE C 154 -11.19 16.84 -20.73
N ARG C 155 -11.65 15.60 -20.56
CA ARG C 155 -11.79 15.11 -19.20
C ARG C 155 -10.42 14.61 -18.72
N ILE C 156 -9.98 15.15 -17.59
CA ILE C 156 -8.69 14.81 -17.00
C ILE C 156 -8.87 14.53 -15.52
N THR C 157 -8.28 13.44 -15.05
CA THR C 157 -8.39 13.08 -13.63
C THR C 157 -7.23 13.76 -12.93
N LEU C 158 -7.56 14.67 -12.02
CA LEU C 158 -6.56 15.43 -11.26
C LEU C 158 -6.49 15.01 -9.81
N VAL C 159 -5.28 14.98 -9.29
CA VAL C 159 -5.00 14.70 -7.87
C VAL C 159 -4.39 16.00 -7.39
N LEU C 160 -5.26 16.93 -7.01
CA LEU C 160 -4.87 18.25 -6.55
C LEU C 160 -4.52 18.25 -5.07
N ALA C 161 -3.43 18.92 -4.72
CA ALA C 161 -3.00 19.02 -3.33
C ALA C 161 -3.55 20.30 -2.71
N CYS C 162 -4.27 20.16 -1.61
CA CYS C 162 -4.85 21.30 -0.92
C CYS C 162 -4.26 21.43 0.48
N PRO C 163 -3.81 22.62 0.88
CA PRO C 163 -3.23 22.82 2.24
C PRO C 163 -4.28 23.07 3.31
N MET C 164 -5.01 22.01 3.67
CA MET C 164 -6.06 22.11 4.67
C MET C 164 -5.49 22.39 6.07
N ASP C 165 -6.16 23.27 6.79
CA ASP C 165 -5.80 23.63 8.16
C ASP C 165 -6.80 22.90 9.05
N LEU C 166 -6.31 22.12 10.00
CA LEU C 166 -7.16 21.34 10.87
C LEU C 166 -7.10 21.88 12.31
N LYS C 167 -7.61 23.11 12.53
CA LYS C 167 -7.57 23.63 13.90
C LYS C 167 -8.40 22.79 14.88
N ASN C 168 -9.60 22.39 14.46
CA ASN C 168 -10.48 21.53 15.24
C ASN C 168 -10.82 20.29 14.44
N PHE C 169 -10.43 19.11 14.94
CA PHE C 169 -10.76 17.96 14.10
C PHE C 169 -12.21 17.55 13.85
N PRO C 170 -13.15 17.51 14.83
CA PRO C 170 -14.51 17.05 14.47
C PRO C 170 -15.28 17.90 13.46
N MET C 171 -15.22 19.23 13.60
CA MET C 171 -15.91 20.12 12.67
C MET C 171 -15.27 20.09 11.29
N ASP C 172 -13.93 20.27 11.28
CA ASP C 172 -13.03 20.25 10.13
C ASP C 172 -13.56 21.01 8.92
N VAL C 173 -13.77 22.31 9.10
CA VAL C 173 -14.22 23.15 7.99
C VAL C 173 -13.06 23.21 7.01
N GLN C 174 -13.33 23.02 5.71
CA GLN C 174 -12.22 23.00 4.77
C GLN C 174 -12.55 23.74 3.49
N THR C 175 -11.49 24.22 2.87
CA THR C 175 -11.51 24.91 1.59
C THR C 175 -10.51 24.23 0.66
N CYS C 176 -10.95 23.89 -0.54
CA CYS C 176 -10.15 23.22 -1.54
C CYS C 176 -10.12 24.13 -2.76
N ILE C 177 -8.94 24.27 -3.38
CA ILE C 177 -8.75 25.11 -4.53
C ILE C 177 -8.11 24.32 -5.67
N MET C 178 -7.83 25.07 -6.75
CA MET C 178 -7.23 24.63 -8.00
C MET C 178 -6.93 25.91 -8.76
N GLN C 179 -5.69 26.07 -9.23
CA GLN C 179 -5.23 27.28 -9.90
C GLN C 179 -4.93 27.09 -11.38
N LEU C 180 -5.86 27.54 -12.23
CA LEU C 180 -5.68 27.47 -13.69
C LEU C 180 -4.71 28.58 -14.05
N GLU C 181 -3.59 28.23 -14.69
CA GLU C 181 -2.57 29.22 -15.00
C GLU C 181 -1.84 28.82 -16.28
N SER C 182 -1.48 29.82 -17.09
CA SER C 182 -0.75 29.62 -18.32
C SER C 182 0.72 29.31 -18.04
N PHE C 183 1.44 28.85 -19.07
CA PHE C 183 2.85 28.49 -18.89
C PHE C 183 3.60 28.84 -20.18
N GLY C 184 4.13 30.06 -20.24
CA GLY C 184 4.86 30.54 -21.40
C GLY C 184 4.23 31.74 -22.08
N TYR C 185 3.06 32.17 -21.63
CA TYR C 185 2.36 33.32 -22.19
C TYR C 185 2.10 34.29 -21.03
N THR C 186 2.66 35.49 -21.14
CA THR C 186 2.52 36.48 -20.07
C THR C 186 1.13 37.12 -20.04
N MET C 187 0.98 38.06 -19.11
CA MET C 187 -0.28 38.77 -18.89
C MET C 187 -0.63 39.69 -20.07
N ASN C 188 0.38 40.23 -20.75
CA ASN C 188 0.17 41.08 -21.91
C ASN C 188 0.23 40.30 -23.21
N ASP C 189 0.14 38.99 -23.14
CA ASP C 189 0.20 38.07 -24.28
C ASP C 189 -1.02 37.17 -24.32
N LEU C 190 -1.47 36.68 -23.17
CA LEU C 190 -2.63 35.80 -23.07
C LEU C 190 -3.21 35.98 -21.68
N ILE C 191 -4.47 36.40 -21.59
CA ILE C 191 -5.14 36.62 -20.31
C ILE C 191 -6.38 35.73 -20.22
N PHE C 192 -6.47 34.93 -19.16
CA PHE C 192 -7.59 34.03 -18.96
C PHE C 192 -8.70 34.75 -18.20
N GLU C 193 -9.92 34.24 -18.35
CA GLU C 193 -11.10 34.79 -17.69
C GLU C 193 -12.09 33.66 -17.38
N TRP C 194 -13.05 33.97 -16.52
CA TRP C 194 -14.10 33.02 -16.18
C TRP C 194 -15.30 33.26 -17.08
N ASP C 195 -16.43 32.63 -16.75
CA ASP C 195 -17.67 32.76 -17.48
C ASP C 195 -18.72 33.43 -16.59
N GLU C 196 -19.80 33.88 -17.20
CA GLU C 196 -20.85 34.53 -16.42
C GLU C 196 -22.13 33.70 -16.35
N LYS C 197 -22.42 32.89 -17.37
CA LYS C 197 -23.60 32.04 -17.36
C LYS C 197 -23.14 30.74 -16.71
N GLY C 198 -23.19 30.68 -15.38
CA GLY C 198 -22.69 29.49 -14.72
C GLY C 198 -21.20 29.60 -14.50
N ALA C 199 -20.71 29.29 -13.29
CA ALA C 199 -19.30 29.40 -13.00
C ALA C 199 -18.62 28.04 -12.85
N VAL C 200 -19.04 27.25 -11.87
CA VAL C 200 -18.49 25.90 -11.67
C VAL C 200 -19.71 25.00 -11.51
N GLN C 201 -19.88 24.08 -12.45
CA GLN C 201 -21.01 23.16 -12.41
C GLN C 201 -20.60 21.84 -11.76
N VAL C 202 -21.57 21.22 -11.09
CA VAL C 202 -21.38 19.95 -10.40
C VAL C 202 -22.30 18.93 -11.05
N ALA C 203 -22.02 17.66 -10.81
CA ALA C 203 -22.85 16.60 -11.39
C ALA C 203 -24.14 16.47 -10.58
N ASP C 204 -25.19 16.03 -11.27
CA ASP C 204 -26.49 15.87 -10.60
C ASP C 204 -26.48 14.63 -9.70
N GLY C 205 -26.81 14.84 -8.44
CA GLY C 205 -26.81 13.75 -7.49
C GLY C 205 -25.44 13.32 -7.03
N LEU C 206 -24.53 14.28 -6.81
CA LEU C 206 -23.18 13.97 -6.39
C LEU C 206 -23.07 14.17 -4.88
N THR C 207 -22.89 13.08 -4.14
CA THR C 207 -22.74 13.09 -2.70
C THR C 207 -21.37 12.55 -2.32
N LEU C 208 -20.91 12.95 -1.14
CA LEU C 208 -19.63 12.49 -0.64
C LEU C 208 -19.86 11.78 0.70
N PRO C 209 -19.11 10.72 1.00
CA PRO C 209 -19.32 10.05 2.29
C PRO C 209 -18.72 10.80 3.46
N GLN C 210 -17.58 11.47 3.23
CA GLN C 210 -16.93 12.19 4.32
C GLN C 210 -17.52 13.58 4.50
N PHE C 211 -17.61 14.36 3.42
CA PHE C 211 -18.07 15.74 3.46
C PHE C 211 -19.37 15.93 2.70
N ILE C 212 -19.78 17.19 2.59
CA ILE C 212 -20.95 17.63 1.83
C ILE C 212 -20.51 18.88 1.09
N LEU C 213 -20.98 19.05 -0.15
CA LEU C 213 -20.57 20.20 -0.95
C LEU C 213 -21.45 21.42 -0.69
N LYS C 214 -20.79 22.57 -0.54
CA LYS C 214 -21.49 23.83 -0.34
C LYS C 214 -21.87 24.41 -1.70
N GLU C 215 -23.10 24.90 -1.81
CA GLU C 215 -23.57 25.42 -3.08
C GLU C 215 -23.27 26.91 -3.28
N GLU C 216 -22.28 27.46 -2.59
CA GLU C 216 -21.97 28.87 -2.77
C GLU C 216 -20.98 29.07 -3.93
N LYS C 217 -19.95 28.21 -3.97
CA LYS C 217 -18.88 28.19 -4.97
C LYS C 217 -18.15 29.54 -5.09
N ASP C 218 -17.43 29.89 -4.02
CA ASP C 218 -16.69 31.14 -3.95
C ASP C 218 -15.57 31.14 -4.98
N LEU C 219 -15.50 32.17 -5.81
CA LEU C 219 -14.48 32.21 -6.85
C LEU C 219 -14.02 33.64 -7.13
N ARG C 220 -12.72 33.76 -7.39
CA ARG C 220 -12.03 35.01 -7.67
C ARG C 220 -10.70 34.61 -8.32
N TYR C 221 -9.81 35.56 -8.57
CA TYR C 221 -8.54 35.17 -9.17
C TYR C 221 -7.38 36.00 -8.66
N CYS C 222 -6.27 35.31 -8.44
CA CYS C 222 -4.99 35.87 -8.02
C CYS C 222 -4.14 36.12 -9.27
N THR C 223 -2.83 36.29 -9.09
CA THR C 223 -1.89 36.49 -10.18
C THR C 223 -0.53 36.01 -9.73
N LYS C 224 0.37 35.81 -10.69
CA LYS C 224 1.71 35.33 -10.39
C LYS C 224 2.76 36.30 -10.90
N HIS C 225 3.83 36.48 -10.12
CA HIS C 225 4.95 37.37 -10.46
C HIS C 225 6.25 36.59 -10.28
N TYR C 226 6.76 36.00 -11.36
CA TYR C 226 8.02 35.29 -11.30
C TYR C 226 9.13 36.24 -11.75
N ASN C 227 10.34 35.70 -11.95
CA ASN C 227 11.43 36.55 -12.40
C ASN C 227 11.50 36.70 -13.91
N THR C 228 10.59 36.05 -14.64
CA THR C 228 10.56 36.12 -16.10
C THR C 228 9.45 36.99 -16.65
N GLY C 229 8.44 37.29 -15.85
CA GLY C 229 7.33 38.12 -16.31
C GLY C 229 6.11 37.93 -15.42
N LYS C 230 5.03 38.57 -15.83
CA LYS C 230 3.76 38.52 -15.11
C LYS C 230 2.85 37.51 -15.81
N PHE C 231 2.48 36.45 -15.09
CA PHE C 231 1.64 35.40 -15.63
C PHE C 231 0.28 35.39 -14.93
N THR C 232 -0.77 35.14 -15.70
CA THR C 232 -2.12 35.08 -15.18
C THR C 232 -2.35 33.76 -14.46
N CYS C 233 -3.23 33.79 -13.45
CA CYS C 233 -3.52 32.59 -12.67
C CYS C 233 -4.93 32.71 -12.11
N ILE C 234 -5.86 31.94 -12.66
CA ILE C 234 -7.26 32.00 -12.26
C ILE C 234 -7.55 30.79 -11.38
N GLU C 235 -8.28 31.01 -10.28
CA GLU C 235 -8.58 29.91 -9.37
C GLU C 235 -10.06 29.89 -9.00
N ALA C 236 -10.43 28.89 -8.20
CA ALA C 236 -11.80 28.68 -7.73
C ALA C 236 -11.70 27.96 -6.39
N ARG C 237 -12.53 28.36 -5.43
CA ARG C 237 -12.51 27.74 -4.10
C ARG C 237 -13.79 26.98 -3.79
N PHE C 238 -13.65 25.82 -3.15
CA PHE C 238 -14.78 25.01 -2.73
C PHE C 238 -14.84 25.05 -1.21
N HIS C 239 -15.98 24.62 -0.65
CA HIS C 239 -16.12 24.60 0.81
C HIS C 239 -16.71 23.26 1.22
N LEU C 240 -15.98 22.50 2.04
CA LEU C 240 -16.44 21.18 2.46
C LEU C 240 -16.48 21.05 3.98
N GLU C 241 -17.66 20.79 4.53
CA GLU C 241 -17.77 20.62 5.97
C GLU C 241 -18.06 19.15 6.29
N ARG C 242 -17.63 18.71 7.46
CA ARG C 242 -17.78 17.33 7.91
C ARG C 242 -19.21 16.93 8.27
N GLN C 243 -19.67 15.83 7.67
CA GLN C 243 -20.99 15.30 7.97
C GLN C 243 -20.74 14.50 9.24
N MET C 244 -21.12 15.10 10.38
CA MET C 244 -20.94 14.50 11.69
C MET C 244 -21.82 13.28 11.92
N GLY C 245 -21.32 12.38 12.77
CA GLY C 245 -21.95 11.13 13.11
C GLY C 245 -21.00 9.95 13.15
N TYR C 246 -19.83 10.07 12.51
CA TYR C 246 -18.84 9.00 12.53
C TYR C 246 -18.01 9.09 13.81
N TYR C 247 -17.43 10.27 14.03
CA TYR C 247 -16.56 10.60 15.16
C TYR C 247 -17.28 10.55 16.51
N LEU C 248 -18.61 10.64 16.49
CA LEU C 248 -19.42 10.54 17.70
C LEU C 248 -19.49 9.11 18.25
N ILE C 249 -19.47 8.13 17.37
CA ILE C 249 -19.52 6.69 17.69
C ILE C 249 -18.12 6.11 17.87
N GLN C 250 -17.14 6.58 17.11
CA GLN C 250 -15.79 6.05 17.18
C GLN C 250 -15.03 6.60 18.39
N MET C 251 -15.17 7.89 18.71
CA MET C 251 -14.44 8.51 19.83
C MET C 251 -15.33 8.97 20.97
N TYR C 252 -16.35 9.83 20.74
CA TYR C 252 -17.16 10.36 21.84
C TYR C 252 -17.94 9.29 22.59
N ILE C 253 -18.62 8.35 21.91
CA ILE C 253 -19.42 7.35 22.64
C ILE C 253 -18.56 6.43 23.53
N PRO C 254 -17.42 5.86 23.06
CA PRO C 254 -16.62 5.00 23.98
C PRO C 254 -16.06 5.71 25.21
N SER C 255 -15.61 6.96 25.06
CA SER C 255 -15.05 7.73 26.18
C SER C 255 -16.08 7.97 27.27
N LEU C 256 -17.35 8.19 26.87
CA LEU C 256 -18.39 8.39 27.85
C LEU C 256 -18.53 7.13 28.67
N LEU C 257 -18.47 5.95 27.99
CA LEU C 257 -18.61 4.67 28.66
C LEU C 257 -17.42 4.33 29.57
N ILE C 258 -16.47 5.26 29.70
CA ILE C 258 -15.29 5.14 30.51
C ILE C 258 -15.44 6.01 31.76
N VAL C 259 -16.03 7.19 31.57
CA VAL C 259 -16.30 8.01 32.73
C VAL C 259 -17.46 7.40 33.54
N ILE C 260 -18.40 6.72 32.87
CA ILE C 260 -19.46 6.04 33.62
C ILE C 260 -18.84 4.88 34.41
N LEU C 261 -17.82 4.26 33.82
CA LEU C 261 -17.08 3.18 34.47
C LEU C 261 -16.34 3.69 35.71
N SER C 262 -15.81 4.91 35.65
CA SER C 262 -15.17 5.46 36.84
C SER C 262 -16.21 5.86 37.87
N TRP C 263 -17.43 6.19 37.45
CA TRP C 263 -18.44 6.50 38.45
C TRP C 263 -18.95 5.21 39.07
N VAL C 264 -18.82 4.12 38.32
CA VAL C 264 -19.17 2.79 38.83
C VAL C 264 -18.15 2.43 39.89
N SER C 265 -16.87 2.78 39.64
CA SER C 265 -15.87 2.57 40.67
C SER C 265 -16.15 3.45 41.88
N PHE C 266 -16.77 4.61 41.68
CA PHE C 266 -17.14 5.38 42.86
C PHE C 266 -18.28 4.72 43.66
N TRP C 267 -19.19 3.98 43.01
CA TRP C 267 -20.29 3.28 43.71
C TRP C 267 -19.92 1.85 44.15
N ILE C 268 -18.79 1.67 44.81
CA ILE C 268 -18.32 0.38 45.29
C ILE C 268 -17.73 0.52 46.70
N ASN C 269 -17.67 -0.58 47.44
CA ASN C 269 -17.15 -0.59 48.82
C ASN C 269 -15.64 -0.33 48.90
N MET C 270 -15.29 0.56 49.84
CA MET C 270 -13.90 0.96 50.08
C MET C 270 -13.02 -0.12 50.67
N ASP C 271 -13.59 -1.08 51.42
CA ASP C 271 -12.77 -2.11 52.07
C ASP C 271 -11.96 -2.93 51.08
N ALA C 272 -12.59 -3.30 49.97
CA ALA C 272 -11.99 -4.07 48.89
C ALA C 272 -10.94 -3.27 48.13
N ALA C 273 -9.68 -3.68 48.23
CA ALA C 273 -8.52 -3.06 47.61
C ALA C 273 -8.28 -3.59 46.17
N PRO C 274 -8.20 -4.98 45.90
CA PRO C 274 -7.94 -5.47 44.52
C PRO C 274 -8.78 -4.91 43.37
N ALA C 275 -10.08 -5.22 43.43
CA ALA C 275 -11.10 -4.83 42.44
C ALA C 275 -11.02 -3.37 42.03
N ARG C 276 -11.21 -2.44 42.98
CA ARG C 276 -11.17 -1.00 42.71
C ARG C 276 -9.92 -0.58 41.94
N VAL C 277 -8.75 -0.93 42.50
CA VAL C 277 -7.45 -0.59 41.92
C VAL C 277 -7.47 -1.03 40.46
N GLY C 278 -7.79 -2.31 40.22
CA GLY C 278 -7.82 -2.87 38.87
C GLY C 278 -8.73 -2.06 37.95
N LEU C 279 -9.93 -1.70 38.45
CA LEU C 279 -10.92 -0.95 37.66
C LEU C 279 -10.39 0.42 37.25
N GLY C 280 -9.74 1.10 38.19
CA GLY C 280 -9.19 2.43 37.94
C GLY C 280 -8.11 2.36 36.87
N ILE C 281 -7.22 1.38 37.04
CA ILE C 281 -6.08 1.18 36.15
C ILE C 281 -6.56 0.84 34.75
N THR C 282 -7.54 -0.08 34.66
CA THR C 282 -8.06 -0.54 33.38
C THR C 282 -8.68 0.61 32.59
N THR C 283 -9.45 1.46 33.29
CA THR C 283 -10.12 2.60 32.66
C THR C 283 -9.09 3.57 32.09
N VAL C 284 -8.02 3.81 32.88
CA VAL C 284 -6.96 4.74 32.48
C VAL C 284 -6.25 4.19 31.23
N LEU C 285 -5.97 2.88 31.23
CA LEU C 285 -5.28 2.23 30.12
C LEU C 285 -6.08 2.31 28.84
N THR C 286 -7.40 2.06 28.93
CA THR C 286 -8.27 2.12 27.76
C THR C 286 -8.29 3.53 27.20
N MET C 287 -8.33 4.52 28.09
CA MET C 287 -8.37 5.92 27.67
C MET C 287 -7.10 6.24 26.89
N THR C 288 -5.95 5.74 27.36
CA THR C 288 -4.68 6.00 26.66
C THR C 288 -4.68 5.31 25.29
N THR C 289 -4.98 4.00 25.25
CA THR C 289 -4.98 3.25 23.97
C THR C 289 -5.89 3.94 22.96
N GLN C 290 -7.15 4.19 23.36
CA GLN C 290 -8.16 4.85 22.53
C GLN C 290 -7.61 6.15 21.98
N SER C 291 -7.14 7.03 22.89
CA SER C 291 -6.58 8.34 22.57
C SER C 291 -5.54 8.19 21.48
N SER C 292 -4.56 7.30 21.70
CA SER C 292 -3.48 7.06 20.75
C SER C 292 -4.07 6.75 19.38
N GLY C 293 -4.82 5.62 19.31
CA GLY C 293 -5.47 5.14 18.10
C GLY C 293 -6.33 6.13 17.34
N SER C 294 -6.78 7.19 18.03
CA SER C 294 -7.65 8.21 17.47
C SER C 294 -6.89 9.16 16.54
N ARG C 295 -5.59 9.33 16.79
CA ARG C 295 -4.69 10.20 16.03
C ARG C 295 -3.95 9.44 14.93
N ALA C 296 -4.17 8.11 14.83
CA ALA C 296 -3.48 7.29 13.83
C ALA C 296 -3.86 7.71 12.40
N SER C 297 -5.15 7.95 12.16
CA SER C 297 -5.61 8.34 10.82
C SER C 297 -5.00 9.68 10.43
N LEU C 298 -4.98 10.63 11.37
CA LEU C 298 -4.47 11.96 11.14
C LEU C 298 -2.97 11.98 10.88
N PRO C 299 -2.49 12.87 10.00
CA PRO C 299 -1.05 12.95 9.74
C PRO C 299 -0.37 13.70 10.87
N LYS C 300 0.94 13.51 10.97
CA LYS C 300 1.74 14.17 12.02
C LYS C 300 1.55 15.69 12.00
N VAL C 301 1.03 16.25 13.09
CA VAL C 301 0.79 17.69 13.20
C VAL C 301 1.34 18.17 14.54
N SER C 302 1.65 19.46 14.63
CA SER C 302 2.23 20.01 15.85
C SER C 302 1.19 20.65 16.76
N TYR C 303 0.31 21.48 16.21
CA TYR C 303 -0.69 22.19 17.00
C TYR C 303 -1.71 21.23 17.60
N VAL C 304 -2.03 21.45 18.89
CA VAL C 304 -2.99 20.58 19.57
C VAL C 304 -4.37 20.70 18.93
N LYS C 305 -5.05 19.57 18.79
CA LYS C 305 -6.36 19.47 18.19
C LYS C 305 -7.48 19.47 19.22
N ALA C 306 -8.72 19.66 18.74
CA ALA C 306 -9.88 19.68 19.64
C ALA C 306 -10.07 18.32 20.31
N ILE C 307 -9.88 17.26 19.53
CA ILE C 307 -10.04 15.89 20.01
C ILE C 307 -9.04 15.62 21.12
N ASP C 308 -7.81 16.12 20.97
CA ASP C 308 -6.78 15.91 21.98
C ASP C 308 -7.22 16.53 23.30
N ILE C 309 -7.83 17.73 23.21
CA ILE C 309 -8.30 18.44 24.40
C ILE C 309 -9.36 17.61 25.12
N TRP C 310 -10.29 17.03 24.33
CA TRP C 310 -11.35 16.19 24.89
C TRP C 310 -10.77 14.95 25.57
N MET C 311 -9.79 14.32 24.90
CA MET C 311 -9.17 13.11 25.44
C MET C 311 -8.43 13.44 26.73
N ALA C 312 -7.72 14.58 26.75
CA ALA C 312 -6.97 14.98 27.94
C ALA C 312 -7.90 15.21 29.11
N VAL C 313 -9.04 15.89 28.87
CA VAL C 313 -9.99 16.19 29.93
C VAL C 313 -10.56 14.88 30.51
N CYS C 314 -10.92 13.93 29.62
CA CYS C 314 -11.48 12.66 30.08
C CYS C 314 -10.44 11.90 30.88
N LEU C 315 -9.22 11.81 30.33
CA LEU C 315 -8.10 11.13 30.96
C LEU C 315 -7.88 11.72 32.35
N LEU C 316 -7.96 13.05 32.46
CA LEU C 316 -7.77 13.73 33.73
C LEU C 316 -8.84 13.28 34.72
N PHE C 317 -10.10 13.18 34.27
CA PHE C 317 -11.19 12.78 35.17
C PHE C 317 -10.97 11.37 35.71
N VAL C 318 -10.62 10.43 34.82
CA VAL C 318 -10.38 9.05 35.25
C VAL C 318 -9.14 8.96 36.15
N PHE C 319 -8.08 9.72 35.82
CA PHE C 319 -6.85 9.72 36.61
C PHE C 319 -7.16 10.28 38.00
N SER C 320 -7.98 11.35 38.04
CA SER C 320 -8.37 12.02 39.28
C SER C 320 -9.13 11.03 40.16
N ALA C 321 -9.99 10.21 39.54
CA ALA C 321 -10.80 9.23 40.28
C ALA C 321 -9.84 8.27 40.98
N LEU C 322 -8.83 7.80 40.24
CA LEU C 322 -7.82 6.86 40.74
C LEU C 322 -7.08 7.51 41.92
N LEU C 323 -6.69 8.78 41.75
CA LEU C 323 -5.99 9.56 42.78
C LEU C 323 -6.86 9.70 44.02
N GLU C 324 -8.16 9.94 43.82
CA GLU C 324 -9.11 10.10 44.92
C GLU C 324 -9.13 8.81 45.71
N TYR C 325 -9.14 7.66 45.01
CA TYR C 325 -9.13 6.38 45.71
C TYR C 325 -7.85 6.19 46.50
N ALA C 326 -6.71 6.58 45.93
CA ALA C 326 -5.46 6.41 46.67
C ALA C 326 -5.51 7.23 47.95
N ALA C 327 -6.03 8.46 47.88
CA ALA C 327 -6.11 9.30 49.09
C ALA C 327 -7.02 8.67 50.15
N VAL C 328 -8.17 8.12 49.74
CA VAL C 328 -9.10 7.48 50.68
C VAL C 328 -8.45 6.27 51.34
N ASN C 329 -7.79 5.44 50.51
CA ASN C 329 -7.10 4.23 50.94
C ASN C 329 -6.06 4.61 52.00
N PHE C 330 -5.31 5.68 51.74
CA PHE C 330 -4.27 6.16 52.65
C PHE C 330 -4.90 6.57 53.99
N ILE C 331 -6.03 7.28 53.94
CA ILE C 331 -6.73 7.74 55.15
C ILE C 331 -7.19 6.53 55.98
N ALA C 332 -7.76 5.53 55.30
CA ALA C 332 -8.23 4.31 55.96
C ALA C 332 -7.05 3.57 56.58
N ARG C 333 -5.93 3.50 55.84
CA ARG C 333 -4.74 2.81 56.33
C ARG C 333 -4.21 3.51 57.58
N GLN C 334 -4.25 4.85 57.58
CA GLN C 334 -3.78 5.62 58.73
C GLN C 334 -4.62 5.26 59.95
N HIS C 335 -5.93 5.11 59.72
CA HIS C 335 -6.85 4.75 60.79
C HIS C 335 -6.50 3.36 61.31
N LYS C 336 -6.18 2.44 60.39
CA LYS C 336 -5.85 1.05 60.74
C LYS C 336 -4.58 0.98 61.60
N GLU C 337 -3.56 1.74 61.20
CA GLU C 337 -2.27 1.80 61.90
C GLU C 337 -2.43 2.40 63.28
N LEU C 338 -3.29 3.40 63.42
CA LEU C 338 -3.49 4.04 64.71
C LEU C 338 -4.52 3.34 65.58
N LEU C 339 -5.24 2.33 65.07
CA LEU C 339 -6.26 1.63 65.87
C LEU C 339 -5.63 0.95 67.07
N GLU C 397 -10.52 6.34 69.46
CA GLU C 397 -11.96 6.15 69.52
C GLU C 397 -12.69 7.23 68.72
N GLU C 398 -12.65 8.46 69.25
CA GLU C 398 -13.29 9.58 68.57
C GLU C 398 -12.57 9.92 67.27
N MET C 399 -11.25 9.71 67.22
CA MET C 399 -10.55 9.98 65.99
C MET C 399 -10.77 8.84 65.01
N ARG C 400 -11.05 7.63 65.54
CA ARG C 400 -11.32 6.48 64.72
C ARG C 400 -12.60 6.73 63.92
N LYS C 401 -13.67 7.12 64.64
CA LYS C 401 -14.95 7.41 64.04
C LYS C 401 -14.80 8.60 63.09
N LEU C 402 -14.02 9.60 63.49
CA LEU C 402 -13.83 10.79 62.66
C LEU C 402 -13.18 10.41 61.32
N PHE C 403 -12.17 9.53 61.36
CA PHE C 403 -11.49 9.08 60.14
C PHE C 403 -12.45 8.29 59.24
N ILE C 404 -13.25 7.40 59.84
CA ILE C 404 -14.22 6.61 59.05
C ILE C 404 -15.25 7.55 58.42
N SER C 405 -15.72 8.53 59.21
CA SER C 405 -16.68 9.52 58.76
C SER C 405 -16.10 10.34 57.61
N ARG C 406 -14.82 10.72 57.74
CA ARG C 406 -14.14 11.50 56.71
C ARG C 406 -14.05 10.71 55.42
N ALA C 407 -13.75 9.41 55.52
CA ALA C 407 -13.65 8.54 54.34
C ALA C 407 -15.01 8.45 53.64
N LYS C 408 -16.07 8.32 54.43
CA LYS C 408 -17.43 8.26 53.88
C LYS C 408 -17.79 9.60 53.24
N ARG C 409 -17.46 10.71 53.91
CA ARG C 409 -17.77 12.05 53.41
C ARG C 409 -17.04 12.34 52.11
N ILE C 410 -15.74 12.01 52.02
CA ILE C 410 -14.98 12.28 50.80
C ILE C 410 -15.54 11.43 49.66
N ASP C 411 -15.87 10.15 49.93
CA ASP C 411 -16.41 9.29 48.87
C ASP C 411 -17.75 9.80 48.36
N THR C 412 -18.67 10.18 49.28
CA THR C 412 -19.99 10.68 48.88
C THR C 412 -19.88 12.02 48.14
N VAL C 413 -18.98 12.91 48.57
CA VAL C 413 -18.85 14.22 47.93
C VAL C 413 -18.15 14.06 46.60
N SER C 414 -17.34 13.00 46.42
CA SER C 414 -16.68 12.78 45.14
C SER C 414 -17.69 12.18 44.16
N ARG C 415 -18.59 11.35 44.68
CA ARG C 415 -19.65 10.75 43.88
C ARG C 415 -20.65 11.80 43.42
N VAL C 416 -20.85 12.86 44.23
CA VAL C 416 -21.75 13.92 43.83
C VAL C 416 -21.04 14.93 42.92
N ALA C 417 -19.85 15.37 43.31
CA ALA C 417 -19.07 16.39 42.61
C ALA C 417 -18.60 15.97 41.22
N PHE C 418 -18.23 14.71 41.03
CA PHE C 418 -17.74 14.28 39.71
C PHE C 418 -18.70 14.35 38.53
N PRO C 419 -20.00 13.99 38.59
CA PRO C 419 -20.83 14.17 37.39
C PRO C 419 -21.25 15.59 37.09
N LEU C 420 -21.26 16.51 38.07
CA LEU C 420 -21.63 17.89 37.76
C LEU C 420 -20.50 18.63 37.05
N VAL C 421 -19.24 18.36 37.40
CA VAL C 421 -18.11 19.01 36.73
C VAL C 421 -17.97 18.47 35.31
N PHE C 422 -18.20 17.17 35.12
CA PHE C 422 -18.16 16.58 33.79
C PHE C 422 -19.33 17.05 32.93
N LEU C 423 -20.49 17.27 33.54
CA LEU C 423 -21.65 17.76 32.78
C LEU C 423 -21.47 19.22 32.39
N ILE C 424 -20.89 20.04 33.28
CA ILE C 424 -20.68 21.43 32.90
C ILE C 424 -19.51 21.55 31.92
N PHE C 425 -18.58 20.59 31.93
CA PHE C 425 -17.52 20.62 30.91
C PHE C 425 -18.11 20.25 29.56
N ASN C 426 -19.02 19.27 29.55
CA ASN C 426 -19.67 18.84 28.31
C ASN C 426 -20.49 19.98 27.71
N ILE C 427 -21.22 20.69 28.57
CA ILE C 427 -22.03 21.83 28.13
C ILE C 427 -21.15 22.97 27.60
N PHE C 428 -20.09 23.32 28.34
CA PHE C 428 -19.16 24.36 27.91
C PHE C 428 -18.41 24.00 26.62
N TYR C 429 -17.98 22.74 26.51
CA TYR C 429 -17.26 22.25 25.33
C TYR C 429 -18.16 22.28 24.09
N TRP C 430 -19.37 21.71 24.19
CA TRP C 430 -20.23 21.73 23.02
C TRP C 430 -20.79 23.11 22.72
N ILE C 431 -20.95 23.99 23.71
CA ILE C 431 -21.45 25.31 23.34
C ILE C 431 -20.35 26.17 22.72
N THR C 432 -19.07 25.97 23.11
CA THR C 432 -18.04 26.77 22.48
C THR C 432 -17.71 26.23 21.10
N TYR C 433 -17.91 24.92 20.89
CA TYR C 433 -17.64 24.42 19.56
C TYR C 433 -18.82 24.64 18.62
N LYS C 434 -20.05 24.75 19.15
CA LYS C 434 -21.14 25.07 18.23
C LYS C 434 -21.13 26.54 17.88
N ILE C 435 -20.65 27.41 18.79
CA ILE C 435 -20.56 28.80 18.38
C ILE C 435 -19.35 29.00 17.47
N ILE C 436 -18.29 28.18 17.60
CA ILE C 436 -17.20 28.37 16.66
C ILE C 436 -17.53 27.68 15.34
N ARG C 437 -18.47 26.73 15.33
CA ARG C 437 -18.89 26.10 14.09
C ARG C 437 -19.81 27.05 13.34
N SER C 438 -20.54 27.89 14.08
CA SER C 438 -21.38 28.87 13.43
C SER C 438 -20.53 30.05 12.97
N GLU C 439 -19.45 30.35 13.68
CA GLU C 439 -18.60 31.49 13.33
C GLU C 439 -17.63 31.21 12.19
N ASP C 440 -17.13 29.99 12.02
CA ASP C 440 -16.19 29.78 10.90
C ASP C 440 -16.93 29.64 9.57
N PRO D 31 7.43 43.48 -39.63
CA PRO D 31 7.21 43.64 -41.08
C PRO D 31 7.40 42.34 -41.85
N MET D 32 8.20 41.41 -41.28
CA MET D 32 8.36 40.17 -42.02
C MET D 32 7.42 39.09 -41.48
N PRO D 33 6.92 38.24 -42.38
CA PRO D 33 6.03 37.12 -41.99
C PRO D 33 6.61 36.23 -40.90
N PRO D 34 5.82 35.93 -39.86
CA PRO D 34 6.31 35.11 -38.73
C PRO D 34 6.68 33.70 -39.15
N SER D 35 5.88 33.07 -40.02
CA SER D 35 6.14 31.70 -40.46
C SER D 35 7.45 31.60 -41.21
N GLU D 36 7.75 32.58 -42.08
CA GLU D 36 8.98 32.55 -42.87
C GLU D 36 10.20 32.61 -41.96
N PHE D 37 10.15 33.50 -40.95
CA PHE D 37 11.24 33.68 -39.99
C PHE D 37 11.45 32.38 -39.20
N LEU D 38 10.34 31.77 -38.75
CA LEU D 38 10.43 30.53 -37.99
C LEU D 38 10.99 29.42 -38.87
N ASP D 39 10.54 29.33 -40.12
CA ASP D 39 10.99 28.25 -40.99
C ASP D 39 12.49 28.38 -41.27
N LYS D 40 12.96 29.60 -41.59
CA LYS D 40 14.37 29.81 -41.91
C LYS D 40 15.27 29.51 -40.70
N LEU D 41 14.87 29.98 -39.52
CA LEU D 41 15.69 29.79 -38.32
C LEU D 41 15.47 28.38 -37.79
N MET D 42 16.55 27.71 -37.38
CA MET D 42 16.54 26.32 -36.86
C MET D 42 15.89 25.38 -37.88
N GLY D 43 16.29 25.55 -39.14
CA GLY D 43 15.78 24.80 -40.27
C GLY D 43 16.83 24.02 -41.03
N LYS D 44 16.44 23.47 -42.17
CA LYS D 44 17.32 22.66 -43.02
C LYS D 44 17.87 23.43 -44.20
N VAL D 45 17.43 24.67 -44.42
CA VAL D 45 17.96 25.49 -45.49
C VAL D 45 19.14 26.31 -45.00
N SER D 46 19.37 26.34 -43.70
CA SER D 46 20.47 27.02 -43.03
C SER D 46 21.45 25.98 -42.54
N GLY D 47 22.58 26.43 -41.99
CA GLY D 47 23.56 25.49 -41.51
C GLY D 47 23.43 25.09 -40.05
N TYR D 48 22.24 25.25 -39.48
CA TYR D 48 22.02 24.91 -38.08
C TYR D 48 21.77 23.41 -37.94
N ASP D 49 22.64 22.74 -37.18
CA ASP D 49 22.54 21.32 -36.90
C ASP D 49 22.28 21.16 -35.41
N ALA D 50 21.14 20.57 -35.06
CA ALA D 50 20.79 20.41 -33.66
C ALA D 50 21.57 19.33 -32.94
N ARG D 51 22.30 18.48 -33.65
CA ARG D 51 23.04 17.41 -33.01
C ARG D 51 24.46 17.79 -32.62
N ILE D 52 24.88 19.03 -32.84
CA ILE D 52 26.25 19.42 -32.49
C ILE D 52 26.25 20.62 -31.53
N ARG D 53 27.24 20.62 -30.65
CA ARG D 53 27.45 21.67 -29.67
C ARG D 53 27.84 22.98 -30.37
N PRO D 54 27.33 24.12 -29.91
CA PRO D 54 27.72 25.40 -30.52
C PRO D 54 29.14 25.74 -30.14
N ASN D 55 29.75 26.59 -30.99
CA ASN D 55 31.16 27.03 -30.98
C ASN D 55 32.08 25.82 -30.77
N PHE D 56 31.88 24.84 -31.65
CA PHE D 56 32.57 23.55 -31.67
C PHE D 56 34.09 23.69 -31.70
N LYS D 57 34.75 22.73 -31.06
CA LYS D 57 36.21 22.65 -30.92
C LYS D 57 36.83 23.90 -30.29
N GLY D 58 36.14 24.48 -29.32
CA GLY D 58 36.65 25.66 -28.66
C GLY D 58 36.40 25.65 -27.17
N PRO D 59 35.96 26.78 -26.61
CA PRO D 59 35.69 26.83 -25.18
C PRO D 59 34.34 26.21 -24.86
N PRO D 60 34.12 25.78 -23.63
CA PRO D 60 32.81 25.21 -23.27
C PRO D 60 31.77 26.30 -23.10
N VAL D 61 30.51 25.86 -23.10
CA VAL D 61 29.38 26.78 -22.99
C VAL D 61 28.92 26.74 -21.53
N ASN D 62 28.65 27.92 -20.96
CA ASN D 62 28.25 27.98 -19.56
C ASN D 62 26.73 28.00 -19.46
N VAL D 63 26.20 27.20 -18.55
CA VAL D 63 24.76 27.09 -18.31
C VAL D 63 24.46 27.70 -16.95
N THR D 64 23.54 28.66 -16.91
CA THR D 64 23.15 29.33 -15.67
C THR D 64 21.79 28.79 -15.26
N CYS D 65 21.76 28.03 -14.16
CA CYS D 65 20.56 27.39 -13.66
C CYS D 65 19.98 28.11 -12.43
N ASN D 66 18.65 28.12 -12.36
CA ASN D 66 17.91 28.69 -11.23
C ASN D 66 16.90 27.63 -10.79
N ILE D 67 16.56 27.61 -9.51
CA ILE D 67 15.62 26.63 -8.98
C ILE D 67 14.46 27.33 -8.28
N PHE D 68 13.25 27.11 -8.78
CA PHE D 68 12.01 27.60 -8.17
C PHE D 68 11.28 26.39 -7.60
N ILE D 69 11.19 26.31 -6.28
CA ILE D 69 10.49 25.17 -5.65
C ILE D 69 9.01 25.49 -5.67
N ASN D 70 8.23 24.65 -6.36
CA ASN D 70 6.79 24.89 -6.45
C ASN D 70 6.04 24.33 -5.24
N SER D 71 6.27 23.07 -4.87
CA SER D 71 5.55 22.52 -3.73
C SER D 71 6.41 21.47 -3.02
N PHE D 72 7.04 21.87 -1.91
CA PHE D 72 7.86 20.95 -1.14
C PHE D 72 6.93 20.19 -0.19
N GLY D 73 7.26 18.96 0.11
CA GLY D 73 6.41 18.18 1.00
C GLY D 73 6.47 16.71 0.65
N SER D 74 5.64 15.95 1.39
CA SER D 74 5.51 14.49 1.25
C SER D 74 6.84 13.76 1.45
N ILE D 75 7.63 14.24 2.41
CA ILE D 75 8.91 13.61 2.71
C ILE D 75 8.65 12.26 3.36
N ALA D 76 9.37 11.24 2.92
CA ALA D 76 9.22 9.90 3.46
C ALA D 76 10.41 9.67 4.39
N GLU D 77 10.10 9.40 5.65
CA GLU D 77 11.11 9.18 6.67
C GLU D 77 11.47 7.69 6.80
N THR D 78 10.67 6.80 6.20
CA THR D 78 10.91 5.36 6.29
C THR D 78 11.67 4.81 5.09
N THR D 79 11.70 5.54 3.98
CA THR D 79 12.40 5.12 2.77
C THR D 79 13.45 6.15 2.35
N MET D 80 13.64 7.18 3.16
CA MET D 80 14.59 8.28 2.99
C MET D 80 14.48 8.99 1.64
N ASP D 81 13.32 9.59 1.39
CA ASP D 81 13.10 10.31 0.14
C ASP D 81 12.10 11.44 0.40
N TYR D 82 11.85 12.23 -0.64
CA TYR D 82 10.94 13.37 -0.58
C TYR D 82 10.54 13.76 -1.99
N ARG D 83 9.34 14.31 -2.13
CA ARG D 83 8.79 14.71 -3.42
C ARG D 83 8.84 16.22 -3.56
N VAL D 84 9.45 16.71 -4.63
CA VAL D 84 9.57 18.13 -4.87
C VAL D 84 9.48 18.37 -6.38
N ASN D 85 8.77 19.43 -6.78
CA ASN D 85 8.66 19.80 -8.18
C ASN D 85 9.34 21.14 -8.43
N ILE D 86 10.42 21.12 -9.19
CA ILE D 86 11.20 22.29 -9.50
C ILE D 86 10.82 22.77 -10.90
N PHE D 87 11.31 23.95 -11.29
CA PHE D 87 11.00 24.47 -12.61
C PHE D 87 12.18 24.37 -13.57
N LEU D 88 13.40 24.30 -13.04
CA LEU D 88 14.67 24.12 -13.76
C LEU D 88 14.87 25.03 -14.98
N ARG D 89 15.00 26.34 -14.72
CA ARG D 89 15.21 27.25 -15.84
C ARG D 89 16.72 27.31 -16.05
N GLN D 90 17.16 27.15 -17.31
CA GLN D 90 18.58 27.19 -17.61
C GLN D 90 18.86 28.10 -18.80
N GLN D 91 19.87 28.95 -18.67
CA GLN D 91 20.23 29.90 -19.71
C GLN D 91 21.64 29.64 -20.22
N TRP D 92 21.81 29.72 -21.54
CA TRP D 92 23.12 29.55 -22.15
C TRP D 92 23.18 30.43 -23.39
N ASN D 93 24.37 30.60 -23.94
CA ASN D 93 24.56 31.43 -25.12
C ASN D 93 25.22 30.64 -26.25
N ASP D 94 24.78 30.91 -27.48
CA ASP D 94 25.30 30.27 -28.68
C ASP D 94 25.65 31.33 -29.71
N PRO D 95 26.67 31.11 -30.55
CA PRO D 95 27.00 32.12 -31.57
C PRO D 95 26.01 32.15 -32.71
N ARG D 96 25.22 31.10 -32.88
CA ARG D 96 24.18 30.97 -33.89
C ARG D 96 22.86 31.48 -33.31
N LEU D 97 21.80 31.41 -34.13
CA LEU D 97 20.44 31.89 -33.80
C LEU D 97 20.41 33.36 -33.36
N ALA D 98 21.27 34.17 -33.98
CA ALA D 98 21.35 35.60 -33.70
C ALA D 98 20.80 36.35 -34.91
N TYR D 99 19.47 36.51 -34.93
CA TYR D 99 18.76 37.15 -36.03
C TYR D 99 19.18 38.61 -36.20
N SER D 100 19.15 39.39 -35.11
CA SER D 100 19.50 40.82 -35.08
C SER D 100 18.78 41.65 -36.14
N GLU D 101 17.50 41.33 -36.38
CA GLU D 101 16.71 42.04 -37.37
C GLU D 101 15.31 42.43 -36.89
N TYR D 102 14.83 41.88 -35.73
CA TYR D 102 13.52 42.25 -35.23
C TYR D 102 13.63 43.44 -34.28
N PRO D 103 12.63 44.32 -34.19
CA PRO D 103 12.77 45.50 -33.33
C PRO D 103 12.63 45.24 -31.84
N ASP D 104 12.23 44.04 -31.40
CA ASP D 104 12.07 43.78 -29.98
C ASP D 104 13.33 43.12 -29.43
N ASP D 105 13.38 42.97 -28.10
CA ASP D 105 14.55 42.36 -27.48
C ASP D 105 14.52 40.84 -27.50
N SER D 106 13.38 40.24 -27.15
CA SER D 106 13.27 38.78 -27.12
C SER D 106 12.01 38.31 -27.85
N LEU D 107 12.02 37.02 -28.20
CA LEU D 107 10.94 36.40 -28.95
C LEU D 107 10.44 35.18 -28.19
N ASP D 108 9.13 34.94 -28.26
CA ASP D 108 8.54 33.76 -27.63
C ASP D 108 8.26 32.73 -28.71
N LEU D 109 8.85 31.56 -28.58
CA LEU D 109 8.69 30.48 -29.54
C LEU D 109 7.66 29.49 -28.98
N ASP D 110 7.13 28.64 -29.87
CA ASP D 110 6.14 27.65 -29.48
C ASP D 110 6.82 26.46 -28.80
N PRO D 111 6.18 25.89 -27.77
CA PRO D 111 6.77 24.73 -27.06
C PRO D 111 6.73 23.39 -27.76
N SER D 112 6.37 23.31 -29.03
CA SER D 112 6.33 22.03 -29.73
C SER D 112 7.47 21.91 -30.75
N MET D 113 8.46 22.79 -30.67
CA MET D 113 9.64 22.83 -31.53
C MET D 113 10.90 22.80 -30.69
N LEU D 114 10.96 21.86 -29.74
CA LEU D 114 12.10 21.73 -28.83
C LEU D 114 13.08 20.65 -29.23
N ASP D 115 12.85 19.92 -30.33
CA ASP D 115 13.76 18.87 -30.74
C ASP D 115 14.79 19.38 -31.75
N SER D 116 14.92 20.70 -31.86
CA SER D 116 15.88 21.33 -32.76
C SER D 116 16.63 22.48 -32.09
N ILE D 117 16.44 22.68 -30.79
CA ILE D 117 17.08 23.77 -30.05
C ILE D 117 18.32 23.31 -29.28
N TRP D 118 18.74 22.04 -29.45
CA TRP D 118 19.93 21.46 -28.79
C TRP D 118 19.89 21.62 -27.26
N LYS D 119 18.80 21.19 -26.63
CA LYS D 119 18.77 21.32 -25.17
C LYS D 119 19.91 20.49 -24.58
N PRO D 120 20.61 21.00 -23.56
CA PRO D 120 21.73 20.26 -22.96
C PRO D 120 21.25 19.09 -22.11
N ASP D 121 22.22 18.26 -21.72
CA ASP D 121 21.92 17.10 -20.89
C ASP D 121 22.03 17.42 -19.41
N LEU D 122 21.06 16.94 -18.64
CA LEU D 122 21.04 17.15 -17.20
C LEU D 122 20.29 16.01 -16.53
N PHE D 123 20.87 15.42 -15.48
CA PHE D 123 20.19 14.39 -14.72
C PHE D 123 20.49 14.62 -13.24
N PHE D 124 19.87 13.83 -12.39
CA PHE D 124 20.05 13.93 -10.94
C PHE D 124 20.66 12.62 -10.45
N ALA D 125 21.69 12.72 -9.61
CA ALA D 125 22.40 11.53 -9.14
C ALA D 125 21.57 10.68 -8.17
N ASN D 126 20.54 11.25 -7.54
CA ASN D 126 19.65 10.51 -6.65
C ASN D 126 18.23 10.66 -7.18
N GLU D 127 17.72 9.64 -7.88
CA GLU D 127 16.39 9.74 -8.45
C GLU D 127 15.61 8.44 -8.26
N LYS D 128 14.27 8.60 -8.31
CA LYS D 128 13.32 7.49 -8.20
C LYS D 128 12.11 7.91 -9.03
N GLY D 129 11.98 7.37 -10.24
CA GLY D 129 10.86 7.73 -11.08
C GLY D 129 11.18 8.99 -11.86
N ALA D 130 10.78 10.13 -11.29
CA ALA D 130 11.00 11.48 -11.84
C ALA D 130 10.38 11.63 -13.24
N ASN D 131 9.06 11.64 -13.26
CA ASN D 131 8.32 11.78 -14.51
C ASN D 131 8.21 13.26 -14.91
N PHE D 132 7.63 13.48 -16.09
CA PHE D 132 7.38 14.82 -16.61
C PHE D 132 5.99 15.31 -16.20
N HIS D 133 5.55 16.38 -16.86
CA HIS D 133 4.22 16.96 -16.66
C HIS D 133 3.69 17.30 -18.04
N GLU D 134 2.56 16.68 -18.39
CA GLU D 134 1.89 16.79 -19.68
C GLU D 134 0.38 16.92 -19.45
N VAL D 135 -0.06 18.08 -18.96
CA VAL D 135 -1.48 18.32 -18.76
C VAL D 135 -1.88 19.45 -19.71
N THR D 136 -2.88 19.14 -20.56
CA THR D 136 -3.51 19.96 -21.61
C THR D 136 -2.54 20.13 -22.78
N THR D 137 -1.40 20.75 -22.48
CA THR D 137 -0.30 21.02 -23.40
C THR D 137 1.00 20.77 -22.67
N ASP D 138 2.07 20.59 -23.45
CA ASP D 138 3.40 20.33 -22.88
C ASP D 138 3.83 21.50 -22.00
N ASN D 139 4.38 21.18 -20.83
CA ASN D 139 4.81 22.16 -19.84
C ASN D 139 6.23 22.66 -20.08
N LYS D 140 6.59 22.95 -21.33
CA LYS D 140 7.90 23.46 -21.66
C LYS D 140 7.83 24.98 -21.87
N LEU D 141 9.00 25.60 -21.99
CA LEU D 141 9.11 27.04 -22.22
C LEU D 141 10.39 27.26 -23.02
N LEU D 142 10.34 28.17 -23.99
CA LEU D 142 11.53 28.45 -24.78
C LEU D 142 11.52 29.91 -25.25
N ARG D 143 12.46 30.70 -24.75
CA ARG D 143 12.62 32.10 -25.11
C ARG D 143 13.95 32.27 -25.85
N ILE D 144 14.00 33.25 -26.74
CA ILE D 144 15.20 33.51 -27.54
C ILE D 144 15.32 35.01 -27.79
N SER D 145 16.50 35.57 -27.49
CA SER D 145 16.77 36.99 -27.65
C SER D 145 17.66 37.25 -28.86
N LYS D 146 18.01 38.53 -29.05
CA LYS D 146 18.83 38.94 -30.18
C LYS D 146 20.27 38.45 -30.05
N ASN D 147 20.82 38.43 -28.83
CA ASN D 147 22.19 37.99 -28.64
C ASN D 147 22.33 36.48 -28.68
N GLY D 148 21.31 35.77 -28.24
CA GLY D 148 21.33 34.31 -28.20
C GLY D 148 21.12 33.71 -26.82
N ASN D 149 20.86 34.52 -25.80
CA ASN D 149 20.63 33.98 -24.46
C ASN D 149 19.22 33.39 -24.45
N VAL D 150 19.11 32.09 -24.24
CA VAL D 150 17.84 31.42 -24.27
C VAL D 150 17.36 31.11 -22.85
N LEU D 151 16.09 30.71 -22.74
CA LEU D 151 15.46 30.31 -21.50
C LEU D 151 14.78 28.97 -21.74
N TYR D 152 14.87 28.07 -20.76
CA TYR D 152 14.26 26.75 -20.92
C TYR D 152 13.92 26.21 -19.54
N SER D 153 12.64 26.28 -19.16
CA SER D 153 12.19 25.82 -17.86
C SER D 153 11.12 24.76 -18.05
N ILE D 154 11.27 23.64 -17.34
CA ILE D 154 10.34 22.52 -17.43
C ILE D 154 10.00 22.07 -16.01
N ARG D 155 8.70 22.01 -15.70
CA ARG D 155 8.33 21.54 -14.36
C ARG D 155 8.35 20.02 -14.36
N ILE D 156 9.12 19.45 -13.44
CA ILE D 156 9.29 18.01 -13.30
C ILE D 156 9.13 17.63 -11.84
N THR D 157 8.34 16.59 -11.59
CA THR D 157 8.12 16.13 -10.22
C THR D 157 9.20 15.12 -9.92
N LEU D 158 10.06 15.43 -8.95
CA LEU D 158 11.17 14.58 -8.56
C LEU D 158 10.96 13.93 -7.21
N VAL D 159 11.37 12.67 -7.11
CA VAL D 159 11.35 11.90 -5.87
C VAL D 159 12.82 11.65 -5.60
N LEU D 160 13.47 12.61 -4.96
CA LEU D 160 14.88 12.58 -4.66
C LEU D 160 15.15 11.82 -3.36
N ALA D 161 16.17 10.97 -3.38
CA ALA D 161 16.56 10.19 -2.22
C ALA D 161 17.65 10.93 -1.45
N CYS D 162 17.41 11.17 -0.16
CA CYS D 162 18.36 11.87 0.68
C CYS D 162 18.82 10.95 1.81
N PRO D 163 20.14 10.84 2.04
CA PRO D 163 20.64 9.97 3.13
C PRO D 163 20.67 10.66 4.49
N MET D 164 19.48 10.84 5.07
CA MET D 164 19.35 11.50 6.35
C MET D 164 19.94 10.66 7.49
N ASP D 165 20.64 11.33 8.40
CA ASP D 165 21.24 10.72 9.57
C ASP D 165 20.34 11.09 10.74
N LEU D 166 19.85 10.09 11.48
CA LEU D 166 18.93 10.33 12.59
C LEU D 166 19.62 10.01 13.92
N LYS D 167 20.64 10.80 14.30
CA LYS D 167 21.29 10.54 15.59
C LYS D 167 20.34 10.69 16.76
N ASN D 168 19.53 11.75 16.76
CA ASN D 168 18.53 11.99 17.80
C ASN D 168 17.15 12.13 17.13
N PHE D 169 16.23 11.23 17.48
CA PHE D 169 14.95 11.39 16.79
C PHE D 169 14.07 12.62 17.03
N PRO D 170 13.84 13.14 18.26
CA PRO D 170 12.93 14.31 18.36
C PRO D 170 13.38 15.59 17.66
N MET D 171 14.66 15.94 17.77
CA MET D 171 15.17 17.14 17.11
C MET D 171 15.21 16.99 15.61
N ASP D 172 15.80 15.87 15.16
CA ASP D 172 15.95 15.40 13.78
C ASP D 172 16.36 16.51 12.81
N VAL D 173 17.55 17.07 13.05
CA VAL D 173 18.06 18.10 12.15
C VAL D 173 18.39 17.39 10.84
N GLN D 174 17.99 17.96 9.71
CA GLN D 174 18.22 17.25 8.46
C GLN D 174 18.66 18.19 7.36
N THR D 175 19.40 17.60 6.42
CA THR D 175 19.90 18.24 5.21
C THR D 175 19.48 17.40 4.01
N CYS D 176 18.89 18.06 3.02
CA CYS D 176 18.41 17.42 1.81
C CYS D 176 19.15 18.08 0.65
N ILE D 177 19.58 17.26 -0.31
CA ILE D 177 20.31 17.73 -1.47
C ILE D 177 19.65 17.24 -2.76
N MET D 178 20.31 17.59 -3.86
CA MET D 178 19.97 17.29 -5.24
C MET D 178 21.20 17.68 -6.06
N GLN D 179 21.69 16.77 -6.90
CA GLN D 179 22.90 16.98 -7.68
C GLN D 179 22.65 17.10 -9.18
N LEU D 180 22.69 18.34 -9.69
CA LEU D 180 22.53 18.60 -11.11
C LEU D 180 23.84 18.22 -11.78
N GLU D 181 23.79 17.31 -12.75
CA GLU D 181 25.02 16.83 -13.37
C GLU D 181 24.74 16.44 -14.82
N SER D 182 25.71 16.71 -15.69
CA SER D 182 25.63 16.36 -17.11
C SER D 182 25.83 14.86 -17.31
N PHE D 183 25.51 14.39 -18.52
CA PHE D 183 25.66 12.95 -18.82
C PHE D 183 26.09 12.80 -20.28
N GLY D 184 27.40 12.76 -20.50
CA GLY D 184 27.96 12.63 -21.83
C GLY D 184 28.81 13.80 -22.27
N TYR D 185 28.89 14.86 -21.46
CA TYR D 185 29.69 16.04 -21.76
C TYR D 185 30.64 16.24 -20.58
N THR D 186 31.94 16.18 -20.86
CA THR D 186 32.94 16.31 -19.81
C THR D 186 33.09 17.75 -19.32
N MET D 187 34.03 17.93 -18.39
CA MET D 187 34.32 19.22 -17.77
C MET D 187 34.94 20.19 -18.77
N ASN D 188 35.71 19.69 -19.74
CA ASN D 188 36.32 20.53 -20.77
C ASN D 188 35.46 20.61 -22.02
N ASP D 189 34.21 20.22 -21.93
CA ASP D 189 33.24 20.20 -23.03
C ASP D 189 31.99 21.00 -22.68
N LEU D 190 31.51 20.88 -21.43
CA LEU D 190 30.33 21.58 -20.96
C LEU D 190 30.45 21.73 -19.45
N ILE D 191 30.46 22.97 -18.96
CA ILE D 191 30.58 23.25 -17.54
C ILE D 191 29.37 24.03 -17.05
N PHE D 192 28.70 23.51 -16.03
CA PHE D 192 27.51 24.14 -15.46
C PHE D 192 27.92 25.15 -14.38
N GLU D 193 27.03 26.10 -14.14
CA GLU D 193 27.24 27.13 -13.12
C GLU D 193 25.90 27.52 -12.52
N TRP D 194 25.97 28.23 -11.38
CA TRP D 194 24.77 28.73 -10.73
C TRP D 194 24.51 30.17 -11.19
N ASP D 195 23.61 30.86 -10.51
CA ASP D 195 23.25 32.23 -10.80
C ASP D 195 23.63 33.10 -9.61
N GLU D 196 23.66 34.42 -9.83
CA GLU D 196 24.00 35.33 -8.76
C GLU D 196 22.82 36.16 -8.27
N LYS D 197 21.86 36.46 -9.14
CA LYS D 197 20.67 37.22 -8.76
C LYS D 197 19.68 36.17 -8.29
N GLY D 198 19.75 35.79 -7.03
CA GLY D 198 18.86 34.75 -6.56
C GLY D 198 19.46 33.38 -6.84
N ALA D 199 19.46 32.48 -5.85
CA ALA D 199 20.06 31.17 -6.04
C ALA D 199 19.00 30.06 -6.12
N VAL D 200 18.23 29.85 -5.06
CA VAL D 200 17.17 28.86 -5.05
C VAL D 200 15.94 29.58 -4.51
N GLN D 201 14.92 29.72 -5.34
CA GLN D 201 13.69 30.39 -4.93
C GLN D 201 12.65 29.39 -4.45
N VAL D 202 11.83 29.83 -3.51
CA VAL D 202 10.77 29.03 -2.92
C VAL D 202 9.44 29.70 -3.24
N ALA D 203 8.36 28.95 -3.11
CA ALA D 203 7.04 29.50 -3.38
C ALA D 203 6.59 30.36 -2.21
N ASP D 204 5.77 31.36 -2.51
CA ASP D 204 5.28 32.25 -1.46
C ASP D 204 4.22 31.54 -0.62
N GLY D 205 4.43 31.52 0.69
CA GLY D 205 3.51 30.87 1.59
C GLY D 205 3.59 29.36 1.58
N LEU D 206 4.81 28.81 1.48
CA LEU D 206 5.00 27.37 1.45
C LEU D 206 5.38 26.88 2.84
N THR D 207 4.50 26.12 3.46
CA THR D 207 4.72 25.55 4.78
C THR D 207 4.69 24.04 4.70
N LEU D 208 5.34 23.40 5.67
CA LEU D 208 5.37 21.95 5.72
C LEU D 208 4.77 21.51 7.06
N PRO D 209 4.05 20.38 7.10
CA PRO D 209 3.48 19.96 8.39
C PRO D 209 4.51 19.30 9.30
N GLN D 210 5.47 18.59 8.71
CA GLN D 210 6.48 17.94 9.54
C GLN D 210 7.63 18.87 9.91
N PHE D 211 8.22 19.54 8.91
CA PHE D 211 9.37 20.40 9.11
C PHE D 211 9.05 21.87 8.80
N ILE D 212 10.10 22.69 8.85
CA ILE D 212 10.05 24.10 8.50
C ILE D 212 11.29 24.38 7.66
N LEU D 213 11.16 25.22 6.64
CA LEU D 213 12.28 25.49 5.76
C LEU D 213 13.18 26.60 6.28
N LYS D 214 14.49 26.37 6.22
CA LYS D 214 15.47 27.35 6.64
C LYS D 214 15.75 28.30 5.48
N GLU D 215 15.80 29.60 5.77
CA GLU D 215 16.01 30.59 4.72
C GLU D 215 17.48 30.88 4.44
N GLU D 216 18.40 29.97 4.77
CA GLU D 216 19.80 30.23 4.50
C GLU D 216 20.17 29.77 3.09
N LYS D 217 19.70 28.58 2.70
CA LYS D 217 19.91 27.92 1.42
C LYS D 217 21.41 27.77 1.08
N ASP D 218 22.07 26.92 1.86
CA ASP D 218 23.50 26.66 1.68
C ASP D 218 23.75 25.97 0.33
N LEU D 219 24.66 26.53 -0.47
CA LEU D 219 24.90 25.95 -1.78
C LEU D 219 26.37 26.10 -2.19
N ARG D 220 26.86 25.06 -2.86
CA ARG D 220 28.24 24.95 -3.36
C ARG D 220 28.21 23.85 -4.40
N TYR D 221 29.38 23.46 -4.91
CA TYR D 221 29.33 22.38 -5.90
C TYR D 221 30.56 21.47 -5.80
N CYS D 222 30.28 20.17 -5.96
CA CYS D 222 31.26 19.09 -5.97
C CYS D 222 31.63 18.80 -7.42
N THR D 223 32.23 17.64 -7.68
CA THR D 223 32.60 17.22 -9.02
C THR D 223 32.63 15.70 -9.03
N LYS D 224 32.63 15.12 -10.23
CA LYS D 224 32.65 13.67 -10.39
C LYS D 224 33.85 13.23 -11.21
N HIS D 225 34.43 12.10 -10.82
CA HIS D 225 35.59 11.51 -11.50
C HIS D 225 35.30 10.04 -11.76
N TYR D 226 34.80 9.72 -12.95
CA TYR D 226 34.53 8.33 -13.29
C TYR D 226 35.73 7.80 -14.08
N ASN D 227 35.59 6.61 -14.68
CA ASN D 227 36.69 6.06 -15.44
C ASN D 227 36.68 6.52 -16.89
N THR D 228 35.70 7.33 -17.29
CA THR D 228 35.61 7.82 -18.66
C THR D 228 36.01 9.28 -18.81
N GLY D 229 36.06 10.04 -17.73
CA GLY D 229 36.43 11.43 -17.81
C GLY D 229 35.96 12.18 -16.57
N LYS D 230 36.17 13.49 -16.60
CA LYS D 230 35.79 14.38 -15.52
C LYS D 230 34.47 15.06 -15.88
N PHE D 231 33.44 14.80 -15.08
CA PHE D 231 32.12 15.37 -15.31
C PHE D 231 31.76 16.37 -14.22
N THR D 232 31.10 17.45 -14.61
CA THR D 232 30.67 18.47 -13.67
C THR D 232 29.42 18.01 -12.92
N CYS D 233 29.28 18.49 -11.69
CA CYS D 233 28.15 18.10 -10.85
C CYS D 233 27.87 19.22 -9.86
N ILE D 234 26.78 19.96 -10.07
CA ILE D 234 26.43 21.11 -9.25
C ILE D 234 25.30 20.69 -8.33
N GLU D 235 25.39 21.07 -7.05
CA GLU D 235 24.35 20.69 -6.09
C GLU D 235 23.90 21.89 -5.25
N ALA D 236 22.93 21.63 -4.38
CA ALA D 236 22.35 22.63 -3.50
C ALA D 236 21.85 21.89 -2.26
N ARG D 237 22.05 22.47 -1.08
CA ARG D 237 21.63 21.83 0.16
C ARG D 237 20.54 22.62 0.87
N PHE D 238 19.56 21.91 1.43
CA PHE D 238 18.48 22.51 2.20
C PHE D 238 18.65 22.12 3.66
N HIS D 239 17.95 22.79 4.56
CA HIS D 239 18.04 22.48 5.98
C HIS D 239 16.64 22.42 6.56
N LEU D 240 16.25 21.27 7.09
CA LEU D 240 14.90 21.10 7.63
C LEU D 240 14.94 20.62 9.09
N GLU D 241 14.37 21.42 9.99
CA GLU D 241 14.32 21.02 11.40
C GLU D 241 12.88 20.69 11.79
N ARG D 242 12.74 19.79 12.75
CA ARG D 242 11.43 19.33 13.22
C ARG D 242 10.64 20.35 14.02
N GLN D 243 9.41 20.57 13.61
CA GLN D 243 8.50 21.47 14.31
C GLN D 243 7.98 20.60 15.43
N MET D 244 8.53 20.79 16.63
CA MET D 244 8.17 20.02 17.82
C MET D 244 6.77 20.32 18.32
N GLY D 245 6.17 19.31 18.95
CA GLY D 245 4.82 19.34 19.48
C GLY D 245 4.03 18.08 19.20
N TYR D 246 4.45 17.28 18.21
CA TYR D 246 3.76 16.03 17.92
C TYR D 246 4.26 14.93 18.86
N TYR D 247 5.57 14.74 18.89
CA TYR D 247 6.28 13.73 19.66
C TYR D 247 6.15 13.94 21.17
N LEU D 248 5.80 15.15 21.59
CA LEU D 248 5.59 15.49 23.01
C LEU D 248 4.28 14.90 23.54
N ILE D 249 3.27 14.82 22.69
CA ILE D 249 1.93 14.28 23.01
C ILE D 249 1.85 12.78 22.73
N GLN D 250 2.52 12.30 21.69
CA GLN D 250 2.47 10.89 21.31
C GLN D 250 3.36 10.03 22.22
N MET D 251 4.56 10.49 22.56
CA MET D 251 5.50 9.71 23.39
C MET D 251 5.77 10.32 24.76
N TYR D 252 6.23 11.58 24.86
CA TYR D 252 6.59 12.15 26.18
C TYR D 252 5.41 12.24 27.15
N ILE D 253 4.24 12.73 26.71
CA ILE D 253 3.12 12.89 27.66
C ILE D 253 2.63 11.54 28.22
N PRO D 254 2.41 10.47 27.41
CA PRO D 254 1.94 9.20 28.02
C PRO D 254 2.93 8.57 29.01
N SER D 255 4.24 8.63 28.71
CA SER D 255 5.26 8.05 29.59
C SER D 255 5.26 8.70 30.96
N LEU D 256 5.03 10.03 30.98
CA LEU D 256 5.00 10.72 32.26
C LEU D 256 3.85 10.17 33.07
N LEU D 257 2.69 9.94 32.41
CA LEU D 257 1.50 9.41 33.09
C LEU D 257 1.67 7.96 33.56
N ILE D 258 2.87 7.40 33.38
CA ILE D 258 3.21 6.05 33.76
C ILE D 258 4.11 6.09 34.99
N VAL D 259 5.02 7.09 35.00
CA VAL D 259 5.83 7.24 36.20
C VAL D 259 4.97 7.81 37.33
N ILE D 260 3.96 8.63 37.00
CA ILE D 260 3.07 9.12 38.06
C ILE D 260 2.26 7.94 38.59
N LEU D 261 1.94 6.99 37.71
CA LEU D 261 1.22 5.77 38.08
C LEU D 261 2.07 4.90 39.01
N SER D 262 3.39 4.86 38.78
CA SER D 262 4.23 4.12 39.70
C SER D 262 4.39 4.85 41.02
N TRP D 263 4.27 6.18 41.01
CA TRP D 263 4.34 6.88 42.29
C TRP D 263 3.04 6.72 43.04
N VAL D 264 1.96 6.46 42.29
CA VAL D 264 0.66 6.15 42.88
C VAL D 264 0.76 4.81 43.56
N SER D 265 1.47 3.87 42.91
CA SER D 265 1.71 2.58 43.54
C SER D 265 2.58 2.76 44.78
N PHE D 266 3.44 3.77 44.80
CA PHE D 266 4.18 4.00 46.03
C PHE D 266 3.28 4.54 47.16
N TRP D 267 2.23 5.29 46.84
CA TRP D 267 1.29 5.83 47.86
C TRP D 267 0.11 4.89 48.16
N ILE D 268 0.37 3.61 48.42
CA ILE D 268 -0.65 2.60 48.71
C ILE D 268 -0.16 1.70 49.85
N ASN D 269 -1.11 1.05 50.54
CA ASN D 269 -0.80 0.16 51.66
C ASN D 269 -0.06 -1.11 51.25
N MET D 270 1.00 -1.42 52.03
CA MET D 270 1.85 -2.59 51.80
C MET D 270 1.17 -3.93 52.07
N ASP D 271 0.16 -3.97 52.96
CA ASP D 271 -0.46 -5.26 53.32
C ASP D 271 -1.08 -5.95 52.11
N ALA D 272 -1.76 -5.16 51.26
CA ALA D 272 -2.41 -5.63 50.05
C ALA D 272 -1.40 -6.06 48.99
N ALA D 273 -1.38 -7.35 48.67
CA ALA D 273 -0.48 -7.99 47.71
C ALA D 273 -1.06 -7.93 46.27
N PRO D 274 -2.37 -8.40 45.98
CA PRO D 274 -2.90 -8.37 44.60
C PRO D 274 -2.77 -7.08 43.78
N ALA D 275 -3.46 -6.04 44.26
CA ALA D 275 -3.54 -4.70 43.66
C ALA D 275 -2.18 -4.15 43.25
N ARG D 276 -1.26 -3.97 44.21
CA ARG D 276 0.07 -3.43 43.94
C ARG D 276 0.79 -4.15 42.81
N VAL D 277 0.90 -5.49 42.95
CA VAL D 277 1.57 -6.35 41.99
C VAL D 277 0.99 -6.04 40.61
N GLY D 278 -0.35 -6.11 40.49
CA GLY D 278 -1.03 -5.86 39.22
C GLY D 278 -0.66 -4.50 38.65
N LEU D 279 -0.65 -3.46 39.51
CA LEU D 279 -0.35 -2.08 39.09
C LEU D 279 1.06 -1.97 38.53
N GLY D 280 2.03 -2.60 39.21
CA GLY D 280 3.42 -2.56 38.79
C GLY D 280 3.58 -3.22 37.44
N ILE D 281 2.97 -4.40 37.30
CA ILE D 281 3.04 -5.20 36.09
C ILE D 281 2.42 -4.46 34.93
N THR D 282 1.24 -3.88 35.16
CA THR D 282 0.50 -3.17 34.12
C THR D 282 1.29 -2.00 33.57
N THR D 283 1.92 -1.23 34.48
CA THR D 283 2.71 -0.07 34.11
C THR D 283 3.90 -0.49 33.24
N VAL D 284 4.55 -1.58 33.63
CA VAL D 284 5.72 -2.10 32.90
C VAL D 284 5.29 -2.54 31.50
N LEU D 285 4.15 -3.22 31.41
CA LEU D 285 3.64 -3.72 30.13
C LEU D 285 3.31 -2.58 29.18
N THR D 286 2.68 -1.52 29.69
CA THR D 286 2.32 -0.37 28.86
C THR D 286 3.59 0.30 28.35
N MET D 287 4.61 0.40 29.21
CA MET D 287 5.86 1.03 28.83
C MET D 287 6.48 0.25 27.67
N THR D 288 6.42 -1.09 27.74
CA THR D 288 7.00 -1.91 26.67
C THR D 288 6.21 -1.73 25.38
N THR D 289 4.87 -1.89 25.43
CA THR D 289 4.03 -1.76 24.21
C THR D 289 4.29 -0.40 23.56
N GLN D 290 4.15 0.69 24.35
CA GLN D 290 4.36 2.06 23.89
C GLN D 290 5.71 2.18 23.19
N SER D 291 6.78 1.78 23.92
CA SER D 291 8.16 1.82 23.43
C SER D 291 8.23 1.18 22.06
N SER D 292 7.73 -0.06 21.95
CA SER D 292 7.74 -0.82 20.69
C SER D 292 7.12 0.03 19.60
N GLY D 293 5.82 0.34 19.77
CA GLY D 293 5.01 1.12 18.83
C GLY D 293 5.59 2.46 18.39
N SER D 294 6.51 3.00 19.20
CA SER D 294 7.14 4.29 18.94
C SER D 294 8.17 4.21 17.82
N ARG D 295 8.78 3.04 17.64
CA ARG D 295 9.80 2.78 16.63
C ARG D 295 9.20 2.20 15.35
N ALA D 296 7.88 1.98 15.32
CA ALA D 296 7.22 1.40 14.14
C ALA D 296 7.34 2.31 12.93
N SER D 297 7.12 3.61 13.11
CA SER D 297 7.20 4.56 12.00
C SER D 297 8.61 4.60 11.43
N LEU D 298 9.60 4.61 12.32
CA LEU D 298 11.00 4.67 11.94
C LEU D 298 11.48 3.42 11.20
N PRO D 299 12.37 3.57 10.22
CA PRO D 299 12.87 2.40 9.50
C PRO D 299 13.92 1.70 10.35
N LYS D 300 14.19 0.43 10.02
CA LYS D 300 15.17 -0.37 10.76
C LYS D 300 16.54 0.32 10.80
N VAL D 301 17.02 0.63 12.01
CA VAL D 301 18.31 1.30 12.19
C VAL D 301 19.07 0.56 13.28
N SER D 302 20.40 0.70 13.25
CA SER D 302 21.23 0.00 14.23
C SER D 302 21.60 0.85 15.43
N TYR D 303 22.04 2.08 15.19
CA TYR D 303 22.47 2.98 16.26
C TYR D 303 21.31 3.37 17.17
N VAL D 304 21.55 3.33 18.49
CA VAL D 304 20.51 3.69 19.45
C VAL D 304 20.10 5.16 19.29
N LYS D 305 18.80 5.42 19.37
CA LYS D 305 18.23 6.74 19.22
C LYS D 305 17.98 7.41 20.58
N ALA D 306 17.71 8.73 20.52
CA ALA D 306 17.46 9.50 21.74
C ALA D 306 16.19 9.00 22.44
N ILE D 307 15.16 8.70 21.64
CA ILE D 307 13.87 8.24 22.14
C ILE D 307 14.05 6.92 22.87
N ASP D 308 14.91 6.04 22.32
CA ASP D 308 15.16 4.74 22.95
C ASP D 308 15.74 4.95 24.34
N ILE D 309 16.67 5.91 24.46
CA ILE D 309 17.31 6.21 25.74
C ILE D 309 16.26 6.66 26.75
N TRP D 310 15.33 7.52 26.31
CA TRP D 310 14.26 8.01 27.18
C TRP D 310 13.36 6.87 27.63
N MET D 311 13.00 5.99 26.69
CA MET D 311 12.13 4.86 26.99
C MET D 311 12.80 3.92 27.97
N ALA D 312 14.11 3.67 27.77
CA ALA D 312 14.86 2.77 28.64
C ALA D 312 14.91 3.32 30.05
N VAL D 313 15.14 4.63 30.19
CA VAL D 313 15.24 5.26 31.51
C VAL D 313 13.89 5.15 32.24
N CYS D 314 12.80 5.41 31.52
CA CYS D 314 11.46 5.34 32.13
C CYS D 314 11.17 3.90 32.54
N LEU D 315 11.42 2.97 31.63
CA LEU D 315 11.20 1.54 31.85
C LEU D 315 11.98 1.11 33.10
N LEU D 316 13.22 1.61 33.23
CA LEU D 316 14.06 1.28 34.39
C LEU D 316 13.40 1.78 35.67
N PHE D 317 12.85 3.00 35.64
CA PHE D 317 12.22 3.56 36.84
C PHE D 317 11.02 2.73 37.28
N VAL D 318 10.16 2.37 36.32
CA VAL D 318 8.98 1.56 36.66
C VAL D 318 9.39 0.15 37.10
N PHE D 319 10.40 -0.44 36.45
CA PHE D 319 10.89 -1.77 36.80
C PHE D 319 11.47 -1.73 38.20
N SER D 320 12.21 -0.66 38.52
CA SER D 320 12.85 -0.47 39.81
C SER D 320 11.78 -0.39 40.89
N ALA D 321 10.66 0.30 40.59
CA ALA D 321 9.57 0.44 41.55
C ALA D 321 9.04 -0.95 41.91
N LEU D 322 8.83 -1.77 40.87
CA LEU D 322 8.34 -3.14 41.00
C LEU D 322 9.31 -3.94 41.89
N LEU D 323 10.61 -3.80 41.60
CA LEU D 323 11.69 -4.49 42.34
C LEU D 323 11.68 -4.05 43.80
N GLU D 324 11.45 -2.74 44.04
CA GLU D 324 11.42 -2.18 45.38
C GLU D 324 10.28 -2.85 46.14
N TYR D 325 9.12 -3.01 45.47
CA TYR D 325 8.00 -3.66 46.12
C TYR D 325 8.31 -5.10 46.46
N ALA D 326 8.99 -5.81 45.56
CA ALA D 326 9.31 -7.20 45.84
C ALA D 326 10.21 -7.29 47.08
N ALA D 327 11.19 -6.39 47.18
CA ALA D 327 12.08 -6.39 48.35
C ALA D 327 11.32 -6.13 49.66
N VAL D 328 10.38 -5.16 49.63
CA VAL D 328 9.58 -4.84 50.82
C VAL D 328 8.71 -6.04 51.23
N ASN D 329 8.06 -6.66 50.23
CA ASN D 329 7.19 -7.81 50.42
C ASN D 329 8.00 -8.92 51.08
N PHE D 330 9.22 -9.15 50.59
CA PHE D 330 10.10 -10.19 51.12
C PHE D 330 10.43 -9.90 52.59
N ILE D 331 10.73 -8.63 52.91
CA ILE D 331 11.07 -8.24 54.29
C ILE D 331 9.87 -8.49 55.21
N ALA D 332 8.67 -8.11 54.75
CA ALA D 332 7.45 -8.31 55.53
C ALA D 332 7.20 -9.79 55.73
N ARG D 333 7.41 -10.59 54.67
CA ARG D 333 7.20 -12.03 54.74
C ARG D 333 8.16 -12.65 55.75
N GLN D 334 9.40 -12.16 55.78
CA GLN D 334 10.41 -12.67 56.70
C GLN D 334 9.93 -12.43 58.13
N HIS D 335 9.35 -11.24 58.34
CA HIS D 335 8.82 -10.86 59.65
C HIS D 335 7.69 -11.81 60.03
N LYS D 336 6.82 -12.12 59.05
CA LYS D 336 5.66 -13.00 59.27
C LYS D 336 6.09 -14.41 59.67
N GLU D 337 7.10 -14.94 58.96
CA GLU D 337 7.64 -16.28 59.20
C GLU D 337 8.30 -16.36 60.56
N LEU D 338 8.98 -15.30 60.98
CA LEU D 338 9.66 -15.30 62.26
C LEU D 338 8.77 -14.89 63.42
N LEU D 339 7.53 -14.43 63.17
CA LEU D 339 6.62 -14.00 64.25
C LEU D 339 6.32 -15.17 65.20
N GLU D 397 10.08 -9.73 69.04
CA GLU D 397 9.45 -8.52 69.56
C GLU D 397 10.16 -7.27 69.05
N GLU D 398 11.38 -7.05 69.54
CA GLU D 398 12.16 -5.89 69.11
C GLU D 398 12.56 -6.02 67.65
N MET D 399 12.78 -7.24 67.18
CA MET D 399 13.12 -7.40 65.78
C MET D 399 11.87 -7.29 64.93
N ARG D 400 10.71 -7.61 65.51
CA ARG D 400 9.44 -7.52 64.82
C ARG D 400 9.18 -6.04 64.48
N LYS D 401 9.29 -5.19 65.52
CA LYS D 401 9.09 -3.74 65.37
C LYS D 401 10.14 -3.19 64.42
N LEU D 402 11.39 -3.68 64.55
CA LEU D 402 12.48 -3.19 63.70
C LEU D 402 12.18 -3.49 62.22
N PHE D 403 11.68 -4.70 61.92
CA PHE D 403 11.34 -5.08 60.55
C PHE D 403 10.21 -4.22 60.01
N ILE D 404 9.16 -3.98 60.83
CA ILE D 404 8.03 -3.15 60.41
C ILE D 404 8.52 -1.72 60.15
N SER D 405 9.38 -1.22 61.04
CA SER D 405 9.94 0.12 60.93
C SER D 405 10.78 0.23 59.67
N ARG D 406 11.56 -0.82 59.38
CA ARG D 406 12.41 -0.86 58.18
C ARG D 406 11.55 -0.79 56.93
N ALA D 407 10.43 -1.54 56.92
CA ALA D 407 9.52 -1.55 55.78
C ALA D 407 8.92 -0.16 55.55
N LYS D 408 8.53 0.49 56.64
CA LYS D 408 7.99 1.85 56.57
C LYS D 408 9.06 2.83 56.08
N ARG D 409 10.28 2.70 56.59
CA ARG D 409 11.39 3.58 56.24
C ARG D 409 11.76 3.43 54.76
N ILE D 410 11.86 2.19 54.26
CA ILE D 410 12.22 1.98 52.86
C ILE D 410 11.12 2.53 51.96
N ASP D 411 9.84 2.32 52.32
CA ASP D 411 8.75 2.83 51.49
C ASP D 411 8.75 4.36 51.45
N THR D 412 8.91 5.02 52.61
CA THR D 412 8.91 6.48 52.67
C THR D 412 10.12 7.06 51.94
N VAL D 413 11.30 6.42 52.06
CA VAL D 413 12.49 6.95 51.41
C VAL D 413 12.42 6.68 49.91
N SER D 414 11.67 5.67 49.49
CA SER D 414 11.54 5.39 48.06
C SER D 414 10.55 6.39 47.46
N ARG D 415 9.53 6.75 48.25
CA ARG D 415 8.53 7.73 47.83
C ARG D 415 9.16 9.12 47.73
N VAL D 416 10.17 9.40 48.55
CA VAL D 416 10.85 10.70 48.48
C VAL D 416 11.92 10.68 47.39
N ALA D 417 12.76 9.65 47.37
CA ALA D 417 13.89 9.52 46.45
C ALA D 417 13.50 9.38 44.98
N PHE D 418 12.41 8.68 44.68
CA PHE D 418 12.02 8.50 43.28
C PHE D 418 11.65 9.75 42.46
N PRO D 419 10.90 10.76 42.96
CA PRO D 419 10.68 11.93 42.09
C PRO D 419 11.85 12.87 41.94
N LEU D 420 12.82 12.89 42.87
CA LEU D 420 13.96 13.78 42.70
C LEU D 420 14.95 13.26 41.66
N VAL D 421 15.13 11.93 41.59
CA VAL D 421 16.02 11.35 40.59
C VAL D 421 15.42 11.48 39.19
N PHE D 422 14.10 11.30 39.09
CA PHE D 422 13.41 11.47 37.82
C PHE D 422 13.40 12.93 37.38
N LEU D 423 13.28 13.86 38.34
CA LEU D 423 13.30 15.28 38.01
C LEU D 423 14.69 15.74 37.57
N ILE D 424 15.74 15.23 38.22
CA ILE D 424 17.08 15.63 37.80
C ILE D 424 17.45 14.93 36.49
N PHE D 425 16.84 13.76 36.19
CA PHE D 425 17.10 13.15 34.89
C PHE D 425 16.42 13.96 33.82
N ASN D 426 15.20 14.44 34.09
CA ASN D 426 14.47 15.26 33.13
C ASN D 426 15.21 16.56 32.83
N ILE D 427 15.73 17.19 33.88
CA ILE D 427 16.50 18.43 33.73
C ILE D 427 17.80 18.19 32.95
N PHE D 428 18.55 17.14 33.30
CA PHE D 428 19.78 16.80 32.59
C PHE D 428 19.54 16.40 31.14
N TYR D 429 18.48 15.63 30.89
CA TYR D 429 18.13 15.19 29.54
C TYR D 429 17.73 16.37 28.66
N TRP D 430 16.82 17.22 29.14
CA TRP D 430 16.43 18.36 28.31
C TRP D 430 17.52 19.42 28.21
N ILE D 431 18.40 19.55 29.21
CA ILE D 431 19.44 20.56 29.02
C ILE D 431 20.55 20.06 28.08
N THR D 432 20.80 18.74 28.03
CA THR D 432 21.83 18.28 27.10
C THR D 432 21.26 18.22 25.69
N TYR D 433 19.94 18.02 25.55
CA TYR D 433 19.41 18.03 24.20
C TYR D 433 19.13 19.44 23.71
N LYS D 434 18.91 20.41 24.60
CA LYS D 434 18.76 21.76 24.09
C LYS D 434 20.12 22.37 23.76
N ILE D 435 21.18 21.95 24.46
CA ILE D 435 22.48 22.47 24.05
C ILE D 435 22.96 21.73 22.80
N ILE D 436 22.54 20.48 22.57
CA ILE D 436 22.96 19.86 21.32
C ILE D 436 22.07 20.32 20.18
N ARG D 437 20.88 20.84 20.49
CA ARG D 437 20.00 21.38 19.45
C ARG D 437 20.52 22.74 19.03
N SER D 438 21.15 23.46 19.97
CA SER D 438 21.74 24.74 19.63
C SER D 438 23.08 24.52 18.92
N GLU D 439 23.78 23.43 19.25
CA GLU D 439 25.09 23.18 18.64
C GLU D 439 25.02 22.57 17.24
N ASP D 440 24.00 21.77 16.92
CA ASP D 440 24.00 21.21 15.56
C ASP D 440 23.48 22.22 14.53
N PRO E 31 38.89 20.45 -39.76
CA PRO E 31 38.81 21.14 -41.06
C PRO E 31 37.57 20.75 -41.86
N MET E 32 37.01 19.54 -41.56
CA MET E 32 35.83 19.19 -42.33
C MET E 32 34.57 19.49 -41.51
N PRO E 33 33.50 19.92 -42.21
CA PRO E 33 32.21 20.19 -41.56
C PRO E 33 31.68 19.05 -40.71
N PRO E 34 31.26 19.34 -39.47
CA PRO E 34 30.77 18.28 -38.57
C PRO E 34 29.52 17.57 -39.08
N SER E 35 28.57 18.33 -39.65
CA SER E 35 27.32 17.77 -40.16
C SER E 35 27.58 16.78 -41.28
N GLU E 36 28.50 17.13 -42.20
CA GLU E 36 28.80 16.26 -43.35
C GLU E 36 29.36 14.93 -42.87
N PHE E 37 30.28 14.97 -41.89
CA PHE E 37 30.90 13.78 -41.33
C PHE E 37 29.86 12.91 -40.65
N LEU E 38 28.96 13.54 -39.88
CA LEU E 38 27.91 12.80 -39.18
C LEU E 38 26.95 12.19 -40.19
N ASP E 39 26.59 12.94 -41.23
CA ASP E 39 25.63 12.41 -42.21
C ASP E 39 26.21 11.21 -42.95
N LYS E 40 27.48 11.31 -43.40
CA LYS E 40 28.11 10.23 -44.16
C LYS E 40 28.25 8.97 -43.31
N LEU E 41 28.69 9.12 -42.05
CA LEU E 41 28.91 7.97 -41.19
C LEU E 41 27.57 7.53 -40.61
N MET E 42 27.35 6.20 -40.56
CA MET E 42 26.10 5.58 -40.07
C MET E 42 24.89 6.13 -40.83
N GLY E 43 25.04 6.22 -42.15
CA GLY E 43 24.05 6.75 -43.06
C GLY E 43 23.58 5.77 -44.12
N LYS E 44 22.80 6.27 -45.09
CA LYS E 44 22.25 5.47 -46.16
C LYS E 44 23.02 5.60 -47.47
N VAL E 45 24.01 6.49 -47.52
CA VAL E 45 24.85 6.63 -48.71
C VAL E 45 26.05 5.72 -48.62
N SER E 46 26.30 5.12 -47.46
CA SER E 46 27.38 4.19 -47.18
C SER E 46 26.77 2.80 -47.03
N GLY E 47 27.63 1.80 -46.86
CA GLY E 47 27.12 0.45 -46.72
C GLY E 47 26.86 -0.01 -45.30
N TYR E 48 26.68 0.93 -44.38
CA TYR E 48 26.44 0.58 -42.98
C TYR E 48 24.98 0.24 -42.77
N ASP E 49 24.72 -0.99 -42.34
CA ASP E 49 23.37 -1.47 -42.04
C ASP E 49 23.30 -1.75 -40.55
N ALA E 50 22.41 -1.04 -39.84
CA ALA E 50 22.30 -1.21 -38.40
C ALA E 50 21.61 -2.49 -37.97
N ARG E 51 20.99 -3.23 -38.89
CA ARG E 51 20.29 -4.45 -38.52
C ARG E 51 21.17 -5.69 -38.60
N ILE E 52 22.45 -5.57 -38.95
CA ILE E 52 23.30 -6.75 -39.04
C ILE E 52 24.52 -6.63 -38.15
N ARG E 53 24.94 -7.77 -37.63
CA ARG E 53 26.11 -7.89 -36.76
C ARG E 53 27.39 -7.57 -37.55
N PRO E 54 28.35 -6.86 -36.95
CA PRO E 54 29.60 -6.58 -37.65
C PRO E 54 30.43 -7.84 -37.74
N ASN E 55 31.33 -7.84 -38.74
CA ASN E 55 32.21 -8.94 -39.18
C ASN E 55 31.41 -10.24 -39.27
N PHE E 56 30.32 -10.13 -40.04
CA PHE E 56 29.34 -11.19 -40.28
C PHE E 56 29.97 -12.47 -40.80
N LYS E 57 29.35 -13.60 -40.41
CA LYS E 57 29.77 -14.96 -40.74
C LYS E 57 31.21 -15.28 -40.34
N GLY E 58 31.64 -14.75 -39.20
CA GLY E 58 32.99 -14.99 -38.75
C GLY E 58 33.06 -15.21 -37.25
N PRO E 59 34.03 -14.60 -36.58
CA PRO E 59 34.14 -14.78 -35.13
C PRO E 59 33.15 -13.89 -34.40
N PRO E 60 32.82 -14.21 -33.15
CA PRO E 60 31.89 -13.36 -32.40
C PRO E 60 32.58 -12.10 -31.90
N VAL E 61 31.77 -11.13 -31.50
CA VAL E 61 32.26 -9.85 -31.03
C VAL E 61 32.23 -9.88 -29.50
N ASN E 62 33.31 -9.42 -28.88
CA ASN E 62 33.40 -9.45 -27.42
C ASN E 62 32.92 -8.12 -26.84
N VAL E 63 32.09 -8.20 -25.81
CA VAL E 63 31.55 -7.03 -25.12
C VAL E 63 32.16 -6.97 -23.73
N THR E 64 32.77 -5.82 -23.40
CA THR E 64 33.40 -5.63 -22.11
C THR E 64 32.50 -4.73 -21.28
N CYS E 65 31.91 -5.30 -20.23
CA CYS E 65 30.96 -4.59 -19.37
C CYS E 65 31.57 -4.20 -18.02
N ASN E 66 31.16 -3.04 -17.53
CA ASN E 66 31.56 -2.52 -16.22
C ASN E 66 30.29 -2.12 -15.49
N ILE E 67 30.31 -2.21 -14.17
CA ILE E 67 29.13 -1.88 -13.36
C ILE E 67 29.48 -0.81 -12.33
N PHE E 68 28.82 0.34 -12.41
CA PHE E 68 28.93 1.43 -11.45
C PHE E 68 27.62 1.48 -10.67
N ILE E 69 27.66 1.14 -9.39
CA ILE E 69 26.45 1.18 -8.57
C ILE E 69 26.25 2.62 -8.11
N ASN E 70 25.13 3.22 -8.52
CA ASN E 70 24.86 4.61 -8.14
C ASN E 70 24.24 4.72 -6.76
N SER E 71 23.17 3.96 -6.48
CA SER E 71 22.53 4.06 -5.17
C SER E 71 21.92 2.73 -4.78
N PHE E 72 22.61 1.97 -3.93
CA PHE E 72 22.11 0.70 -3.46
C PHE E 72 21.19 0.98 -2.26
N GLY E 73 20.17 0.16 -2.08
CA GLY E 73 19.26 0.38 -0.98
C GLY E 73 17.86 -0.08 -1.33
N SER E 74 16.96 0.17 -0.37
CA SER E 74 15.53 -0.17 -0.46
C SER E 74 15.31 -1.67 -0.69
N ILE E 75 16.12 -2.50 -0.03
CA ILE E 75 15.98 -3.93 -0.17
C ILE E 75 14.70 -4.37 0.53
N ALA E 76 13.94 -5.24 -0.12
CA ALA E 76 12.68 -5.73 0.44
C ALA E 76 12.96 -7.14 0.94
N GLU E 77 12.76 -7.34 2.23
CA GLU E 77 12.99 -8.62 2.87
C GLU E 77 11.73 -9.49 2.90
N THR E 78 10.56 -8.93 2.58
CA THR E 78 9.30 -9.65 2.58
C THR E 78 8.90 -10.16 1.20
N THR E 79 9.47 -9.61 0.13
CA THR E 79 9.18 -10.01 -1.24
C THR E 79 10.43 -10.45 -1.96
N MET E 80 11.56 -10.50 -1.26
CA MET E 80 12.89 -10.92 -1.73
C MET E 80 13.37 -10.17 -2.97
N ASP E 81 13.53 -8.86 -2.83
CA ASP E 81 13.98 -8.03 -3.95
C ASP E 81 14.74 -6.83 -3.39
N TYR E 82 15.30 -6.02 -4.28
CA TYR E 82 16.07 -4.84 -3.93
C TYR E 82 16.15 -3.93 -5.14
N ARG E 83 16.24 -2.62 -4.88
CA ARG E 83 16.30 -1.61 -5.93
C ARG E 83 17.72 -1.09 -6.07
N VAL E 84 18.26 -1.14 -7.28
CA VAL E 84 19.62 -0.68 -7.55
C VAL E 84 19.65 -0.06 -8.95
N ASN E 85 20.36 1.05 -9.10
CA ASN E 85 20.52 1.71 -10.39
C ASN E 85 21.98 1.65 -10.84
N ILE E 86 22.22 0.90 -11.91
CA ILE E 86 23.55 0.70 -12.44
C ILE E 86 23.72 1.63 -13.64
N PHE E 87 24.94 1.71 -14.17
CA PHE E 87 25.18 2.57 -15.33
C PHE E 87 25.38 1.78 -16.61
N LEU E 88 25.77 0.51 -16.51
CA LEU E 88 25.94 -0.47 -17.59
C LEU E 88 26.73 0.04 -18.80
N ARG E 89 28.02 0.31 -18.61
CA ARG E 89 28.83 0.76 -19.73
C ARG E 89 29.36 -0.49 -20.41
N GLN E 90 29.21 -0.57 -21.73
CA GLN E 90 29.69 -1.73 -22.48
C GLN E 90 30.49 -1.29 -23.70
N GLN E 91 31.64 -1.94 -23.90
CA GLN E 91 32.54 -1.62 -25.00
C GLN E 91 32.70 -2.81 -25.93
N TRP E 92 32.69 -2.54 -27.23
CA TRP E 92 32.90 -3.57 -28.23
C TRP E 92 33.61 -2.94 -29.42
N ASN E 93 34.10 -3.79 -30.33
CA ASN E 93 34.81 -3.30 -31.51
C ASN E 93 34.17 -3.83 -32.79
N ASP E 94 34.13 -2.97 -33.81
CA ASP E 94 33.58 -3.30 -35.12
C ASP E 94 34.58 -2.93 -36.20
N PRO E 95 34.61 -3.66 -37.32
CA PRO E 95 35.56 -3.30 -38.39
C PRO E 95 35.13 -2.06 -39.16
N ARG E 96 33.86 -1.68 -39.07
CA ARG E 96 33.30 -0.49 -39.69
C ARG E 96 33.40 0.68 -38.71
N LEU E 97 32.90 1.85 -39.16
CA LEU E 97 32.94 3.11 -38.41
C LEU E 97 34.35 3.52 -37.98
N ALA E 98 35.32 3.23 -38.84
CA ALA E 98 36.73 3.58 -38.60
C ALA E 98 37.12 4.68 -39.57
N TYR E 99 36.82 5.92 -39.17
CA TYR E 99 37.08 7.11 -39.98
C TYR E 99 38.56 7.28 -40.27
N SER E 100 39.40 7.26 -39.22
CA SER E 100 40.86 7.43 -39.30
C SER E 100 41.29 8.69 -40.07
N GLU E 101 40.54 9.78 -39.90
CA GLU E 101 40.84 11.03 -40.59
C GLU E 101 40.79 12.26 -39.69
N TYR E 102 40.25 12.15 -38.43
CA TYR E 102 40.21 13.30 -37.53
C TYR E 102 41.48 13.32 -36.68
N PRO E 103 41.98 14.50 -36.27
CA PRO E 103 43.23 14.51 -35.48
C PRO E 103 43.09 14.11 -34.03
N ASP E 104 41.89 13.91 -33.50
CA ASP E 104 41.75 13.54 -32.10
C ASP E 104 41.61 12.02 -31.98
N ASP E 105 41.63 11.53 -30.74
CA ASP E 105 41.51 10.09 -30.52
C ASP E 105 40.06 9.60 -30.53
N SER E 106 39.17 10.29 -29.84
CA SER E 106 37.77 9.88 -29.78
C SER E 106 36.84 11.04 -30.07
N LEU E 107 35.59 10.70 -30.40
CA LEU E 107 34.57 11.66 -30.77
C LEU E 107 33.34 11.47 -29.89
N ASP E 108 32.68 12.57 -29.54
CA ASP E 108 31.45 12.49 -28.75
C ASP E 108 30.27 12.71 -29.69
N LEU E 109 29.38 11.74 -29.76
CA LEU E 109 28.21 11.79 -30.62
C LEU E 109 27.01 12.20 -29.77
N ASP E 110 25.94 12.64 -30.43
CA ASP E 110 24.72 13.07 -29.75
C ASP E 110 23.91 11.84 -29.33
N PRO E 111 23.27 11.90 -28.15
CA PRO E 111 22.47 10.75 -27.67
C PRO E 111 21.11 10.54 -28.32
N SER E 112 20.77 11.22 -29.41
CA SER E 112 19.49 11.01 -30.07
C SER E 112 19.64 10.28 -31.39
N MET E 113 20.80 9.67 -31.63
CA MET E 113 21.13 8.90 -32.83
C MET E 113 21.61 7.51 -32.43
N LEU E 114 20.85 6.84 -31.56
CA LEU E 114 21.20 5.52 -31.06
C LEU E 114 20.47 4.39 -31.76
N ASP E 115 19.58 4.68 -32.72
CA ASP E 115 18.86 3.63 -33.40
C ASP E 115 19.56 3.19 -34.68
N SER E 116 20.84 3.56 -34.83
CA SER E 116 21.65 3.20 -35.99
C SER E 116 23.04 2.73 -35.59
N ILE E 117 23.32 2.58 -34.30
CA ILE E 117 24.63 2.17 -33.80
C ILE E 117 24.68 0.67 -33.47
N TRP E 118 23.61 -0.09 -33.76
CA TRP E 118 23.54 -1.55 -33.52
C TRP E 118 23.83 -1.91 -32.05
N LYS E 119 23.14 -1.28 -31.10
CA LYS E 119 23.41 -1.66 -29.72
C LYS E 119 23.08 -3.14 -29.52
N PRO E 120 23.90 -3.88 -28.78
CA PRO E 120 23.63 -5.31 -28.58
C PRO E 120 22.48 -5.55 -27.62
N ASP E 121 22.06 -6.82 -27.55
CA ASP E 121 20.97 -7.20 -26.68
C ASP E 121 21.46 -7.63 -25.30
N LEU E 122 20.76 -7.17 -24.27
CA LEU E 122 21.11 -7.51 -22.90
C LEU E 122 19.88 -7.44 -22.03
N PHE E 123 19.64 -8.48 -21.22
CA PHE E 123 18.52 -8.45 -20.28
C PHE E 123 19.00 -9.09 -18.98
N PHE E 124 18.14 -9.07 -17.97
CA PHE E 124 18.45 -9.63 -16.66
C PHE E 124 17.48 -10.77 -16.39
N ALA E 125 18.01 -11.91 -15.92
CA ALA E 125 17.17 -13.09 -15.69
C ALA E 125 16.21 -12.93 -14.53
N ASN E 126 16.48 -12.01 -13.60
CA ASN E 126 15.59 -11.75 -12.47
C ASN E 126 15.20 -10.27 -12.52
N GLU E 127 14.00 -9.97 -13.01
CA GLU E 127 13.59 -8.58 -13.14
C GLU E 127 12.14 -8.38 -12.71
N LYS E 128 11.85 -7.13 -12.33
CA LYS E 128 10.51 -6.69 -11.92
C LYS E 128 10.42 -5.23 -12.32
N GLY E 129 9.73 -4.95 -13.42
CA GLY E 129 9.60 -3.57 -13.86
C GLY E 129 10.81 -3.18 -14.69
N ALA E 130 11.82 -2.60 -14.03
CA ALA E 130 13.09 -2.17 -14.63
C ALA E 130 12.88 -1.15 -15.75
N ASN E 131 12.44 0.04 -15.35
CA ASN E 131 12.20 1.12 -16.29
C ASN E 131 13.49 1.86 -16.64
N PHE E 132 13.39 2.80 -17.56
CA PHE E 132 14.51 3.64 -17.97
C PHE E 132 14.55 4.93 -17.15
N HIS E 133 15.34 5.89 -17.63
CA HIS E 133 15.47 7.21 -17.02
C HIS E 133 15.45 8.21 -18.15
N GLU E 134 14.46 9.10 -18.12
CA GLU E 134 14.21 10.13 -19.13
C GLU E 134 13.86 11.46 -18.43
N VAL E 135 14.86 12.09 -17.82
CA VAL E 135 14.64 13.38 -17.17
C VAL E 135 15.46 14.41 -17.94
N THR E 136 14.76 15.44 -18.43
CA THR E 136 15.20 16.60 -19.22
C THR E 136 15.54 16.15 -20.64
N THR E 137 16.53 15.27 -20.73
CA THR E 137 17.05 14.66 -21.95
C THR E 137 17.33 13.19 -21.68
N ASP E 138 17.43 12.41 -22.75
CA ASP E 138 17.68 10.99 -22.63
C ASP E 138 19.02 10.74 -21.94
N ASN E 139 19.02 9.79 -21.01
CA ASN E 139 20.20 9.44 -20.21
C ASN E 139 21.11 8.42 -20.89
N LYS E 140 21.35 8.57 -22.18
CA LYS E 140 22.23 7.69 -22.92
C LYS E 140 23.61 8.35 -23.09
N LEU E 141 24.56 7.56 -23.58
CA LEU E 141 25.92 8.02 -23.82
C LEU E 141 26.46 7.21 -24.99
N LEU E 142 27.20 7.86 -25.88
CA LEU E 142 27.77 7.14 -27.03
C LEU E 142 29.08 7.79 -27.46
N ARG E 143 30.18 7.07 -27.29
CA ARG E 143 31.51 7.53 -27.68
C ARG E 143 32.02 6.63 -28.80
N ILE E 144 32.86 7.20 -29.67
CA ILE E 144 33.41 6.46 -30.80
C ILE E 144 34.84 6.95 -31.08
N SER E 145 35.78 6.01 -31.16
CA SER E 145 37.18 6.30 -31.39
C SER E 145 37.59 5.97 -32.83
N LYS E 146 38.88 6.15 -33.12
CA LYS E 146 39.41 5.91 -34.45
C LYS E 146 39.45 4.42 -34.79
N ASN E 147 39.74 3.56 -33.81
CA ASN E 147 39.81 2.13 -34.07
C ASN E 147 38.42 1.50 -34.15
N GLY E 148 37.46 2.02 -33.41
CA GLY E 148 36.11 1.49 -33.38
C GLY E 148 35.64 1.05 -32.01
N ASN E 149 36.41 1.25 -30.95
CA ASN E 149 35.97 0.87 -29.62
C ASN E 149 34.97 1.92 -29.16
N VAL E 150 33.73 1.50 -28.94
CA VAL E 150 32.68 2.41 -28.54
C VAL E 150 32.39 2.30 -27.05
N LEU E 151 31.61 3.25 -26.54
CA LEU E 151 31.16 3.31 -25.17
C LEU E 151 29.66 3.51 -25.18
N TYR E 152 28.94 2.83 -24.28
CA TYR E 152 27.48 2.96 -24.25
C TYR E 152 27.02 2.66 -22.82
N SER E 153 26.71 3.72 -22.06
CA SER E 153 26.27 3.56 -20.69
C SER E 153 24.90 4.20 -20.53
N ILE E 154 23.97 3.47 -19.89
CA ILE E 154 22.61 3.93 -19.69
C ILE E 154 22.23 3.65 -18.24
N ARG E 155 21.78 4.68 -17.53
CA ARG E 155 21.38 4.45 -16.14
C ARG E 155 19.95 3.90 -16.14
N ILE E 156 19.77 2.75 -15.52
CA ILE E 156 18.49 2.06 -15.45
C ILE E 156 18.24 1.63 -14.02
N THR E 157 17.03 1.89 -13.52
CA THR E 157 16.68 1.52 -12.16
C THR E 157 16.12 0.11 -12.23
N LEU E 158 16.79 -0.83 -11.58
CA LEU E 158 16.41 -2.23 -11.57
C LEU E 158 15.87 -2.67 -10.21
N VAL E 159 14.84 -3.50 -10.26
CA VAL E 159 14.25 -4.12 -9.07
C VAL E 159 14.52 -5.60 -9.30
N LEU E 160 15.71 -6.02 -8.89
CA LEU E 160 16.18 -7.39 -9.05
C LEU E 160 15.70 -8.28 -7.91
N ALA E 161 15.23 -9.48 -8.27
CA ALA E 161 14.75 -10.44 -7.29
C ALA E 161 15.89 -11.38 -6.90
N CYS E 162 16.18 -11.47 -5.61
CA CYS E 162 17.24 -12.33 -5.12
C CYS E 162 16.67 -13.40 -4.19
N PRO E 163 17.00 -14.68 -4.39
CA PRO E 163 16.48 -15.76 -3.52
C PRO E 163 17.29 -15.94 -2.24
N MET E 164 17.12 -15.01 -1.31
CA MET E 164 17.84 -15.04 -0.05
C MET E 164 17.37 -16.20 0.83
N ASP E 165 18.34 -16.86 1.47
CA ASP E 165 18.08 -17.96 2.40
C ASP E 165 18.26 -17.38 3.79
N LEU E 166 17.25 -17.52 4.63
CA LEU E 166 17.28 -16.96 5.98
C LEU E 166 17.35 -18.07 7.02
N LYS E 167 18.48 -18.81 7.06
CA LYS E 167 18.58 -19.87 8.07
C LYS E 167 18.54 -19.34 9.50
N ASN E 168 19.27 -18.24 9.75
CA ASN E 168 19.28 -17.58 11.05
C ASN E 168 18.89 -16.11 10.86
N PHE E 169 17.77 -15.71 11.48
CA PHE E 169 17.44 -14.31 11.24
C PHE E 169 18.33 -13.16 11.75
N PRO E 170 18.87 -13.15 12.99
CA PRO E 170 19.68 -11.97 13.39
C PRO E 170 20.95 -11.71 12.57
N MET E 171 21.71 -12.76 12.27
CA MET E 171 22.94 -12.61 11.49
C MET E 171 22.64 -12.24 10.04
N ASP E 172 21.73 -13.03 9.44
CA ASP E 172 21.19 -12.90 8.08
C ASP E 172 22.26 -12.59 7.03
N VAL E 173 23.21 -13.52 6.87
CA VAL E 173 24.24 -13.36 5.86
C VAL E 173 23.54 -13.50 4.52
N GLN E 174 23.81 -12.60 3.58
CA GLN E 174 23.09 -12.68 2.31
C GLN E 174 24.00 -12.41 1.12
N THR E 175 23.58 -12.98 0.01
CA THR E 175 24.22 -12.85 -1.29
C THR E 175 23.16 -12.41 -2.30
N CYS E 176 23.48 -11.36 -3.05
CA CYS E 176 22.59 -10.79 -4.05
C CYS E 176 23.32 -10.87 -5.38
N ILE E 177 22.59 -11.24 -6.43
CA ILE E 177 23.15 -11.39 -7.77
C ILE E 177 22.33 -10.58 -8.77
N MET E 178 22.75 -10.73 -10.03
CA MET E 178 22.21 -10.10 -11.23
C MET E 178 22.89 -10.80 -12.40
N GLN E 179 22.11 -11.31 -13.34
CA GLN E 179 22.62 -12.07 -14.47
C GLN E 179 22.48 -11.37 -15.82
N LEU E 180 23.60 -10.82 -16.31
CA LEU E 180 23.63 -10.16 -17.60
C LEU E 180 23.65 -11.26 -18.65
N GLU E 181 22.67 -11.24 -19.56
CA GLU E 181 22.55 -12.31 -20.54
C GLU E 181 21.94 -11.76 -21.82
N SER E 182 22.41 -12.27 -22.96
CA SER E 182 21.90 -11.87 -24.28
C SER E 182 20.55 -12.53 -24.54
N PHE E 183 19.86 -12.05 -25.58
CA PHE E 183 18.54 -12.58 -25.92
C PHE E 183 18.37 -12.58 -27.44
N GLY E 184 18.74 -13.69 -28.06
CA GLY E 184 18.66 -13.83 -29.51
C GLY E 184 19.98 -14.05 -30.18
N TYR E 185 21.09 -14.00 -29.46
CA TYR E 185 22.43 -14.22 -29.99
C TYR E 185 23.05 -15.34 -29.18
N THR E 186 23.40 -16.43 -29.85
CA THR E 186 23.97 -17.60 -29.18
C THR E 186 25.43 -17.37 -28.76
N MET E 187 26.00 -18.43 -28.18
CA MET E 187 27.37 -18.42 -27.69
C MET E 187 28.39 -18.34 -28.83
N ASN E 188 28.05 -18.89 -29.99
CA ASN E 188 28.93 -18.84 -31.16
C ASN E 188 28.58 -17.68 -32.08
N ASP E 189 27.81 -16.73 -31.59
CA ASP E 189 27.37 -15.54 -32.32
C ASP E 189 27.73 -14.26 -31.58
N LEU E 190 27.60 -14.25 -30.25
CA LEU E 190 27.92 -13.09 -29.43
C LEU E 190 28.26 -13.61 -28.04
N ILE E 191 29.49 -13.34 -27.58
CA ILE E 191 29.95 -13.78 -26.26
C ILE E 191 30.33 -12.57 -25.42
N PHE E 192 29.74 -12.46 -24.22
CA PHE E 192 30.00 -11.37 -23.31
C PHE E 192 31.19 -11.69 -22.42
N GLU E 193 31.82 -10.65 -21.90
CA GLU E 193 32.98 -10.78 -21.00
C GLU E 193 32.97 -9.64 -20.00
N TRP E 194 33.77 -9.79 -18.95
CA TRP E 194 33.92 -8.75 -17.95
C TRP E 194 35.13 -7.89 -18.29
N ASP E 195 35.55 -7.05 -17.36
CA ASP E 195 36.69 -6.17 -17.51
C ASP E 195 37.77 -6.56 -16.51
N GLU E 196 38.98 -6.06 -16.72
CA GLU E 196 40.07 -6.37 -15.81
C GLU E 196 40.52 -5.18 -14.97
N LYS E 197 40.39 -3.96 -15.50
CA LYS E 197 40.75 -2.76 -14.74
C LYS E 197 39.48 -2.37 -14.00
N GLY E 198 39.29 -2.96 -12.81
CA GLY E 198 38.07 -2.66 -12.09
C GLY E 198 36.96 -3.59 -12.55
N ALA E 199 36.22 -4.20 -11.62
CA ALA E 199 35.16 -5.13 -11.99
C ALA E 199 33.78 -4.54 -11.73
N VAL E 200 33.45 -4.25 -10.48
CA VAL E 200 32.16 -3.66 -10.13
C VAL E 200 32.49 -2.47 -9.22
N GLN E 201 32.20 -1.27 -9.69
CA GLN E 201 32.46 -0.08 -8.91
C GLN E 201 31.24 0.36 -8.12
N VAL E 202 31.48 0.96 -6.96
CA VAL E 202 30.44 1.44 -6.07
C VAL E 202 30.61 2.95 -5.94
N ALA E 203 29.55 3.62 -5.47
CA ALA E 203 29.61 5.06 -5.31
C ALA E 203 30.39 5.40 -4.05
N ASP E 204 31.02 6.58 -4.07
CA ASP E 204 31.81 7.01 -2.92
C ASP E 204 30.90 7.45 -1.79
N GLY E 205 31.10 6.85 -0.61
CA GLY E 205 30.27 7.18 0.53
C GLY E 205 28.88 6.58 0.48
N LEU E 206 28.76 5.34 0.02
CA LEU E 206 27.47 4.68 -0.08
C LEU E 206 27.29 3.75 1.11
N THR E 207 26.35 4.09 1.99
CA THR E 207 26.04 3.31 3.17
C THR E 207 24.60 2.82 3.09
N LEU E 208 24.32 1.74 3.80
CA LEU E 208 22.97 1.20 3.85
C LEU E 208 22.50 1.17 5.29
N PRO E 209 21.22 1.41 5.56
CA PRO E 209 20.78 1.38 6.96
C PRO E 209 20.60 -0.03 7.49
N GLN E 210 20.18 -0.97 6.63
CA GLN E 210 19.99 -2.33 7.08
C GLN E 210 21.28 -3.14 7.07
N PHE E 211 22.00 -3.13 5.94
CA PHE E 211 23.21 -3.91 5.76
C PHE E 211 24.44 -3.03 5.58
N ILE E 212 25.56 -3.69 5.29
CA ILE E 212 26.85 -3.06 4.97
C ILE E 212 27.40 -3.81 3.79
N LEU E 213 28.04 -3.10 2.86
CA LEU E 213 28.57 -3.74 1.66
C LEU E 213 29.97 -4.30 1.87
N LYS E 214 30.17 -5.54 1.40
CA LYS E 214 31.46 -6.19 1.48
C LYS E 214 32.31 -5.75 0.30
N GLU E 215 33.58 -5.44 0.56
CA GLU E 215 34.46 -4.96 -0.50
C GLU E 215 35.19 -6.09 -1.24
N GLU E 216 34.68 -7.32 -1.21
CA GLU E 216 35.35 -8.40 -1.93
C GLU E 216 34.90 -8.45 -3.38
N LYS E 217 33.58 -8.34 -3.59
CA LYS E 217 32.89 -8.37 -4.89
C LYS E 217 33.19 -9.64 -5.69
N ASP E 218 32.71 -10.76 -5.16
CA ASP E 218 32.91 -12.06 -5.79
C ASP E 218 32.20 -12.12 -7.14
N LEU E 219 32.93 -12.50 -8.19
CA LEU E 219 32.33 -12.52 -9.51
C LEU E 219 32.91 -13.65 -10.36
N ARG E 220 32.03 -14.24 -11.16
CA ARG E 220 32.32 -15.35 -12.07
C ARG E 220 31.16 -15.41 -13.05
N TYR E 221 31.12 -16.42 -13.91
CA TYR E 221 30.00 -16.47 -14.84
C TYR E 221 29.55 -17.89 -15.13
N CYS E 222 28.23 -18.05 -15.19
CA CYS E 222 27.54 -19.29 -15.52
C CYS E 222 27.23 -19.29 -17.03
N THR E 223 26.31 -20.15 -17.46
CA THR E 223 25.89 -20.21 -18.84
C THR E 223 24.47 -20.77 -18.87
N LYS E 224 23.79 -20.61 -20.00
CA LYS E 224 22.43 -21.07 -20.16
C LYS E 224 22.32 -22.05 -21.32
N HIS E 225 21.48 -23.08 -21.14
CA HIS E 225 21.24 -24.10 -22.16
C HIS E 225 19.73 -24.28 -22.32
N TYR E 226 19.14 -23.59 -23.28
CA TYR E 226 17.71 -23.73 -23.53
C TYR E 226 17.52 -24.74 -24.66
N ASN E 227 16.30 -24.85 -25.18
CA ASN E 227 16.07 -25.80 -26.26
C ASN E 227 16.33 -25.19 -27.63
N THR E 228 16.73 -23.92 -27.70
CA THR E 228 17.00 -23.25 -28.95
C THR E 228 18.49 -23.06 -29.23
N GLY E 229 19.33 -23.16 -28.22
CA GLY E 229 20.75 -22.99 -28.40
C GLY E 229 21.44 -22.68 -27.08
N LYS E 230 22.74 -22.40 -27.18
CA LYS E 230 23.57 -22.08 -26.03
C LYS E 230 23.73 -20.57 -25.95
N PHE E 231 23.24 -19.97 -24.86
CA PHE E 231 23.31 -18.53 -24.65
C PHE E 231 24.24 -18.20 -23.49
N THR E 232 24.99 -17.12 -23.66
CA THR E 232 25.91 -16.66 -22.63
C THR E 232 25.15 -15.95 -21.53
N CYS E 233 25.69 -16.03 -20.31
CA CYS E 233 25.05 -15.40 -19.15
C CYS E 233 26.12 -15.06 -18.12
N ILE E 234 26.44 -13.78 -17.99
CA ILE E 234 27.48 -13.31 -17.08
C ILE E 234 26.81 -12.73 -15.85
N GLU E 235 27.34 -13.06 -14.66
CA GLU E 235 26.75 -12.57 -13.43
C GLU E 235 27.82 -12.01 -12.49
N ALA E 236 27.36 -11.49 -11.35
CA ALA E 236 28.19 -10.89 -10.32
C ALA E 236 27.46 -11.07 -8.99
N ARG E 237 28.20 -11.40 -7.94
CA ARG E 237 27.60 -11.62 -6.63
C ARG E 237 28.06 -10.59 -5.60
N PHE E 238 27.13 -10.15 -4.76
CA PHE E 238 27.42 -9.21 -3.69
C PHE E 238 27.27 -9.93 -2.37
N HIS E 239 27.78 -9.34 -1.28
CA HIS E 239 27.67 -9.97 0.03
C HIS E 239 27.21 -8.91 1.03
N LEU E 240 26.06 -9.12 1.66
CA LEU E 240 25.52 -8.15 2.60
C LEU E 240 25.25 -8.78 3.96
N GLU E 241 25.91 -8.27 5.01
CA GLU E 241 25.66 -8.78 6.35
C GLU E 241 24.92 -7.75 7.18
N ARG E 242 24.14 -8.22 8.14
CA ARG E 242 23.33 -7.36 9.00
C ARG E 242 24.10 -6.55 10.02
N GLN E 243 23.87 -5.24 10.01
CA GLN E 243 24.49 -4.34 10.97
C GLN E 243 23.62 -4.51 12.21
N MET E 244 24.11 -5.30 13.16
CA MET E 244 23.41 -5.60 14.40
C MET E 244 23.28 -4.40 15.32
N GLY E 245 22.19 -4.41 16.11
CA GLY E 245 21.85 -3.36 17.05
C GLY E 245 20.37 -3.01 17.03
N TYR E 246 19.66 -3.36 15.96
CA TYR E 246 18.22 -3.10 15.90
C TYR E 246 17.46 -4.20 16.63
N TYR E 247 17.72 -5.45 16.23
CA TYR E 247 17.09 -6.66 16.74
C TYR E 247 17.41 -6.92 18.21
N LEU E 248 18.48 -6.32 18.73
CA LEU E 248 18.86 -6.43 20.13
C LEU E 248 17.95 -5.64 21.06
N ILE E 249 17.45 -4.50 20.58
CA ILE E 249 16.54 -3.61 21.31
C ILE E 249 15.07 -3.97 21.06
N GLN E 250 14.73 -4.42 19.86
CA GLN E 250 13.35 -4.75 19.51
C GLN E 250 12.93 -6.11 20.09
N MET E 251 13.80 -7.13 20.04
CA MET E 251 13.46 -8.48 20.51
C MET E 251 14.28 -8.92 21.73
N TYR E 252 15.61 -8.91 21.69
CA TYR E 252 16.41 -9.44 22.81
C TYR E 252 16.22 -8.64 24.10
N ILE E 253 16.24 -7.30 24.08
CA ILE E 253 16.13 -6.54 25.33
C ILE E 253 14.77 -6.74 26.01
N PRO E 254 13.60 -6.67 25.31
CA PRO E 254 12.32 -6.88 26.04
C PRO E 254 12.15 -8.27 26.65
N SER E 255 12.61 -9.33 25.96
CA SER E 255 12.50 -10.71 26.45
C SER E 255 13.28 -10.89 27.76
N LEU E 256 14.45 -10.22 27.86
CA LEU E 256 15.22 -10.34 29.08
C LEU E 256 14.41 -9.75 30.22
N LEU E 257 13.73 -8.61 29.96
CA LEU E 257 12.94 -7.93 30.98
C LEU E 257 11.68 -8.73 31.38
N ILE E 258 11.53 -9.93 30.81
CA ILE E 258 10.42 -10.83 31.07
C ILE E 258 10.89 -11.98 31.94
N VAL E 259 12.11 -12.44 31.66
CA VAL E 259 12.66 -13.47 32.54
C VAL E 259 13.04 -12.85 33.89
N ILE E 260 13.44 -11.57 33.90
CA ILE E 260 13.71 -10.92 35.19
C ILE E 260 12.40 -10.77 35.95
N LEU E 261 11.31 -10.55 35.22
CA LEU E 261 9.96 -10.46 35.79
C LEU E 261 9.53 -11.78 36.40
N SER E 262 9.91 -12.90 35.77
CA SER E 262 9.58 -14.19 36.37
C SER E 262 10.47 -14.47 37.57
N TRP E 263 11.68 -13.89 37.61
CA TRP E 263 12.49 -14.11 38.80
C TRP E 263 11.99 -13.22 39.92
N VAL E 264 11.32 -12.13 39.55
CA VAL E 264 10.67 -11.25 40.52
C VAL E 264 9.51 -12.02 41.13
N SER E 265 8.80 -12.78 40.28
CA SER E 265 7.74 -13.63 40.81
C SER E 265 8.32 -14.71 41.71
N PHE E 266 9.56 -15.14 41.45
CA PHE E 266 10.14 -16.08 42.39
C PHE E 266 10.49 -15.44 43.74
N TRP E 267 10.81 -14.14 43.77
CA TRP E 267 11.11 -13.44 45.04
C TRP E 267 9.87 -12.80 45.70
N ILE E 268 8.80 -13.55 45.85
CA ILE E 268 7.54 -13.08 46.45
C ILE E 268 6.98 -14.17 47.38
N ASN E 269 6.13 -13.76 48.33
CA ASN E 269 5.52 -14.68 49.30
C ASN E 269 4.53 -15.65 48.67
N MET E 270 4.68 -16.94 49.07
CA MET E 270 3.83 -18.03 48.59
C MET E 270 2.38 -17.98 49.06
N ASP E 271 2.10 -17.36 50.22
CA ASP E 271 0.74 -17.36 50.75
C ASP E 271 -0.25 -16.67 49.80
N ALA E 272 0.16 -15.56 49.22
CA ALA E 272 -0.62 -14.77 48.28
C ALA E 272 -0.81 -15.51 46.95
N ALA E 273 -2.04 -15.87 46.64
CA ALA E 273 -2.44 -16.60 45.44
C ALA E 273 -2.74 -15.64 44.27
N PRO E 274 -3.64 -14.54 44.41
CA PRO E 274 -3.94 -13.65 43.27
C PRO E 274 -2.78 -13.08 42.45
N ALA E 275 -1.98 -12.23 43.13
CA ALA E 275 -0.82 -11.53 42.59
C ALA E 275 0.11 -12.42 41.76
N ARG E 276 0.68 -13.46 42.38
CA ARG E 276 1.60 -14.39 41.70
C ARG E 276 1.03 -14.92 40.40
N VAL E 277 -0.16 -15.53 40.50
CA VAL E 277 -0.86 -16.14 39.37
C VAL E 277 -0.91 -15.09 38.25
N GLY E 278 -1.44 -13.90 38.56
CA GLY E 278 -1.56 -12.82 37.57
C GLY E 278 -0.22 -12.51 36.92
N LEU E 279 0.84 -12.41 37.73
CA LEU E 279 2.20 -12.08 37.24
C LEU E 279 2.71 -13.12 36.26
N GLY E 280 2.50 -14.41 36.60
CA GLY E 280 2.94 -15.50 35.76
C GLY E 280 2.24 -15.48 34.42
N ILE E 281 0.92 -15.30 34.48
CA ILE E 281 0.05 -15.28 33.31
C ILE E 281 0.42 -14.12 32.41
N THR E 282 0.61 -12.93 33.00
CA THR E 282 0.91 -11.72 32.25
C THR E 282 2.22 -11.86 31.49
N THR E 283 3.23 -12.42 32.15
CA THR E 283 4.55 -12.61 31.54
C THR E 283 4.45 -13.54 30.34
N VAL E 284 3.68 -14.63 30.50
CA VAL E 284 3.49 -15.62 29.44
C VAL E 284 2.79 -14.97 28.25
N LEU E 285 1.76 -14.17 28.53
CA LEU E 285 0.99 -13.50 27.47
C LEU E 285 1.86 -12.53 26.68
N THR E 286 2.69 -11.75 27.37
CA THR E 286 3.57 -10.79 26.71
C THR E 286 4.55 -11.53 25.81
N MET E 287 5.07 -12.65 26.30
CA MET E 287 6.03 -13.43 25.54
C MET E 287 5.39 -13.91 24.24
N THR E 288 4.11 -14.35 24.32
CA THR E 288 3.42 -14.82 23.13
C THR E 288 3.18 -13.66 22.15
N THR E 289 2.60 -12.55 22.62
CA THR E 289 2.32 -11.39 21.75
C THR E 289 3.60 -10.95 21.05
N GLN E 290 4.66 -10.69 21.84
CA GLN E 290 5.97 -10.27 21.34
C GLN E 290 6.45 -11.21 20.25
N SER E 291 6.51 -12.52 20.59
CA SER E 291 6.94 -13.57 19.69
C SER E 291 6.22 -13.45 18.36
N SER E 292 4.88 -13.41 18.41
CA SER E 292 4.04 -13.30 17.23
C SER E 292 4.51 -12.12 16.40
N GLY E 293 4.39 -10.91 16.96
CA GLY E 293 4.75 -9.65 16.34
C GLY E 293 6.15 -9.56 15.74
N SER E 294 7.05 -10.45 16.20
CA SER E 294 8.44 -10.47 15.77
C SER E 294 8.58 -11.09 14.37
N ARG E 295 7.66 -11.97 14.00
CA ARG E 295 7.64 -12.66 12.72
C ARG E 295 6.76 -11.95 11.69
N ALA E 296 6.11 -10.84 12.09
CA ALA E 296 5.22 -10.11 11.19
C ALA E 296 5.98 -9.53 10.00
N SER E 297 7.16 -8.94 10.25
CA SER E 297 7.94 -8.35 9.17
C SER E 297 8.39 -9.42 8.19
N LEU E 298 8.82 -10.57 8.71
CA LEU E 298 9.30 -11.68 7.89
C LEU E 298 8.20 -12.31 7.04
N PRO E 299 8.53 -12.75 5.83
CA PRO E 299 7.52 -13.38 4.98
C PRO E 299 7.30 -14.81 5.46
N LYS E 300 6.16 -15.39 5.06
CA LYS E 300 5.81 -16.77 5.43
C LYS E 300 6.91 -17.75 5.04
N VAL E 301 7.50 -18.43 6.03
CA VAL E 301 8.56 -19.40 5.79
C VAL E 301 8.24 -20.67 6.58
N SER E 302 8.80 -21.79 6.13
CA SER E 302 8.52 -23.07 6.79
C SER E 302 9.58 -23.46 7.81
N TYR E 303 10.86 -23.35 7.45
CA TYR E 303 11.95 -23.76 8.33
C TYR E 303 12.04 -22.85 9.55
N VAL E 304 12.23 -23.47 10.73
CA VAL E 304 12.32 -22.71 11.97
C VAL E 304 13.55 -21.79 11.95
N LYS E 305 13.38 -20.58 12.45
CA LYS E 305 14.41 -19.56 12.50
C LYS E 305 15.11 -19.51 13.85
N ALA E 306 16.24 -18.80 13.89
CA ALA E 306 17.02 -18.68 15.13
C ALA E 306 16.21 -17.93 16.19
N ILE E 307 15.51 -16.88 15.76
CA ILE E 307 14.71 -16.05 16.65
C ILE E 307 13.61 -16.89 17.28
N ASP E 308 13.00 -17.78 16.48
CA ASP E 308 11.94 -18.64 17.00
C ASP E 308 12.47 -19.51 18.13
N ILE E 309 13.70 -20.03 17.96
CA ILE E 309 14.33 -20.89 18.96
C ILE E 309 14.51 -20.11 20.26
N TRP E 310 14.96 -18.84 20.13
CA TRP E 310 15.17 -17.99 21.31
C TRP E 310 13.85 -17.72 22.02
N MET E 311 12.81 -17.42 21.23
CA MET E 311 11.49 -17.13 21.80
C MET E 311 10.94 -18.35 22.51
N ALA E 312 11.11 -19.53 21.90
CA ALA E 312 10.60 -20.77 22.48
C ALA E 312 11.29 -21.05 23.81
N VAL E 313 12.62 -20.86 23.87
CA VAL E 313 13.38 -21.11 25.09
C VAL E 313 12.91 -20.18 26.21
N CYS E 314 12.72 -18.88 25.88
CA CYS E 314 12.28 -17.91 26.89
C CYS E 314 10.88 -18.27 27.37
N LEU E 315 9.98 -18.55 26.41
CA LEU E 315 8.61 -18.91 26.70
C LEU E 315 8.60 -20.13 27.63
N LEU E 316 9.48 -21.10 27.36
CA LEU E 316 9.58 -22.31 28.18
C LEU E 316 9.98 -21.93 29.61
N PHE E 317 10.93 -21.00 29.75
CA PHE E 317 11.39 -20.62 31.10
C PHE E 317 10.25 -19.97 31.90
N VAL E 318 9.52 -19.04 31.27
CA VAL E 318 8.42 -18.37 31.96
C VAL E 318 7.28 -19.37 32.26
N PHE E 319 6.99 -20.28 31.30
CA PHE E 319 5.94 -21.27 31.47
C PHE E 319 6.32 -22.20 32.62
N SER E 320 7.60 -22.57 32.68
CA SER E 320 8.13 -23.46 33.71
C SER E 320 7.98 -22.81 35.07
N ALA E 321 8.21 -21.49 35.15
CA ALA E 321 8.09 -20.75 36.41
C ALA E 321 6.65 -20.87 36.91
N LEU E 322 5.71 -20.67 35.99
CA LEU E 322 4.27 -20.75 36.28
C LEU E 322 3.94 -22.15 36.80
N LEU E 323 4.46 -23.17 36.12
CA LEU E 323 4.25 -24.59 36.47
C LEU E 323 4.83 -24.86 37.86
N GLU E 324 6.00 -24.28 38.15
CA GLU E 324 6.67 -24.46 39.44
C GLU E 324 5.74 -23.91 40.52
N TYR E 325 5.14 -22.74 40.25
CA TYR E 325 4.23 -22.16 41.24
C TYR E 325 3.02 -23.05 41.45
N ALA E 326 2.48 -23.61 40.38
CA ALA E 326 1.30 -24.47 40.54
C ALA E 326 1.65 -25.67 41.43
N ALA E 327 2.84 -26.26 41.21
CA ALA E 327 3.25 -27.40 42.03
C ALA E 327 3.39 -27.02 43.51
N VAL E 328 3.99 -25.85 43.79
CA VAL E 328 4.15 -25.38 45.18
C VAL E 328 2.79 -25.16 45.83
N ASN E 329 1.90 -24.49 45.09
CA ASN E 329 0.54 -24.17 45.55
C ASN E 329 -0.16 -25.47 45.92
N PHE E 330 -0.02 -26.49 45.07
CA PHE E 330 -0.66 -27.79 45.29
C PHE E 330 -0.13 -28.43 46.57
N ILE E 331 1.20 -28.35 46.79
CA ILE E 331 1.83 -28.92 47.98
C ILE E 331 1.30 -28.23 49.24
N ALA E 332 1.22 -26.90 49.18
CA ALA E 332 0.72 -26.11 50.31
C ALA E 332 -0.74 -26.47 50.58
N ARG E 333 -1.53 -26.61 49.51
CA ARG E 333 -2.94 -26.94 49.63
C ARG E 333 -3.09 -28.31 50.30
N GLN E 334 -2.23 -29.25 49.92
CA GLN E 334 -2.28 -30.60 50.48
C GLN E 334 -2.04 -30.52 51.97
N HIS E 335 -1.10 -29.65 52.36
CA HIS E 335 -0.77 -29.46 53.77
C HIS E 335 -2.00 -28.89 54.49
N LYS E 336 -2.69 -27.93 53.84
CA LYS E 336 -3.87 -27.27 54.43
C LYS E 336 -5.00 -28.27 54.66
N GLU E 337 -5.25 -29.13 53.66
CA GLU E 337 -6.30 -30.14 53.72
C GLU E 337 -6.01 -31.17 54.80
N LEU E 338 -4.74 -31.54 54.97
CA LEU E 338 -4.39 -32.52 55.97
C LEU E 338 -4.15 -31.93 57.36
N LEU E 339 -4.17 -30.60 57.51
CA LEU E 339 -3.94 -29.97 58.84
C LEU E 339 -5.04 -30.38 59.82
N GLU E 397 1.73 -33.01 62.28
CA GLU E 397 2.71 -32.18 62.98
C GLU E 397 4.06 -32.20 62.27
N GLU E 398 4.72 -33.37 62.33
CA GLU E 398 6.02 -33.53 61.68
C GLU E 398 5.87 -33.50 60.16
N MET E 399 4.74 -33.98 59.65
CA MET E 399 4.55 -33.92 58.21
C MET E 399 4.16 -32.50 57.81
N ARG E 400 3.53 -31.76 58.74
CA ARG E 400 3.13 -30.39 58.48
C ARG E 400 4.39 -29.55 58.24
N LYS E 401 5.33 -29.66 59.20
CA LYS E 401 6.61 -28.94 59.11
C LYS E 401 7.38 -29.40 57.88
N LEU E 402 7.34 -30.71 57.60
CA LEU E 402 8.06 -31.26 56.46
C LEU E 402 7.52 -30.65 55.16
N PHE E 403 6.19 -30.54 55.02
CA PHE E 403 5.57 -29.96 53.83
C PHE E 403 5.95 -28.48 53.69
N ILE E 404 5.92 -27.73 54.79
CA ILE E 404 6.28 -26.30 54.76
C ILE E 404 7.75 -26.15 54.36
N SER E 405 8.61 -27.02 54.93
CA SER E 405 10.03 -27.03 54.65
C SER E 405 10.27 -27.35 53.18
N ARG E 406 9.52 -28.32 52.65
CA ARG E 406 9.63 -28.72 51.26
C ARG E 406 9.26 -27.56 50.34
N ALA E 407 8.20 -26.82 50.69
CA ALA E 407 7.76 -25.68 49.90
C ALA E 407 8.85 -24.60 49.87
N LYS E 408 9.45 -24.36 51.04
CA LYS E 408 10.54 -23.38 51.14
C LYS E 408 11.75 -23.84 50.34
N ARG E 409 12.09 -25.14 50.43
CA ARG E 409 13.24 -25.71 49.74
C ARG E 409 13.06 -25.64 48.23
N ILE E 410 11.88 -26.01 47.73
CA ILE E 410 11.64 -25.98 46.28
C ILE E 410 11.71 -24.54 45.78
N ASP E 411 11.12 -23.58 46.53
CA ASP E 411 11.14 -22.18 46.10
C ASP E 411 12.57 -21.64 46.06
N THR E 412 13.38 -21.91 47.11
CA THR E 412 14.76 -21.42 47.16
C THR E 412 15.62 -22.07 46.08
N VAL E 413 15.43 -23.38 45.82
CA VAL E 413 16.24 -24.07 44.83
C VAL E 413 15.80 -23.65 43.43
N SER E 414 14.56 -23.20 43.27
CA SER E 414 14.10 -22.75 41.95
C SER E 414 14.64 -21.35 41.70
N ARG E 415 14.73 -20.55 42.78
CA ARG E 415 15.29 -19.20 42.70
C ARG E 415 16.78 -19.24 42.41
N VAL E 416 17.47 -20.29 42.86
CA VAL E 416 18.89 -20.43 42.57
C VAL E 416 19.12 -21.05 41.20
N ALA E 417 18.41 -22.15 40.92
CA ALA E 417 18.57 -22.94 39.69
C ALA E 417 18.15 -22.19 38.42
N PHE E 418 17.10 -21.37 38.48
CA PHE E 418 16.65 -20.65 37.27
C PHE E 418 17.62 -19.65 36.62
N PRO E 419 18.37 -18.79 37.33
CA PRO E 419 19.29 -17.92 36.58
C PRO E 419 20.55 -18.59 36.06
N LEU E 420 20.98 -19.72 36.64
CA LEU E 420 22.18 -20.38 36.11
C LEU E 420 21.89 -21.12 34.81
N VAL E 421 20.71 -21.73 34.69
CA VAL E 421 20.34 -22.42 33.45
C VAL E 421 20.11 -21.42 32.33
N PHE E 422 19.51 -20.28 32.65
CA PHE E 422 19.30 -19.23 31.65
C PHE E 422 20.62 -18.58 31.26
N LEU E 423 21.55 -18.44 32.19
CA LEU E 423 22.85 -17.86 31.88
C LEU E 423 23.69 -18.81 31.03
N ILE E 424 23.64 -20.12 31.31
CA ILE E 424 24.40 -21.04 30.48
C ILE E 424 23.72 -21.22 29.13
N PHE E 425 22.41 -21.00 29.03
CA PHE E 425 21.77 -21.05 27.72
C PHE E 425 22.19 -19.83 26.91
N ASN E 426 22.27 -18.67 27.56
CA ASN E 426 22.68 -17.44 26.88
C ASN E 426 24.11 -17.56 26.38
N ILE E 427 25.00 -18.12 27.19
CA ILE E 427 26.40 -18.33 26.80
C ILE E 427 26.51 -19.34 25.65
N PHE E 428 25.81 -20.47 25.75
CA PHE E 428 25.82 -21.47 24.68
C PHE E 428 25.21 -20.96 23.38
N TYR E 429 24.11 -20.21 23.48
CA TYR E 429 23.43 -19.64 22.31
C TYR E 429 24.31 -18.61 21.61
N TRP E 430 24.86 -17.66 22.36
CA TRP E 430 25.71 -16.66 21.70
C TRP E 430 27.05 -17.23 21.26
N ILE E 431 27.58 -18.28 21.92
CA ILE E 431 28.84 -18.79 21.41
C ILE E 431 28.63 -19.66 20.18
N THR E 432 27.47 -20.33 20.03
CA THR E 432 27.28 -21.12 18.83
C THR E 432 26.89 -20.22 17.67
N TYR E 433 26.26 -19.08 17.96
CA TYR E 433 25.93 -18.20 16.85
C TYR E 433 27.11 -17.32 16.47
N LYS E 434 28.04 -17.04 17.39
CA LYS E 434 29.21 -16.29 16.96
C LYS E 434 30.18 -17.19 16.22
N ILE E 435 30.22 -18.48 16.54
CA ILE E 435 31.09 -19.34 15.73
C ILE E 435 30.42 -19.64 14.39
N ILE E 436 29.08 -19.63 14.31
CA ILE E 436 28.50 -19.85 12.99
C ILE E 436 28.51 -18.55 12.20
N ARG E 437 28.65 -17.40 12.86
CA ARG E 437 28.76 -16.13 12.17
C ARG E 437 30.16 -16.00 11.60
N SER E 438 31.13 -16.59 12.30
CA SER E 438 32.49 -16.57 11.79
C SER E 438 32.66 -17.61 10.69
N GLU E 439 31.90 -18.72 10.76
CA GLU E 439 32.02 -19.78 9.78
C GLU E 439 31.28 -19.51 8.48
N ASP E 440 30.15 -18.79 8.49
CA ASP E 440 29.48 -18.57 7.20
C ASP E 440 30.14 -17.44 6.39
#